data_4P6X
#
_entry.id   4P6X
#
_cell.length_a   220.824
_cell.length_b   220.824
_cell.length_c   74.198
_cell.angle_alpha   90.000
_cell.angle_beta   90.000
_cell.angle_gamma   120.000
#
_symmetry.space_group_name_H-M   'P 61'
#
loop_
_entity.id
_entity.type
_entity.pdbx_description
1 polymer 'Glucocorticoid receptor'
2 polymer 'Nuclear receptor coactivator 2'
3 non-polymer (11alpha,14beta)-11,17,21-trihydroxypregn-4-ene-3,20-dione
4 water water
#
loop_
_entity_poly.entity_id
_entity_poly.type
_entity_poly.pdbx_seq_one_letter_code
_entity_poly.pdbx_strand_id
1 'polypeptide(L)'
;ATLPQLTPTLVSLLEVIEPEVLYAGYDSSVPDSTWRIMTTLNMLGGRQVIAAVKWAKAIPGFRNLHLDDQMTLLQYSWMA
LMAFALGWRSYRQSSANLLYFAPDLIINEQRMTLPCMYDQCKHMLYVSSELHRLQVSYEEYLCMKVLLLLSTIPKDGLKS
QALFDAIRMTYIKELGKAIVKREGNSSQNWQRFYQLTKLLDSMHEVVENLLNYCFQTFLDKTMSIEFPEMLAEIITNQIP
KYSNGNIKKLLFHQK
;
A,C,E,G,I,K
2 'polypeptide(L)' KENALLRYLLDKDD B,D,F,H,J,L
#
loop_
_chem_comp.id
_chem_comp.type
_chem_comp.name
_chem_comp.formula
HCY non-polymer (11alpha,14beta)-11,17,21-trihydroxypregn-4-ene-3,20-dione 'C21 H30 O5'
#
# COMPACT_ATOMS: atom_id res chain seq x y z
N PRO A 4 -10.99 -34.58 20.43
CA PRO A 4 -10.01 -35.26 21.31
C PRO A 4 -10.04 -36.79 21.20
N GLN A 5 -10.65 -37.47 22.17
CA GLN A 5 -10.81 -38.92 22.09
C GLN A 5 -11.78 -39.25 20.96
N LEU A 6 -12.99 -38.71 21.08
CA LEU A 6 -14.07 -38.80 20.10
C LEU A 6 -13.55 -38.92 18.69
N THR A 7 -12.66 -38.01 18.32
CA THR A 7 -12.07 -38.06 17.01
C THR A 7 -10.52 -38.19 17.17
N PRO A 8 -9.71 -37.13 16.87
CA PRO A 8 -8.32 -37.42 17.23
C PRO A 8 -7.55 -36.16 17.60
N THR A 9 -6.55 -36.33 18.45
CA THR A 9 -5.57 -35.28 18.51
C THR A 9 -4.45 -35.71 17.59
N LEU A 10 -3.82 -34.77 16.91
CA LEU A 10 -2.74 -35.15 16.04
C LEU A 10 -1.51 -35.46 16.89
N VAL A 11 -1.40 -34.81 18.03
CA VAL A 11 -0.24 -35.00 18.90
C VAL A 11 -0.25 -36.37 19.59
N SER A 12 -1.44 -36.98 19.72
CA SER A 12 -1.52 -38.32 20.28
C SER A 12 -1.24 -39.35 19.20
N LEU A 13 -1.85 -39.12 18.03
CA LEU A 13 -1.65 -39.98 16.87
C LEU A 13 -0.18 -39.93 16.44
N LEU A 14 0.55 -38.91 16.88
CA LEU A 14 1.98 -38.78 16.61
C LEU A 14 2.80 -39.54 17.62
N GLU A 15 2.53 -39.30 18.90
CA GLU A 15 3.31 -39.89 19.99
C GLU A 15 3.41 -41.41 19.92
N VAL A 16 2.58 -42.00 19.08
CA VAL A 16 2.51 -43.45 18.99
C VAL A 16 2.96 -43.93 17.59
N ILE A 17 3.29 -42.99 16.71
CA ILE A 17 4.01 -43.34 15.48
C ILE A 17 5.49 -43.06 15.70
N GLU A 18 5.78 -42.44 16.84
CA GLU A 18 7.15 -42.03 17.18
C GLU A 18 8.08 -43.21 17.35
N PRO A 19 9.10 -43.31 16.49
CA PRO A 19 10.03 -44.43 16.45
C PRO A 19 10.78 -44.63 17.76
N GLU A 20 10.84 -45.88 18.21
CA GLU A 20 11.67 -46.25 19.35
C GLU A 20 13.12 -46.12 18.93
N VAL A 21 14.02 -46.02 19.91
CA VAL A 21 15.44 -45.89 19.61
C VAL A 21 15.95 -47.11 18.84
N LEU A 22 16.89 -46.87 17.93
CA LEU A 22 17.60 -47.95 17.27
C LEU A 22 18.95 -48.13 17.95
N TYR A 23 19.42 -49.37 18.01
CA TYR A 23 20.71 -49.64 18.60
C TYR A 23 21.84 -49.48 17.58
N ALA A 24 22.80 -48.60 17.88
CA ALA A 24 23.93 -48.32 16.98
C ALA A 24 24.68 -49.59 16.54
N GLY A 25 24.66 -50.62 17.39
CA GLY A 25 25.41 -51.84 17.10
C GLY A 25 26.90 -51.62 17.25
N TYR A 26 27.26 -50.79 18.22
CA TYR A 26 28.65 -50.40 18.45
C TYR A 26 29.37 -51.40 19.34
N ASP A 27 30.60 -51.74 18.96
CA ASP A 27 31.44 -52.62 19.77
C ASP A 27 32.49 -51.78 20.50
N SER A 28 32.32 -51.64 21.82
CA SER A 28 33.22 -50.82 22.61
C SER A 28 34.32 -51.64 23.27
N SER A 29 34.38 -52.92 22.93
CA SER A 29 35.45 -53.80 23.41
C SER A 29 36.79 -53.41 22.81
N VAL A 30 36.77 -52.37 21.98
CA VAL A 30 37.92 -51.88 21.24
C VAL A 30 38.00 -50.37 21.49
N PRO A 31 39.22 -49.78 21.46
CA PRO A 31 39.35 -48.34 21.67
C PRO A 31 38.45 -47.51 20.76
N ASP A 32 38.11 -46.30 21.20
CA ASP A 32 37.30 -45.39 20.40
C ASP A 32 38.19 -44.53 19.51
N SER A 33 37.65 -44.10 18.38
CA SER A 33 38.39 -43.22 17.48
C SER A 33 37.43 -42.32 16.71
N THR A 34 37.90 -41.15 16.33
CA THR A 34 37.11 -40.22 15.52
C THR A 34 36.40 -40.93 14.38
N TRP A 35 37.17 -41.51 13.46
CA TRP A 35 36.63 -42.22 12.31
C TRP A 35 35.61 -43.29 12.70
N ARG A 36 35.99 -44.15 13.66
CA ARG A 36 35.16 -45.30 14.00
C ARG A 36 33.81 -44.88 14.57
N ILE A 37 33.76 -43.70 15.16
CA ILE A 37 32.51 -43.19 15.72
C ILE A 37 31.62 -42.60 14.64
N MET A 38 32.12 -41.57 13.95
CA MET A 38 31.40 -40.91 12.88
C MET A 38 30.83 -41.92 11.89
N THR A 39 31.68 -42.85 11.45
CA THR A 39 31.26 -43.89 10.53
C THR A 39 30.10 -44.71 11.10
N THR A 40 30.19 -45.05 12.38
CA THR A 40 29.13 -45.80 13.04
C THR A 40 27.85 -44.97 13.10
N LEU A 41 27.99 -43.69 13.39
CA LEU A 41 26.85 -42.79 13.47
C LEU A 41 26.15 -42.65 12.12
N ASN A 42 26.94 -42.44 11.06
CA ASN A 42 26.41 -42.42 9.70
C ASN A 42 25.60 -43.68 9.42
N MET A 43 26.16 -44.82 9.79
CA MET A 43 25.48 -46.11 9.63
C MET A 43 24.18 -46.10 10.41
N LEU A 44 24.26 -45.60 11.64
CA LEU A 44 23.09 -45.42 12.49
C LEU A 44 22.11 -44.49 11.80
N GLY A 45 22.64 -43.35 11.34
CA GLY A 45 21.83 -42.36 10.65
C GLY A 45 21.03 -42.92 9.50
N GLY A 46 21.66 -43.78 8.71
CA GLY A 46 20.99 -44.41 7.59
C GLY A 46 19.76 -45.18 8.03
N ARG A 47 19.88 -45.89 9.15
CA ARG A 47 18.78 -46.68 9.67
C ARG A 47 17.70 -45.80 10.28
N GLN A 48 18.11 -44.75 10.98
CA GLN A 48 17.15 -43.80 11.55
C GLN A 48 16.32 -43.14 10.46
N VAL A 49 16.96 -42.79 9.35
CA VAL A 49 16.27 -42.12 8.24
C VAL A 49 15.22 -43.06 7.63
N ILE A 50 15.52 -44.35 7.60
CA ILE A 50 14.58 -45.34 7.12
C ILE A 50 13.44 -45.46 8.13
N ALA A 51 13.80 -45.37 9.41
CA ALA A 51 12.82 -45.34 10.48
C ALA A 51 12.09 -43.99 10.50
N ALA A 52 12.51 -43.07 9.63
CA ALA A 52 11.85 -41.77 9.56
C ALA A 52 10.93 -41.72 8.34
N VAL A 53 11.35 -42.39 7.27
CA VAL A 53 10.58 -42.49 6.04
C VAL A 53 9.19 -43.05 6.33
N LYS A 54 9.14 -44.06 7.19
CA LYS A 54 7.86 -44.63 7.64
C LYS A 54 7.06 -43.56 8.40
N TRP A 55 7.62 -43.10 9.50
CA TRP A 55 7.08 -42.01 10.31
C TRP A 55 6.42 -40.95 9.42
N ALA A 56 7.19 -40.43 8.47
CA ALA A 56 6.70 -39.42 7.54
C ALA A 56 5.39 -39.84 6.86
N LYS A 57 5.34 -41.03 6.28
CA LYS A 57 4.14 -41.48 5.60
C LYS A 57 3.00 -41.74 6.61
N ALA A 58 3.37 -42.07 7.84
CA ALA A 58 2.39 -42.34 8.88
C ALA A 58 2.00 -41.05 9.61
N ILE A 59 2.49 -39.93 9.13
CA ILE A 59 2.09 -38.63 9.64
C ILE A 59 0.80 -38.21 8.96
N PRO A 60 -0.30 -38.14 9.74
CA PRO A 60 -1.62 -37.81 9.21
C PRO A 60 -1.57 -36.58 8.32
N GLY A 61 -1.82 -36.78 7.02
CA GLY A 61 -1.80 -35.71 6.05
C GLY A 61 -0.64 -35.79 5.09
N PHE A 62 0.45 -36.42 5.49
CA PHE A 62 1.66 -36.44 4.69
C PHE A 62 1.51 -37.21 3.38
N ARG A 63 0.95 -38.43 3.45
CA ARG A 63 0.84 -39.30 2.28
C ARG A 63 -0.03 -38.72 1.15
N ASN A 64 -0.58 -37.53 1.36
CA ASN A 64 -1.51 -36.94 0.41
C ASN A 64 -0.86 -35.91 -0.51
N LEU A 65 0.42 -35.64 -0.28
CA LEU A 65 1.16 -34.69 -1.10
C LEU A 65 1.64 -35.36 -2.38
N HIS A 66 2.18 -34.56 -3.29
CA HIS A 66 2.76 -35.09 -4.52
C HIS A 66 3.99 -35.92 -4.18
N LEU A 67 4.10 -37.10 -4.78
CA LEU A 67 5.22 -38.01 -4.56
C LEU A 67 6.55 -37.26 -4.52
N ASP A 68 6.80 -36.47 -5.56
CA ASP A 68 8.03 -35.67 -5.65
C ASP A 68 8.17 -34.67 -4.50
N ASP A 69 7.05 -34.33 -3.86
CA ASP A 69 7.07 -33.43 -2.71
C ASP A 69 7.46 -34.16 -1.44
N GLN A 70 6.77 -35.28 -1.19
CA GLN A 70 6.94 -36.07 0.03
C GLN A 70 8.37 -36.53 0.24
N MET A 71 9.14 -36.56 -0.84
CA MET A 71 10.50 -37.05 -0.78
C MET A 71 11.45 -35.87 -0.82
N THR A 72 10.98 -34.80 -1.45
CA THR A 72 11.71 -33.54 -1.40
C THR A 72 11.78 -33.05 0.05
N LEU A 73 10.69 -33.22 0.77
CA LEU A 73 10.62 -32.83 2.18
C LEU A 73 11.60 -33.65 3.02
N LEU A 74 11.52 -34.97 2.91
CA LEU A 74 12.43 -35.85 3.64
C LEU A 74 13.88 -35.58 3.28
N GLN A 75 14.13 -35.30 2.00
CA GLN A 75 15.49 -35.01 1.52
C GLN A 75 16.04 -33.71 2.09
N TYR A 76 15.19 -32.70 2.23
CA TYR A 76 15.64 -31.42 2.75
C TYR A 76 15.84 -31.44 4.26
N SER A 77 15.03 -32.21 4.96
CA SER A 77 14.93 -32.06 6.40
C SER A 77 15.40 -33.26 7.23
N TRP A 78 15.91 -34.30 6.57
CA TRP A 78 16.35 -35.49 7.30
C TRP A 78 17.35 -35.13 8.39
N MET A 79 18.26 -34.20 8.09
CA MET A 79 19.22 -33.74 9.08
C MET A 79 18.51 -33.04 10.24
N ALA A 80 17.55 -32.18 9.92
CA ALA A 80 16.76 -31.49 10.93
C ALA A 80 16.07 -32.48 11.85
N LEU A 81 15.49 -33.53 11.26
CA LEU A 81 14.81 -34.55 12.04
C LEU A 81 15.78 -35.28 12.95
N MET A 82 16.90 -35.72 12.38
CA MET A 82 17.90 -36.45 13.14
C MET A 82 18.51 -35.63 14.26
N ALA A 83 18.89 -34.39 13.94
CA ALA A 83 19.51 -33.51 14.93
C ALA A 83 18.55 -33.18 16.07
N PHE A 84 17.32 -32.83 15.73
CA PHE A 84 16.31 -32.47 16.72
C PHE A 84 16.00 -33.64 17.64
N ALA A 85 15.78 -34.82 17.06
CA ALA A 85 15.50 -36.02 17.84
C ALA A 85 16.70 -36.40 18.68
N LEU A 86 17.88 -35.96 18.25
CA LEU A 86 19.11 -36.18 19.00
C LEU A 86 18.98 -35.51 20.36
N GLY A 87 18.66 -34.22 20.33
CA GLY A 87 18.42 -33.46 21.54
C GLY A 87 17.47 -34.16 22.48
N TRP A 88 16.28 -34.50 21.96
CA TRP A 88 15.25 -35.11 22.79
C TRP A 88 15.74 -36.35 23.53
N ARG A 89 16.51 -37.20 22.86
CA ARG A 89 17.03 -38.39 23.50
C ARG A 89 18.03 -38.01 24.58
N SER A 90 18.94 -37.09 24.26
CA SER A 90 19.93 -36.62 25.21
C SER A 90 19.22 -36.06 26.45
N TYR A 91 18.25 -35.17 26.21
CA TYR A 91 17.44 -34.54 27.23
C TYR A 91 16.76 -35.53 28.18
N ARG A 92 15.88 -36.35 27.63
CA ARG A 92 15.09 -37.29 28.41
C ARG A 92 15.91 -38.46 28.96
N GLN A 93 16.89 -38.93 28.19
CA GLN A 93 17.73 -40.03 28.66
C GLN A 93 18.78 -39.56 29.65
N SER A 94 19.71 -38.73 29.20
CA SER A 94 20.72 -38.22 30.11
C SER A 94 20.53 -36.73 30.40
N SER A 95 21.62 -36.06 30.77
CA SER A 95 21.54 -34.66 31.18
C SER A 95 22.82 -33.90 30.89
N ALA A 96 23.89 -34.64 30.60
CA ALA A 96 25.19 -34.02 30.45
C ALA A 96 25.33 -33.37 29.08
N ASN A 97 26.37 -32.54 28.94
CA ASN A 97 26.75 -32.03 27.63
C ASN A 97 27.28 -33.17 26.76
N LEU A 98 26.61 -34.31 26.85
CA LEU A 98 26.89 -35.50 26.08
C LEU A 98 25.93 -35.59 24.90
N LEU A 99 25.68 -36.81 24.43
CA LEU A 99 24.72 -37.04 23.34
C LEU A 99 24.27 -38.49 23.32
N TYR A 100 22.95 -38.72 23.33
CA TYR A 100 22.40 -40.06 23.37
C TYR A 100 21.94 -40.51 21.98
N PHE A 101 22.89 -40.92 21.14
CA PHE A 101 22.57 -41.41 19.80
C PHE A 101 21.80 -42.71 19.86
N ALA A 102 22.20 -43.57 20.78
CA ALA A 102 21.55 -44.85 21.01
C ALA A 102 21.86 -45.33 22.44
N PRO A 103 21.12 -46.34 22.94
CA PRO A 103 21.41 -46.85 24.29
C PRO A 103 22.73 -47.59 24.33
N ASP A 104 23.16 -48.03 23.17
CA ASP A 104 24.39 -48.77 23.01
C ASP A 104 25.48 -47.87 22.45
N LEU A 105 25.25 -46.56 22.54
CA LEU A 105 26.23 -45.58 22.07
C LEU A 105 25.88 -44.20 22.61
N ILE A 106 26.65 -43.78 23.61
CA ILE A 106 26.52 -42.45 24.17
C ILE A 106 27.89 -41.77 24.16
N ILE A 107 27.97 -40.60 23.53
CA ILE A 107 29.19 -39.82 23.57
C ILE A 107 29.31 -39.19 24.94
N ASN A 108 30.22 -39.67 25.76
CA ASN A 108 30.47 -39.08 27.07
C ASN A 108 31.59 -38.06 26.99
N GLU A 109 31.86 -37.37 28.10
CA GLU A 109 32.93 -36.38 28.14
C GLU A 109 34.28 -37.02 27.81
N GLN A 110 34.32 -38.34 27.78
CA GLN A 110 35.51 -39.08 27.36
C GLN A 110 35.60 -39.12 25.85
N ARG A 111 34.57 -39.66 25.22
CA ARG A 111 34.49 -39.68 23.76
C ARG A 111 34.40 -38.27 23.22
N MET A 112 33.83 -37.38 24.03
CA MET A 112 33.69 -35.98 23.68
C MET A 112 35.05 -35.37 23.36
N THR A 113 36.08 -35.84 24.04
CA THR A 113 37.42 -35.27 23.94
C THR A 113 38.24 -35.87 22.80
N LEU A 114 37.60 -36.65 21.94
CA LEU A 114 38.26 -37.24 20.78
C LEU A 114 38.67 -36.14 19.78
N PRO A 115 39.60 -36.44 18.84
CA PRO A 115 40.16 -35.51 17.86
C PRO A 115 39.24 -34.36 17.43
N CYS A 116 38.26 -34.66 16.59
CA CYS A 116 37.37 -33.61 16.07
C CYS A 116 35.95 -33.84 16.54
N MET A 117 35.77 -34.90 17.33
CA MET A 117 34.47 -35.30 17.85
C MET A 117 33.64 -34.14 18.37
N TYR A 118 34.26 -33.19 19.03
CA TYR A 118 33.50 -32.10 19.62
C TYR A 118 33.25 -30.93 18.68
N ASP A 119 34.17 -30.68 17.75
CA ASP A 119 33.97 -29.64 16.73
C ASP A 119 32.55 -29.71 16.17
N GLN A 120 32.08 -30.93 15.93
CA GLN A 120 30.76 -31.17 15.37
C GLN A 120 29.71 -31.44 16.43
N CYS A 121 30.03 -32.27 17.42
CA CYS A 121 29.11 -32.56 18.53
C CYS A 121 28.59 -31.28 19.19
N LYS A 122 29.19 -30.15 18.80
CA LYS A 122 28.81 -28.83 19.25
C LYS A 122 27.37 -28.48 18.91
N HIS A 123 27.14 -28.11 17.65
CA HIS A 123 25.82 -27.70 17.16
C HIS A 123 24.71 -28.64 17.62
N MET A 124 25.04 -29.91 17.77
CA MET A 124 24.09 -30.91 18.22
C MET A 124 23.70 -30.68 19.67
N LEU A 125 24.71 -30.69 20.55
CA LEU A 125 24.56 -30.41 21.98
C LEU A 125 23.59 -29.29 22.25
N TYR A 126 23.73 -28.24 21.44
CA TYR A 126 22.86 -27.09 21.45
C TYR A 126 21.39 -27.48 21.52
N VAL A 127 20.85 -28.08 20.46
CA VAL A 127 19.43 -28.41 20.40
C VAL A 127 18.96 -29.09 21.68
N SER A 128 19.82 -29.92 22.29
CA SER A 128 19.47 -30.63 23.52
C SER A 128 19.42 -29.66 24.69
N SER A 129 20.24 -28.62 24.63
CA SER A 129 20.23 -27.58 25.66
C SER A 129 18.86 -26.92 25.72
N GLU A 130 18.41 -26.39 24.59
CA GLU A 130 17.14 -25.68 24.53
C GLU A 130 15.99 -26.52 25.05
N LEU A 131 15.89 -27.75 24.56
CA LEU A 131 14.79 -28.64 24.93
C LEU A 131 14.62 -28.81 26.45
N HIS A 132 15.72 -28.82 27.18
CA HIS A 132 15.66 -28.90 28.64
C HIS A 132 15.55 -27.52 29.26
N ARG A 133 16.13 -26.52 28.59
CA ARG A 133 16.04 -25.14 29.03
C ARG A 133 14.58 -24.69 29.06
N LEU A 134 13.94 -24.74 27.90
CA LEU A 134 12.53 -24.41 27.79
C LEU A 134 11.66 -25.52 28.34
N GLN A 135 12.30 -26.51 28.97
CA GLN A 135 11.62 -27.69 29.48
C GLN A 135 10.61 -28.20 28.47
N VAL A 136 10.97 -28.08 27.19
CA VAL A 136 10.13 -28.52 26.09
C VAL A 136 9.55 -29.87 26.43
N SER A 137 8.26 -30.04 26.19
CA SER A 137 7.58 -31.26 26.60
C SER A 137 7.45 -32.21 25.43
N TYR A 138 7.34 -33.49 25.74
CA TYR A 138 7.19 -34.53 24.74
C TYR A 138 6.09 -34.16 23.77
N GLU A 139 5.04 -33.52 24.28
CA GLU A 139 3.94 -33.11 23.42
C GLU A 139 4.33 -31.93 22.54
N GLU A 140 5.11 -31.00 23.09
CA GLU A 140 5.59 -29.86 22.32
C GLU A 140 6.68 -30.29 21.33
N TYR A 141 7.55 -31.20 21.77
CA TYR A 141 8.63 -31.70 20.95
C TYR A 141 8.10 -32.44 19.72
N LEU A 142 7.08 -33.26 19.92
CA LEU A 142 6.52 -34.07 18.84
C LEU A 142 5.88 -33.22 17.75
N CYS A 143 5.28 -32.10 18.14
CA CYS A 143 4.69 -31.20 17.15
C CYS A 143 5.80 -30.46 16.40
N MET A 144 6.80 -30.00 17.15
CA MET A 144 7.93 -29.29 16.55
C MET A 144 8.66 -30.17 15.54
N LYS A 145 8.81 -31.45 15.89
CA LYS A 145 9.52 -32.38 15.02
C LYS A 145 8.80 -32.54 13.69
N VAL A 146 7.47 -32.59 13.74
CA VAL A 146 6.67 -32.64 12.52
C VAL A 146 6.86 -31.37 11.70
N LEU A 147 6.91 -30.23 12.38
CA LEU A 147 7.04 -28.94 11.71
C LEU A 147 8.42 -28.82 11.02
N LEU A 148 9.43 -29.47 11.59
CA LEU A 148 10.75 -29.48 10.99
C LEU A 148 10.74 -30.23 9.65
N LEU A 149 10.03 -31.35 9.61
CA LEU A 149 9.82 -32.09 8.37
C LEU A 149 9.17 -31.19 7.31
N LEU A 150 8.41 -30.21 7.77
CA LEU A 150 7.69 -29.32 6.89
C LEU A 150 8.30 -27.92 6.89
N SER A 151 9.59 -27.84 7.14
CA SER A 151 10.26 -26.55 7.33
C SER A 151 10.99 -26.05 6.08
N THR A 152 11.30 -26.97 5.17
CA THR A 152 12.12 -26.63 3.99
C THR A 152 11.51 -27.16 2.71
N ILE A 153 11.39 -26.29 1.71
CA ILE A 153 10.77 -26.67 0.44
C ILE A 153 11.59 -26.16 -0.75
N PRO A 154 11.31 -26.68 -1.97
CA PRO A 154 11.99 -26.19 -3.18
C PRO A 154 11.84 -24.68 -3.36
N LYS A 155 12.87 -24.03 -3.89
CA LYS A 155 12.89 -22.58 -4.03
C LYS A 155 11.64 -22.02 -4.71
N ASP A 156 11.03 -22.82 -5.58
CA ASP A 156 9.79 -22.39 -6.24
C ASP A 156 8.59 -23.12 -5.68
N GLY A 157 8.61 -23.39 -4.39
CA GLY A 157 7.52 -24.10 -3.73
C GLY A 157 7.35 -25.53 -4.23
N LEU A 158 6.58 -26.31 -3.48
CA LEU A 158 6.28 -27.68 -3.86
C LEU A 158 5.36 -27.69 -5.07
N LYS A 159 5.00 -28.89 -5.51
CA LYS A 159 4.02 -29.03 -6.59
C LYS A 159 2.62 -28.95 -5.98
N SER A 160 2.46 -29.52 -4.81
CA SER A 160 1.20 -29.50 -4.09
C SER A 160 1.23 -28.45 -2.97
N GLN A 161 1.68 -27.25 -3.32
CA GLN A 161 1.86 -26.16 -2.37
C GLN A 161 0.64 -25.90 -1.50
N ALA A 162 -0.54 -25.85 -2.12
CA ALA A 162 -1.78 -25.57 -1.40
C ALA A 162 -2.01 -26.57 -0.27
N LEU A 163 -2.13 -27.84 -0.64
CA LEU A 163 -2.34 -28.91 0.33
C LEU A 163 -1.27 -28.85 1.43
N PHE A 164 -0.02 -28.63 1.03
CA PHE A 164 1.07 -28.52 1.99
C PHE A 164 0.83 -27.42 3.01
N ASP A 165 0.71 -26.18 2.53
CA ASP A 165 0.46 -25.03 3.39
C ASP A 165 -0.67 -25.31 4.37
N ALA A 166 -1.64 -26.11 3.93
CA ALA A 166 -2.77 -26.48 4.77
C ALA A 166 -2.35 -27.43 5.89
N ILE A 167 -1.50 -28.40 5.57
CA ILE A 167 -1.01 -29.36 6.56
C ILE A 167 -0.12 -28.68 7.59
N ARG A 168 0.81 -27.85 7.10
CA ARG A 168 1.73 -27.15 7.97
C ARG A 168 0.98 -26.35 9.04
N MET A 169 0.00 -25.57 8.60
CA MET A 169 -0.78 -24.74 9.52
C MET A 169 -1.47 -25.59 10.58
N THR A 170 -1.93 -26.78 10.20
CA THR A 170 -2.59 -27.68 11.14
C THR A 170 -1.68 -28.02 12.31
N TYR A 171 -0.41 -28.33 12.02
CA TYR A 171 0.51 -28.72 13.07
C TYR A 171 1.05 -27.51 13.84
N ILE A 172 0.99 -26.34 13.21
CA ILE A 172 1.27 -25.10 13.93
C ILE A 172 0.21 -24.91 15.02
N LYS A 173 -1.06 -25.08 14.67
CA LYS A 173 -2.14 -25.00 15.65
C LYS A 173 -2.00 -26.11 16.69
N GLU A 174 -1.56 -27.29 16.26
CA GLU A 174 -1.34 -28.40 17.19
C GLU A 174 -0.24 -28.05 18.20
N LEU A 175 0.81 -27.38 17.73
CA LEU A 175 1.87 -26.93 18.63
C LEU A 175 1.30 -25.94 19.64
N GLY A 176 0.45 -25.04 19.16
CA GLY A 176 -0.24 -24.09 20.03
C GLY A 176 -1.08 -24.81 21.06
N LYS A 177 -1.82 -25.83 20.62
CA LYS A 177 -2.60 -26.67 21.50
C LYS A 177 -1.72 -27.27 22.62
N ALA A 178 -0.53 -27.73 22.24
CA ALA A 178 0.39 -28.35 23.19
C ALA A 178 0.81 -27.38 24.29
N ILE A 179 1.16 -26.17 23.89
CA ILE A 179 1.54 -25.13 24.84
C ILE A 179 0.43 -24.86 25.83
N VAL A 180 -0.80 -24.75 25.35
CA VAL A 180 -1.93 -24.49 26.24
C VAL A 180 -2.21 -25.70 27.12
N LYS A 181 -2.11 -26.89 26.53
CA LYS A 181 -2.48 -28.12 27.22
C LYS A 181 -1.43 -28.60 28.22
N ARG A 182 -0.37 -27.83 28.43
CA ARG A 182 0.65 -28.23 29.39
C ARG A 182 0.21 -27.91 30.83
N GLU A 183 0.14 -26.63 31.16
CA GLU A 183 -0.24 -26.18 32.50
C GLU A 183 -1.47 -25.32 32.42
N GLY A 184 -1.45 -24.34 31.53
CA GLY A 184 -2.59 -23.48 31.30
C GLY A 184 -2.43 -22.06 31.80
N ASN A 185 -1.28 -21.76 32.40
CA ASN A 185 -1.02 -20.40 32.85
C ASN A 185 -0.83 -19.46 31.66
N SER A 186 -1.91 -19.26 30.91
CA SER A 186 -1.94 -18.47 29.68
C SER A 186 -0.97 -17.29 29.64
N SER A 187 -0.73 -16.69 30.82
CA SER A 187 0.17 -15.56 31.00
C SER A 187 1.29 -15.49 29.97
N GLN A 188 2.05 -16.58 29.86
CA GLN A 188 3.20 -16.61 28.95
C GLN A 188 3.02 -17.59 27.79
N ASN A 189 1.82 -18.12 27.58
CA ASN A 189 1.60 -19.05 26.49
C ASN A 189 2.02 -18.48 25.14
N TRP A 190 1.53 -17.28 24.82
CA TRP A 190 1.94 -16.62 23.58
C TRP A 190 3.43 -16.30 23.58
N GLN A 191 3.96 -16.00 24.77
CA GLN A 191 5.40 -15.84 24.96
C GLN A 191 6.13 -17.08 24.50
N ARG A 192 5.68 -18.22 25.01
CA ARG A 192 6.31 -19.51 24.74
C ARG A 192 6.20 -19.89 23.28
N PHE A 193 5.02 -19.69 22.71
CA PHE A 193 4.79 -19.94 21.29
C PHE A 193 5.79 -19.18 20.45
N TYR A 194 6.07 -17.95 20.85
CA TYR A 194 7.09 -17.14 20.20
C TYR A 194 8.45 -17.81 20.30
N GLN A 195 8.77 -18.27 21.50
CA GLN A 195 10.05 -18.91 21.77
C GLN A 195 10.20 -20.18 20.96
N LEU A 196 9.28 -21.12 21.16
CA LEU A 196 9.36 -22.41 20.48
C LEU A 196 9.46 -22.29 18.96
N THR A 197 8.75 -21.34 18.37
CA THR A 197 8.82 -21.15 16.92
C THR A 197 10.12 -20.44 16.54
N LYS A 198 10.70 -19.75 17.51
CA LYS A 198 12.03 -19.16 17.36
C LYS A 198 13.07 -20.27 17.31
N LEU A 199 12.93 -21.22 18.22
CA LEU A 199 13.76 -22.40 18.21
C LEU A 199 13.72 -23.06 16.83
N LEU A 200 12.51 -23.33 16.36
CA LEU A 200 12.31 -23.94 15.05
C LEU A 200 13.07 -23.18 13.96
N ASP A 201 12.91 -21.86 13.94
CA ASP A 201 13.59 -21.04 12.94
C ASP A 201 15.11 -21.20 12.99
N SER A 202 15.65 -21.40 14.19
CA SER A 202 17.09 -21.51 14.36
C SER A 202 17.61 -22.88 13.94
N MET A 203 16.72 -23.88 13.81
CA MET A 203 17.14 -25.20 13.36
C MET A 203 17.70 -25.12 11.93
N HIS A 204 17.27 -24.11 11.17
CA HIS A 204 17.83 -23.89 9.85
C HIS A 204 19.34 -23.65 9.95
N GLU A 205 19.75 -22.89 10.96
CA GLU A 205 21.17 -22.60 11.17
C GLU A 205 21.95 -23.88 11.47
N VAL A 206 21.54 -24.58 12.52
CA VAL A 206 22.25 -25.79 12.94
C VAL A 206 22.31 -26.82 11.81
N VAL A 207 21.26 -26.87 10.99
CA VAL A 207 21.26 -27.78 9.85
C VAL A 207 22.28 -27.34 8.82
N GLU A 208 22.30 -26.05 8.51
CA GLU A 208 23.28 -25.49 7.57
C GLU A 208 24.68 -25.94 7.92
N ASN A 209 25.01 -25.87 9.21
CA ASN A 209 26.33 -26.23 9.67
C ASN A 209 26.55 -27.74 9.69
N LEU A 210 25.64 -28.47 10.30
CA LEU A 210 25.75 -29.94 10.32
C LEU A 210 25.81 -30.52 8.91
N LEU A 211 25.19 -29.84 7.96
CA LEU A 211 25.09 -30.34 6.59
C LEU A 211 26.38 -30.15 5.79
N ASN A 212 27.04 -29.01 5.95
CA ASN A 212 28.29 -28.80 5.21
C ASN A 212 29.42 -29.65 5.77
N TYR A 213 29.30 -30.08 7.02
CA TYR A 213 30.26 -31.02 7.60
C TYR A 213 29.92 -32.45 7.16
N CYS A 214 28.63 -32.72 6.99
CA CYS A 214 28.18 -33.99 6.42
C CYS A 214 28.73 -34.10 5.01
N PHE A 215 28.61 -33.00 4.26
CA PHE A 215 29.09 -32.93 2.89
C PHE A 215 30.63 -33.02 2.82
N GLN A 216 31.31 -32.43 3.79
CA GLN A 216 32.77 -32.44 3.80
C GLN A 216 33.30 -33.85 4.01
N THR A 217 32.83 -34.51 5.05
CA THR A 217 33.25 -35.87 5.36
C THR A 217 32.87 -36.84 4.24
N PHE A 218 31.89 -36.46 3.44
CA PHE A 218 31.41 -37.30 2.35
C PHE A 218 32.24 -37.13 1.07
N LEU A 219 32.84 -35.96 0.91
CA LEU A 219 33.64 -35.66 -0.27
C LEU A 219 35.11 -35.91 0.01
N ASP A 220 35.54 -35.64 1.24
CA ASP A 220 36.92 -35.82 1.65
C ASP A 220 37.25 -37.29 1.82
N LYS A 221 37.95 -37.86 0.84
CA LYS A 221 38.23 -39.29 0.85
C LYS A 221 39.55 -39.62 1.55
N THR A 222 40.10 -38.67 2.28
CA THR A 222 41.31 -38.94 3.09
C THR A 222 40.90 -39.41 4.46
N MET A 223 39.88 -38.76 5.02
CA MET A 223 39.29 -39.20 6.27
C MET A 223 38.77 -40.62 6.10
N SER A 224 38.50 -41.30 7.21
CA SER A 224 38.13 -42.69 7.15
C SER A 224 36.61 -42.89 7.12
N ILE A 225 35.86 -41.81 7.29
CA ILE A 225 34.40 -41.86 7.45
C ILE A 225 33.64 -42.43 6.24
N GLU A 226 32.84 -43.45 6.49
CA GLU A 226 32.02 -44.09 5.47
C GLU A 226 30.53 -43.86 5.70
N PHE A 227 29.75 -43.83 4.63
CA PHE A 227 28.30 -43.66 4.71
C PHE A 227 27.56 -44.87 4.16
N PRO A 228 26.39 -45.18 4.73
CA PRO A 228 25.53 -46.25 4.21
C PRO A 228 24.89 -45.84 2.89
N GLU A 229 24.43 -46.82 2.10
CA GLU A 229 23.81 -46.56 0.81
C GLU A 229 22.72 -45.50 0.88
N MET A 230 21.79 -45.68 1.83
CA MET A 230 20.64 -44.80 1.99
C MET A 230 21.03 -43.34 2.09
N LEU A 231 21.91 -43.05 3.04
CA LEU A 231 22.40 -41.69 3.24
C LEU A 231 23.17 -41.20 2.03
N ALA A 232 24.00 -42.05 1.46
CA ALA A 232 24.82 -41.68 0.31
C ALA A 232 23.99 -41.15 -0.84
N GLU A 233 22.90 -41.83 -1.18
CA GLU A 233 22.03 -41.37 -2.25
C GLU A 233 21.41 -40.01 -1.92
N ILE A 234 20.86 -39.87 -0.72
CA ILE A 234 20.27 -38.60 -0.30
C ILE A 234 21.30 -37.47 -0.37
N ILE A 235 22.50 -37.73 0.13
CA ILE A 235 23.55 -36.72 0.13
C ILE A 235 24.00 -36.35 -1.29
N THR A 236 24.27 -37.37 -2.11
CA THR A 236 24.70 -37.12 -3.49
C THR A 236 23.66 -36.31 -4.26
N ASN A 237 22.40 -36.40 -3.83
CA ASN A 237 21.34 -35.64 -4.46
C ASN A 237 21.25 -34.21 -3.90
N GLN A 238 21.65 -34.04 -2.65
CA GLN A 238 21.52 -32.74 -1.99
C GLN A 238 22.70 -31.81 -2.25
N ILE A 239 23.90 -32.35 -2.30
CA ILE A 239 25.09 -31.56 -2.61
C ILE A 239 24.89 -30.68 -3.86
N PRO A 240 24.20 -31.19 -4.91
CA PRO A 240 23.86 -30.30 -6.04
C PRO A 240 23.03 -29.10 -5.60
N LYS A 241 21.75 -29.31 -5.32
CA LYS A 241 20.83 -28.25 -4.89
C LYS A 241 21.50 -27.23 -3.97
N TYR A 242 22.07 -27.73 -2.88
CA TYR A 242 22.79 -26.88 -1.94
C TYR A 242 24.04 -26.24 -2.53
N SER A 243 24.40 -26.58 -3.77
CA SER A 243 25.55 -25.96 -4.41
C SER A 243 25.14 -25.08 -5.59
N ASN A 244 23.86 -24.70 -5.62
CA ASN A 244 23.40 -23.75 -6.62
C ASN A 244 22.39 -22.74 -6.03
N GLY A 245 21.41 -23.23 -5.27
CA GLY A 245 20.54 -22.34 -4.53
C GLY A 245 19.06 -22.69 -4.50
N ASN A 246 18.70 -23.86 -5.03
CA ASN A 246 17.30 -24.28 -5.05
C ASN A 246 16.80 -24.74 -3.68
N ILE A 247 16.49 -23.79 -2.80
CA ILE A 247 15.99 -24.11 -1.48
C ILE A 247 15.24 -22.96 -0.81
N LYS A 248 14.07 -23.26 -0.27
CA LYS A 248 13.26 -22.27 0.43
C LYS A 248 13.04 -22.66 1.89
N LYS A 249 13.70 -21.93 2.80
CA LYS A 249 13.61 -22.20 4.22
C LYS A 249 12.52 -21.39 4.90
N LEU A 250 11.44 -22.06 5.29
CA LEU A 250 10.30 -21.40 5.89
C LEU A 250 10.61 -20.86 7.29
N LEU A 251 10.14 -19.65 7.57
CA LEU A 251 10.40 -19.01 8.85
C LEU A 251 9.11 -18.60 9.53
N PHE A 252 9.07 -18.77 10.85
CA PHE A 252 7.94 -18.30 11.65
C PHE A 252 8.08 -16.81 11.94
N HIS A 253 9.33 -16.34 11.99
CA HIS A 253 9.61 -14.94 12.23
C HIS A 253 10.70 -14.44 11.30
N GLN A 254 10.32 -13.57 10.36
CA GLN A 254 11.30 -12.99 9.44
C GLN A 254 11.99 -11.78 10.11
N LYS A 255 12.37 -11.96 11.37
CA LYS A 255 13.02 -10.89 12.11
C LYS A 255 14.41 -10.60 11.58
N ASN B 3 17.53 -40.67 -5.44
CA ASN B 3 16.26 -40.96 -6.10
C ASN B 3 15.71 -42.36 -5.78
N ALA B 4 15.91 -43.30 -6.72
CA ALA B 4 15.44 -44.68 -6.65
C ALA B 4 15.10 -45.20 -5.26
N LEU B 5 16.10 -45.30 -4.38
CA LEU B 5 15.92 -45.90 -3.07
C LEU B 5 14.80 -45.24 -2.28
N LEU B 6 14.85 -43.92 -2.15
CA LEU B 6 13.88 -43.20 -1.34
C LEU B 6 12.47 -43.34 -1.91
N ARG B 7 12.30 -43.06 -3.20
CA ARG B 7 10.98 -43.09 -3.83
C ARG B 7 10.22 -44.37 -3.58
N TYR B 8 10.92 -45.48 -3.73
CA TYR B 8 10.31 -46.76 -3.46
C TYR B 8 9.70 -46.81 -2.06
N LEU B 9 10.54 -46.54 -1.06
CA LEU B 9 10.20 -46.77 0.35
C LEU B 9 8.88 -46.17 0.84
N LEU B 10 8.64 -44.91 0.50
CA LEU B 10 7.42 -44.22 0.95
C LEU B 10 6.20 -44.73 0.24
N ASP B 11 6.28 -44.70 -1.09
CA ASP B 11 5.19 -44.99 -2.02
C ASP B 11 4.50 -46.34 -1.79
N LYS B 12 5.01 -47.13 -0.85
CA LYS B 12 4.39 -48.43 -0.59
C LYS B 12 3.36 -48.37 0.54
N ASP B 13 2.95 -49.54 1.02
CA ASP B 13 1.68 -49.64 1.74
C ASP B 13 1.58 -50.76 2.77
N ASP B 14 2.61 -50.95 3.60
CA ASP B 14 2.63 -51.99 4.64
C ASP B 14 1.26 -52.42 5.17
N ALA C 1 1.77 -19.33 4.62
CA ALA C 1 3.12 -18.86 4.30
C ALA C 1 3.14 -18.04 3.02
N THR C 2 2.47 -18.52 1.98
CA THR C 2 2.60 -17.89 0.67
C THR C 2 1.30 -17.63 -0.09
N LEU C 3 0.59 -16.61 0.35
CA LEU C 3 -0.29 -15.85 -0.53
C LEU C 3 0.60 -14.69 -0.94
N PRO C 4 0.46 -14.18 -2.18
CA PRO C 4 1.41 -13.11 -2.44
C PRO C 4 1.11 -11.80 -1.69
N GLN C 5 -0.17 -11.41 -1.65
CA GLN C 5 -0.53 -10.06 -1.24
C GLN C 5 -0.18 -9.65 0.19
N LEU C 6 0.00 -10.59 1.11
CA LEU C 6 0.36 -10.22 2.49
C LEU C 6 1.84 -9.84 2.60
N THR C 7 2.37 -9.39 1.47
CA THR C 7 3.72 -8.83 1.36
C THR C 7 3.61 -7.63 0.44
N PRO C 8 3.15 -6.49 0.99
CA PRO C 8 2.75 -5.32 0.23
C PRO C 8 3.82 -4.80 -0.74
N THR C 9 3.43 -4.54 -1.98
CA THR C 9 4.31 -3.90 -2.95
C THR C 9 4.21 -2.39 -2.78
N LEU C 10 5.25 -1.66 -3.19
CA LEU C 10 5.19 -0.21 -3.12
C LEU C 10 4.09 0.33 -4.03
N VAL C 11 3.95 -0.25 -5.21
CA VAL C 11 2.96 0.23 -6.17
C VAL C 11 1.54 0.07 -5.63
N SER C 12 1.28 -1.00 -4.87
CA SER C 12 -0.04 -1.20 -4.29
C SER C 12 -0.40 -0.07 -3.33
N LEU C 13 0.59 0.36 -2.54
CA LEU C 13 0.41 1.53 -1.67
C LEU C 13 0.15 2.78 -2.51
N LEU C 14 0.94 2.97 -3.54
CA LEU C 14 0.76 4.14 -4.38
C LEU C 14 -0.66 4.21 -4.95
N GLU C 15 -1.24 3.07 -5.27
CA GLU C 15 -2.58 3.05 -5.87
C GLU C 15 -3.68 3.44 -4.86
N VAL C 16 -3.46 3.18 -3.58
CA VAL C 16 -4.48 3.56 -2.60
C VAL C 16 -4.43 5.05 -2.30
N ILE C 17 -3.23 5.64 -2.27
CA ILE C 17 -3.09 7.06 -1.91
C ILE C 17 -3.29 8.01 -3.10
N GLU C 18 -3.45 7.46 -4.30
CA GLU C 18 -3.72 8.30 -5.47
C GLU C 18 -5.01 9.09 -5.25
N PRO C 19 -4.89 10.43 -5.18
CA PRO C 19 -6.05 11.28 -4.87
C PRO C 19 -7.13 11.23 -5.93
N GLU C 20 -8.38 11.31 -5.51
CA GLU C 20 -9.52 11.31 -6.42
C GLU C 20 -9.54 12.58 -7.27
N VAL C 21 -10.08 12.47 -8.48
CA VAL C 21 -10.14 13.58 -9.42
C VAL C 21 -10.95 14.74 -8.85
N LEU C 22 -10.54 15.97 -9.14
CA LEU C 22 -11.24 17.16 -8.66
C LEU C 22 -12.03 17.87 -9.75
N TYR C 23 -12.99 18.69 -9.33
CA TYR C 23 -13.81 19.46 -10.27
C TYR C 23 -13.35 20.91 -10.30
N ALA C 24 -13.32 21.48 -11.50
CA ALA C 24 -12.88 22.85 -11.68
C ALA C 24 -13.93 23.85 -11.18
N GLY C 25 -15.18 23.39 -11.07
CA GLY C 25 -16.28 24.26 -10.72
C GLY C 25 -16.46 25.35 -11.76
N TYR C 26 -16.27 24.98 -13.02
CA TYR C 26 -16.36 25.92 -14.14
C TYR C 26 -17.80 26.07 -14.59
N ASP C 27 -18.28 27.31 -14.62
CA ASP C 27 -19.64 27.58 -15.05
C ASP C 27 -19.68 27.92 -16.54
N SER C 28 -20.13 26.95 -17.34
CA SER C 28 -20.21 27.14 -18.79
C SER C 28 -21.54 27.77 -19.20
N SER C 29 -22.30 28.24 -18.22
CA SER C 29 -23.56 28.93 -18.50
C SER C 29 -23.26 30.29 -19.12
N VAL C 30 -22.00 30.70 -19.04
CA VAL C 30 -21.55 31.94 -19.66
C VAL C 30 -20.45 31.60 -20.68
N PRO C 31 -20.24 32.48 -21.68
CA PRO C 31 -19.30 32.18 -22.77
C PRO C 31 -17.85 31.98 -22.31
N ASP C 32 -17.18 31.01 -22.93
CA ASP C 32 -15.77 30.78 -22.67
C ASP C 32 -14.92 32.00 -23.03
N SER C 33 -13.80 32.14 -22.35
CA SER C 33 -12.78 33.12 -22.72
C SER C 33 -11.45 32.56 -22.27
N THR C 34 -10.37 32.97 -22.93
CA THR C 34 -9.05 32.53 -22.54
C THR C 34 -8.79 32.88 -21.08
N TRP C 35 -9.13 34.11 -20.70
CA TRP C 35 -8.89 34.57 -19.34
C TRP C 35 -9.54 33.67 -18.28
N ARG C 36 -10.83 33.40 -18.41
CA ARG C 36 -11.54 32.64 -17.38
C ARG C 36 -11.20 31.16 -17.42
N ILE C 37 -10.77 30.67 -18.58
CA ILE C 37 -10.30 29.29 -18.64
C ILE C 37 -9.03 29.13 -17.83
N MET C 38 -7.99 29.88 -18.19
CA MET C 38 -6.71 29.80 -17.53
C MET C 38 -6.81 30.14 -16.05
N THR C 39 -7.58 31.18 -15.71
CA THR C 39 -7.79 31.55 -14.31
C THR C 39 -8.41 30.40 -13.52
N THR C 40 -9.45 29.79 -14.07
CA THR C 40 -10.13 28.69 -13.40
C THR C 40 -9.19 27.50 -13.20
N LEU C 41 -8.33 27.25 -14.17
CA LEU C 41 -7.39 26.14 -14.08
C LEU C 41 -6.33 26.37 -13.01
N ASN C 42 -5.84 27.61 -12.92
CA ASN C 42 -4.92 27.99 -11.85
C ASN C 42 -5.54 27.73 -10.47
N MET C 43 -6.80 28.08 -10.31
CA MET C 43 -7.52 27.80 -9.07
C MET C 43 -7.53 26.31 -8.83
N LEU C 44 -7.85 25.57 -9.88
CA LEU C 44 -7.83 24.11 -9.85
C LEU C 44 -6.45 23.63 -9.44
N GLY C 45 -5.43 24.20 -10.08
CA GLY C 45 -4.05 23.88 -9.76
C GLY C 45 -3.74 23.99 -8.29
N GLY C 46 -4.09 25.12 -7.70
CA GLY C 46 -3.87 25.36 -6.28
C GLY C 46 -4.40 24.22 -5.43
N ARG C 47 -5.62 23.77 -5.74
CA ARG C 47 -6.24 22.69 -4.99
C ARG C 47 -5.55 21.35 -5.26
N GLN C 48 -5.19 21.10 -6.51
CA GLN C 48 -4.50 19.86 -6.87
C GLN C 48 -3.16 19.76 -6.15
N VAL C 49 -2.43 20.88 -6.09
CA VAL C 49 -1.14 20.93 -5.42
C VAL C 49 -1.29 20.60 -3.93
N ILE C 50 -2.33 21.13 -3.31
CA ILE C 50 -2.59 20.86 -1.89
C ILE C 50 -2.87 19.37 -1.69
N ALA C 51 -3.65 18.78 -2.59
CA ALA C 51 -3.86 17.34 -2.56
C ALA C 51 -2.55 16.60 -2.81
N ALA C 52 -1.69 17.20 -3.64
CA ALA C 52 -0.40 16.58 -3.97
C ALA C 52 0.53 16.57 -2.76
N VAL C 53 0.44 17.60 -1.92
CA VAL C 53 1.24 17.65 -0.70
C VAL C 53 0.83 16.50 0.21
N LYS C 54 -0.48 16.31 0.34
CA LYS C 54 -1.03 15.21 1.12
C LYS C 54 -0.56 13.86 0.56
N TRP C 55 -0.64 13.72 -0.76
CA TRP C 55 -0.19 12.51 -1.44
C TRP C 55 1.28 12.20 -1.19
N ALA C 56 2.12 13.24 -1.27
CA ALA C 56 3.56 13.09 -1.14
C ALA C 56 3.97 12.58 0.22
N LYS C 57 3.39 13.14 1.28
CA LYS C 57 3.74 12.72 2.63
C LYS C 57 3.33 11.27 2.87
N ALA C 58 2.45 10.75 2.03
CA ALA C 58 1.99 9.37 2.17
C ALA C 58 2.83 8.39 1.35
N ILE C 59 3.74 8.93 0.55
CA ILE C 59 4.67 8.10 -0.23
C ILE C 59 5.71 7.51 0.69
N PRO C 60 5.74 6.16 0.81
CA PRO C 60 6.70 5.52 1.71
C PRO C 60 8.11 6.01 1.44
N GLY C 61 8.73 6.55 2.49
CA GLY C 61 10.09 7.05 2.40
C GLY C 61 10.18 8.56 2.30
N PHE C 62 9.17 9.19 1.72
CA PHE C 62 9.25 10.62 1.43
C PHE C 62 9.42 11.48 2.69
N ARG C 63 8.64 11.18 3.72
CA ARG C 63 8.69 11.95 4.96
C ARG C 63 10.00 11.73 5.72
N ASN C 64 10.74 10.69 5.35
CA ASN C 64 12.02 10.45 5.97
C ASN C 64 13.08 11.42 5.51
N LEU C 65 12.80 12.07 4.38
CA LEU C 65 13.68 13.12 3.88
C LEU C 65 13.61 14.31 4.81
N HIS C 66 14.66 15.12 4.81
CA HIS C 66 14.64 16.35 5.57
C HIS C 66 13.45 17.21 5.14
N LEU C 67 12.78 17.82 6.10
CA LEU C 67 11.58 18.62 5.84
C LEU C 67 11.82 19.66 4.74
N ASP C 68 13.01 20.27 4.73
CA ASP C 68 13.36 21.25 3.71
C ASP C 68 13.46 20.61 2.34
N ASP C 69 13.99 19.39 2.30
CA ASP C 69 14.10 18.64 1.05
C ASP C 69 12.72 18.33 0.50
N GLN C 70 11.80 17.94 1.39
CA GLN C 70 10.43 17.63 1.00
C GLN C 70 9.76 18.83 0.36
N MET C 71 10.00 20.01 0.91
CA MET C 71 9.45 21.23 0.36
C MET C 71 10.09 21.55 -0.97
N THR C 72 11.42 21.39 -1.03
CA THR C 72 12.19 21.66 -2.23
C THR C 72 11.70 20.83 -3.41
N LEU C 73 11.51 19.54 -3.20
CA LEU C 73 11.07 18.64 -4.26
C LEU C 73 9.68 19.02 -4.81
N LEU C 74 8.76 19.36 -3.92
CA LEU C 74 7.42 19.77 -4.34
C LEU C 74 7.43 21.05 -5.17
N GLN C 75 8.26 22.02 -4.75
CA GLN C 75 8.36 23.29 -5.47
C GLN C 75 8.91 23.12 -6.89
N TYR C 76 9.93 22.29 -7.03
CA TYR C 76 10.54 22.06 -8.33
C TYR C 76 9.63 21.28 -9.27
N SER C 77 8.88 20.33 -8.72
CA SER C 77 8.21 19.35 -9.57
C SER C 77 6.69 19.43 -9.60
N TRP C 78 6.08 20.44 -8.97
CA TRP C 78 4.61 20.52 -8.94
C TRP C 78 4.01 20.54 -10.34
N MET C 79 4.64 21.26 -11.26
CA MET C 79 4.15 21.32 -12.64
C MET C 79 4.24 19.95 -13.31
N ALA C 80 5.36 19.26 -13.11
CA ALA C 80 5.53 17.91 -13.65
C ALA C 80 4.42 17.00 -13.16
N LEU C 81 4.21 17.00 -11.83
CA LEU C 81 3.17 16.19 -11.23
C LEU C 81 1.81 16.51 -11.85
N MET C 82 1.49 17.79 -11.91
CA MET C 82 0.19 18.21 -12.43
C MET C 82 0.00 17.89 -13.91
N ALA C 83 1.04 18.15 -14.70
CA ALA C 83 0.98 17.93 -16.13
C ALA C 83 0.91 16.44 -16.47
N PHE C 84 1.63 15.63 -15.71
CA PHE C 84 1.68 14.19 -15.97
C PHE C 84 0.35 13.54 -15.68
N ALA C 85 -0.31 13.98 -14.62
CA ALA C 85 -1.63 13.48 -14.27
C ALA C 85 -2.67 14.00 -15.26
N LEU C 86 -2.47 15.23 -15.73
CA LEU C 86 -3.34 15.79 -16.76
C LEU C 86 -3.31 14.90 -17.99
N GLY C 87 -2.09 14.55 -18.41
CA GLY C 87 -1.91 13.68 -19.55
C GLY C 87 -2.56 12.34 -19.33
N TRP C 88 -2.47 11.84 -18.11
CA TRP C 88 -3.06 10.55 -17.76
C TRP C 88 -4.58 10.57 -17.94
N ARG C 89 -5.22 11.55 -17.32
CA ARG C 89 -6.68 11.66 -17.41
C ARG C 89 -7.09 11.84 -18.87
N SER C 90 -6.43 12.73 -19.59
CA SER C 90 -6.76 12.97 -21.00
C SER C 90 -6.56 11.69 -21.82
N TYR C 91 -5.47 10.98 -21.55
CA TYR C 91 -5.17 9.73 -22.26
C TYR C 91 -6.23 8.67 -21.98
N ARG C 92 -6.65 8.54 -20.73
CA ARG C 92 -7.65 7.55 -20.35
C ARG C 92 -9.07 7.96 -20.68
N GLN C 93 -9.38 9.25 -20.54
CA GLN C 93 -10.75 9.72 -20.68
C GLN C 93 -11.07 10.22 -22.08
N SER C 94 -10.10 10.14 -22.98
CA SER C 94 -10.30 10.69 -24.33
C SER C 94 -9.59 9.89 -25.42
N SER C 95 -10.23 9.82 -26.58
CA SER C 95 -9.67 9.17 -27.75
C SER C 95 -9.23 10.22 -28.76
N ALA C 96 -10.00 11.31 -28.84
CA ALA C 96 -9.61 12.47 -29.61
C ALA C 96 -8.56 13.23 -28.80
N ASN C 97 -7.77 14.07 -29.46
CA ASN C 97 -6.72 14.78 -28.76
C ASN C 97 -7.24 15.95 -27.93
N LEU C 98 -7.88 15.62 -26.81
CA LEU C 98 -8.45 16.63 -25.92
C LEU C 98 -7.69 16.68 -24.59
N LEU C 99 -7.96 17.71 -23.80
CA LEU C 99 -7.38 17.81 -22.47
C LEU C 99 -8.46 17.73 -21.40
N TYR C 100 -8.37 16.68 -20.59
CA TYR C 100 -9.33 16.41 -19.53
C TYR C 100 -8.81 16.94 -18.20
N PHE C 101 -8.84 18.26 -18.03
CA PHE C 101 -8.37 18.87 -16.79
C PHE C 101 -9.19 18.40 -15.60
N ALA C 102 -10.49 18.40 -15.79
CA ALA C 102 -11.45 17.97 -14.78
C ALA C 102 -12.72 17.56 -15.51
N PRO C 103 -13.58 16.74 -14.86
CA PRO C 103 -14.80 16.28 -15.54
C PRO C 103 -15.63 17.44 -16.07
N ASP C 104 -15.62 18.54 -15.35
CA ASP C 104 -16.42 19.71 -15.70
C ASP C 104 -15.64 20.74 -16.50
N LEU C 105 -14.47 20.36 -17.02
CA LEU C 105 -13.66 21.29 -17.79
C LEU C 105 -12.73 20.56 -18.76
N ILE C 106 -13.23 20.32 -19.96
CA ILE C 106 -12.48 19.67 -21.01
C ILE C 106 -12.16 20.66 -22.13
N ILE C 107 -10.90 20.78 -22.50
CA ILE C 107 -10.51 21.66 -23.58
C ILE C 107 -10.65 20.94 -24.93
N ASN C 108 -11.80 21.10 -25.56
CA ASN C 108 -12.06 20.49 -26.86
C ASN C 108 -11.39 21.28 -28.00
N GLU C 109 -11.65 20.86 -29.23
CA GLU C 109 -11.01 21.50 -30.39
C GLU C 109 -11.46 22.95 -30.57
N GLN C 110 -12.72 23.23 -30.26
CA GLN C 110 -13.21 24.61 -30.23
C GLN C 110 -12.40 25.47 -29.26
N ARG C 111 -12.38 25.08 -28.00
CA ARG C 111 -11.64 25.80 -26.96
C ARG C 111 -10.15 25.84 -27.25
N MET C 112 -9.65 24.80 -27.93
CA MET C 112 -8.24 24.73 -28.27
C MET C 112 -7.85 25.87 -29.21
N THR C 113 -8.87 26.48 -29.83
CA THR C 113 -8.69 27.55 -30.82
C THR C 113 -8.63 28.93 -30.16
N LEU C 114 -9.18 29.05 -28.95
CA LEU C 114 -9.17 30.32 -28.23
C LEU C 114 -7.76 30.92 -28.19
N PRO C 115 -7.66 32.25 -28.33
CA PRO C 115 -6.34 32.88 -28.40
C PRO C 115 -5.43 32.48 -27.24
N CYS C 116 -4.20 32.12 -27.58
CA CYS C 116 -3.16 31.74 -26.61
C CYS C 116 -3.32 30.33 -26.04
N MET C 117 -4.44 29.67 -26.36
CA MET C 117 -4.71 28.36 -25.76
C MET C 117 -3.78 27.25 -26.30
N TYR C 118 -3.60 27.18 -27.61
CA TYR C 118 -2.83 26.07 -28.19
C TYR C 118 -1.36 26.10 -27.84
N ASP C 119 -0.74 27.28 -27.92
CA ASP C 119 0.70 27.40 -27.65
C ASP C 119 1.10 26.84 -26.29
N GLN C 120 0.16 26.81 -25.35
CA GLN C 120 0.39 26.19 -24.04
C GLN C 120 0.00 24.72 -24.05
N CYS C 121 -1.25 24.45 -24.43
CA CYS C 121 -1.82 23.09 -24.39
C CYS C 121 -1.04 22.07 -25.21
N LYS C 122 -0.50 22.52 -26.33
CA LYS C 122 0.32 21.70 -27.21
C LYS C 122 1.32 20.84 -26.43
N HIS C 123 1.99 21.46 -25.46
CA HIS C 123 2.97 20.75 -24.65
C HIS C 123 2.28 19.76 -23.72
N MET C 124 1.08 20.08 -23.28
CA MET C 124 0.30 19.18 -22.44
C MET C 124 -0.17 17.97 -23.23
N LEU C 125 -0.63 18.23 -24.45
CA LEU C 125 -1.05 17.16 -25.36
C LEU C 125 0.07 16.16 -25.62
N TYR C 126 1.30 16.66 -25.72
CA TYR C 126 2.46 15.80 -25.93
C TYR C 126 2.52 14.68 -24.89
N VAL C 127 2.15 15.01 -23.66
CA VAL C 127 2.15 14.06 -22.56
C VAL C 127 1.13 12.94 -22.79
N SER C 128 -0.09 13.34 -23.14
CA SER C 128 -1.18 12.37 -23.33
C SER C 128 -0.94 11.48 -24.54
N SER C 129 -0.32 12.02 -25.59
CA SER C 129 -0.10 11.24 -26.80
C SER C 129 1.10 10.29 -26.64
N GLU C 130 1.99 10.60 -25.70
CA GLU C 130 3.12 9.73 -25.40
C GLU C 130 2.67 8.55 -24.56
N LEU C 131 1.74 8.80 -23.65
CA LEU C 131 1.16 7.74 -22.83
C LEU C 131 0.37 6.80 -23.72
N HIS C 132 -0.38 7.39 -24.65
CA HIS C 132 -1.15 6.62 -25.60
C HIS C 132 -0.21 5.80 -26.49
N ARG C 133 0.80 6.49 -27.01
CA ARG C 133 1.79 5.87 -27.89
C ARG C 133 2.40 4.64 -27.26
N LEU C 134 2.74 4.74 -25.98
CA LEU C 134 3.40 3.65 -25.27
C LEU C 134 2.40 2.74 -24.57
N GLN C 135 1.11 3.10 -24.64
CA GLN C 135 0.06 2.36 -23.96
C GLN C 135 0.46 2.06 -22.51
N VAL C 136 0.89 3.11 -21.82
CA VAL C 136 1.30 3.03 -20.42
C VAL C 136 0.19 2.46 -19.55
N SER C 137 0.56 1.59 -18.62
CA SER C 137 -0.41 0.97 -17.72
C SER C 137 -0.48 1.77 -16.43
N TYR C 138 -1.54 1.57 -15.66
CA TYR C 138 -1.75 2.34 -14.44
C TYR C 138 -0.60 2.21 -13.45
N GLU C 139 -0.15 0.99 -13.20
CA GLU C 139 0.92 0.78 -12.23
C GLU C 139 2.24 1.41 -12.67
N GLU C 140 2.54 1.32 -13.96
CA GLU C 140 3.68 2.05 -14.54
C GLU C 140 3.52 3.55 -14.32
N TYR C 141 2.32 4.05 -14.60
CA TYR C 141 2.02 5.47 -14.43
C TYR C 141 2.27 5.92 -13.00
N LEU C 142 1.72 5.17 -12.05
CA LEU C 142 1.87 5.47 -10.62
C LEU C 142 3.33 5.57 -10.22
N CYS C 143 4.14 4.61 -10.63
CA CYS C 143 5.55 4.61 -10.29
C CYS C 143 6.27 5.79 -10.93
N MET C 144 5.91 6.09 -12.18
CA MET C 144 6.50 7.21 -12.90
C MET C 144 6.22 8.53 -12.20
N LYS C 145 4.99 8.70 -11.71
CA LYS C 145 4.61 9.95 -11.07
C LYS C 145 5.43 10.20 -9.81
N VAL C 146 5.69 9.15 -9.04
CA VAL C 146 6.58 9.26 -7.89
C VAL C 146 7.96 9.73 -8.35
N LEU C 147 8.44 9.13 -9.44
CA LEU C 147 9.77 9.46 -9.96
C LEU C 147 9.86 10.91 -10.43
N LEU C 148 8.74 11.48 -10.86
CA LEU C 148 8.71 12.88 -11.29
C LEU C 148 8.93 13.84 -10.12
N LEU C 149 8.34 13.51 -8.97
CA LEU C 149 8.55 14.26 -7.74
C LEU C 149 10.02 14.24 -7.33
N LEU C 150 10.74 13.23 -7.80
CA LEU C 150 12.14 13.03 -7.45
C LEU C 150 13.05 13.26 -8.65
N SER C 151 12.60 14.08 -9.59
CA SER C 151 13.33 14.25 -10.85
C SER C 151 14.14 15.53 -10.91
N THR C 152 13.85 16.47 -10.02
CA THR C 152 14.50 17.78 -10.05
C THR C 152 14.94 18.24 -8.67
N ILE C 153 16.22 18.58 -8.55
CA ILE C 153 16.79 18.98 -7.28
C ILE C 153 17.65 20.25 -7.45
N PRO C 154 18.00 20.92 -6.33
CA PRO C 154 18.89 22.09 -6.44
C PRO C 154 20.24 21.70 -7.02
N LYS C 155 21.02 22.68 -7.48
CA LYS C 155 22.30 22.40 -8.13
C LYS C 155 23.27 21.64 -7.23
N ASP C 156 23.27 21.93 -5.93
CA ASP C 156 24.23 21.32 -5.03
C ASP C 156 23.63 20.21 -4.16
N GLY C 157 22.47 19.71 -4.57
CA GLY C 157 21.88 18.57 -3.92
C GLY C 157 20.92 18.92 -2.80
N LEU C 158 20.53 17.90 -2.06
CA LEU C 158 19.58 18.04 -0.96
C LEU C 158 20.28 17.82 0.37
N LYS C 159 19.64 18.23 1.46
CA LYS C 159 20.21 18.01 2.79
C LYS C 159 20.30 16.52 3.10
N SER C 160 19.35 15.75 2.59
CA SER C 160 19.35 14.29 2.75
C SER C 160 19.66 13.61 1.43
N GLN C 161 20.72 14.05 0.75
CA GLN C 161 21.03 13.57 -0.59
C GLN C 161 21.23 12.06 -0.64
N ALA C 162 22.03 11.52 0.28
CA ALA C 162 22.28 10.08 0.32
C ALA C 162 20.97 9.30 0.45
N LEU C 163 20.08 9.81 1.29
CA LEU C 163 18.78 9.17 1.51
C LEU C 163 17.88 9.35 0.29
N PHE C 164 17.97 10.51 -0.36
CA PHE C 164 17.18 10.78 -1.56
C PHE C 164 17.53 9.78 -2.67
N ASP C 165 18.81 9.63 -2.95
CA ASP C 165 19.28 8.71 -3.98
C ASP C 165 18.79 7.29 -3.74
N ALA C 166 18.71 6.91 -2.47
CA ALA C 166 18.23 5.58 -2.11
C ALA C 166 16.74 5.44 -2.37
N ILE C 167 15.98 6.49 -2.03
CA ILE C 167 14.55 6.48 -2.26
C ILE C 167 14.24 6.45 -3.75
N ARG C 168 14.91 7.33 -4.48
CA ARG C 168 14.71 7.41 -5.92
C ARG C 168 15.01 6.07 -6.58
N MET C 169 16.18 5.52 -6.27
CA MET C 169 16.59 4.24 -6.82
C MET C 169 15.55 3.15 -6.54
N THR C 170 15.01 3.15 -5.33
CA THR C 170 13.99 2.17 -4.99
C THR C 170 12.78 2.25 -5.90
N TYR C 171 12.33 3.47 -6.19
CA TYR C 171 11.16 3.64 -7.03
C TYR C 171 11.49 3.37 -8.50
N ILE C 172 12.74 3.55 -8.88
CA ILE C 172 13.19 3.14 -10.20
C ILE C 172 13.02 1.64 -10.34
N LYS C 173 13.40 0.91 -9.29
CA LYS C 173 13.24 -0.54 -9.29
C LYS C 173 11.77 -0.93 -9.26
N GLU C 174 10.95 -0.15 -8.56
CA GLU C 174 9.52 -0.40 -8.52
C GLU C 174 8.92 -0.27 -9.92
N LEU C 175 9.38 0.73 -10.67
CA LEU C 175 8.93 0.92 -12.05
C LEU C 175 9.29 -0.30 -12.88
N GLY C 176 10.53 -0.77 -12.71
CA GLY C 176 10.97 -2.00 -13.35
C GLY C 176 10.06 -3.16 -12.99
N LYS C 177 9.76 -3.29 -11.70
CA LYS C 177 8.83 -4.31 -11.21
C LYS C 177 7.50 -4.27 -11.95
N ALA C 178 6.93 -3.07 -12.07
CA ALA C 178 5.62 -2.91 -12.68
C ALA C 178 5.64 -3.32 -14.14
N ILE C 179 6.70 -2.95 -14.85
CA ILE C 179 6.89 -3.37 -16.24
C ILE C 179 6.81 -4.88 -16.35
N VAL C 180 7.54 -5.58 -15.48
CA VAL C 180 7.59 -7.03 -15.50
C VAL C 180 6.22 -7.67 -15.26
N LYS C 181 5.38 -7.05 -14.44
CA LYS C 181 4.09 -7.64 -14.10
C LYS C 181 2.95 -7.22 -15.04
N ARG C 182 3.30 -6.67 -16.20
CA ARG C 182 2.29 -6.28 -17.18
C ARG C 182 1.67 -7.49 -17.88
N GLU C 183 2.50 -8.36 -18.41
CA GLU C 183 2.03 -9.56 -19.09
C GLU C 183 3.10 -10.64 -19.13
N GLY C 184 4.36 -10.22 -19.05
CA GLY C 184 5.46 -11.15 -18.91
C GLY C 184 6.22 -11.49 -20.19
N ASN C 185 5.93 -10.78 -21.27
CA ASN C 185 6.68 -11.01 -22.51
C ASN C 185 8.10 -10.50 -22.41
N SER C 186 8.80 -10.90 -21.36
CA SER C 186 10.17 -10.47 -21.05
C SER C 186 10.91 -9.89 -22.25
N SER C 187 10.83 -10.62 -23.36
CA SER C 187 11.34 -10.23 -24.67
C SER C 187 11.62 -8.74 -24.83
N GLN C 188 10.63 -7.92 -24.45
CA GLN C 188 10.75 -6.48 -24.63
C GLN C 188 10.43 -5.66 -23.39
N ASN C 189 10.72 -6.22 -22.21
CA ASN C 189 10.61 -5.48 -20.96
C ASN C 189 11.68 -4.40 -20.85
N TRP C 190 12.93 -4.78 -21.09
CA TRP C 190 14.04 -3.82 -21.03
C TRP C 190 13.89 -2.72 -22.07
N GLN C 191 13.42 -3.08 -23.26
CA GLN C 191 13.04 -2.11 -24.28
C GLN C 191 12.07 -1.10 -23.70
N ARG C 192 11.02 -1.62 -23.08
CA ARG C 192 9.98 -0.79 -22.50
C ARG C 192 10.54 0.11 -21.39
N PHE C 193 11.39 -0.48 -20.56
CA PHE C 193 12.05 0.26 -19.49
C PHE C 193 12.79 1.45 -20.05
N TYR C 194 13.44 1.26 -21.18
CA TYR C 194 14.12 2.33 -21.88
C TYR C 194 13.15 3.42 -22.33
N GLN C 195 12.02 2.99 -22.91
CA GLN C 195 11.03 3.92 -23.44
C GLN C 195 10.37 4.75 -22.33
N LEU C 196 9.97 4.10 -21.24
CA LEU C 196 9.27 4.79 -20.17
C LEU C 196 10.18 5.77 -19.44
N THR C 197 11.43 5.39 -19.21
CA THR C 197 12.38 6.29 -18.58
C THR C 197 12.77 7.39 -19.56
N LYS C 198 12.68 7.08 -20.85
CA LYS C 198 12.90 8.08 -21.89
C LYS C 198 11.81 9.13 -21.84
N LEU C 199 10.59 8.68 -21.61
CA LEU C 199 9.46 9.59 -21.46
C LEU C 199 9.65 10.49 -20.23
N LEU C 200 10.18 9.90 -19.14
CA LEU C 200 10.41 10.66 -17.93
C LEU C 200 11.38 11.80 -18.19
N ASP C 201 12.47 11.50 -18.89
CA ASP C 201 13.43 12.52 -19.30
C ASP C 201 12.76 13.62 -20.11
N SER C 202 11.83 13.24 -20.99
CA SER C 202 11.18 14.19 -21.86
C SER C 202 10.22 15.10 -21.09
N MET C 203 9.83 14.69 -19.88
CA MET C 203 8.94 15.52 -19.06
C MET C 203 9.62 16.80 -18.61
N HIS C 204 10.95 16.79 -18.56
CA HIS C 204 11.69 18.01 -18.25
C HIS C 204 11.41 19.09 -19.29
N GLU C 205 11.44 18.72 -20.57
CA GLU C 205 11.14 19.66 -21.65
C GLU C 205 9.71 20.17 -21.56
N VAL C 206 8.77 19.25 -21.39
CA VAL C 206 7.36 19.60 -21.21
C VAL C 206 7.21 20.66 -20.13
N VAL C 207 7.90 20.45 -19.02
CA VAL C 207 7.81 21.34 -17.87
C VAL C 207 8.43 22.70 -18.14
N GLU C 208 9.61 22.70 -18.75
CA GLU C 208 10.29 23.96 -19.11
C GLU C 208 9.35 24.85 -19.91
N ASN C 209 8.70 24.27 -20.91
CA ASN C 209 7.78 25.01 -21.76
C ASN C 209 6.53 25.48 -21.00
N LEU C 210 5.99 24.62 -20.14
CA LEU C 210 4.80 24.98 -19.39
C LEU C 210 5.08 26.04 -18.31
N LEU C 211 6.20 25.90 -17.61
CA LEU C 211 6.60 26.88 -16.61
C LEU C 211 6.84 28.24 -17.26
N ASN C 212 7.39 28.21 -18.47
CA ASN C 212 7.62 29.41 -19.25
C ASN C 212 6.33 30.18 -19.47
N TYR C 213 5.23 29.48 -19.75
CA TYR C 213 3.93 30.12 -19.89
C TYR C 213 3.33 30.46 -18.54
N CYS C 214 3.59 29.63 -17.54
CA CYS C 214 3.14 29.90 -16.19
C CYS C 214 3.73 31.22 -15.71
N PHE C 215 5.02 31.41 -15.95
CA PHE C 215 5.74 32.59 -15.51
C PHE C 215 5.24 33.87 -16.19
N GLN C 216 5.11 33.81 -17.51
CA GLN C 216 4.68 34.97 -18.30
C GLN C 216 3.26 35.40 -17.96
N THR C 217 2.36 34.43 -17.86
CA THR C 217 0.97 34.73 -17.51
C THR C 217 0.87 35.27 -16.09
N PHE C 218 1.84 34.93 -15.26
CA PHE C 218 1.89 35.40 -13.88
C PHE C 218 2.36 36.84 -13.82
N LEU C 219 3.17 37.24 -14.80
CA LEU C 219 3.72 38.59 -14.83
C LEU C 219 2.90 39.52 -15.75
N ASP C 220 2.23 38.94 -16.74
CA ASP C 220 1.43 39.72 -17.68
C ASP C 220 0.15 40.22 -17.01
N LYS C 221 0.10 41.52 -16.73
CA LYS C 221 -1.00 42.08 -15.98
C LYS C 221 -2.07 42.80 -16.81
N THR C 222 -2.03 42.68 -18.13
CA THR C 222 -3.15 43.15 -18.95
C THR C 222 -4.13 42.01 -19.15
N MET C 223 -3.64 40.92 -19.76
CA MET C 223 -4.39 39.67 -19.79
C MET C 223 -4.81 39.35 -18.37
N SER C 224 -3.85 39.53 -17.46
CA SER C 224 -4.03 39.39 -16.02
C SER C 224 -4.87 38.17 -15.63
N ILE C 225 -4.31 36.98 -15.85
CA ILE C 225 -4.90 35.74 -15.36
C ILE C 225 -4.62 35.64 -13.87
N GLU C 226 -5.55 35.09 -13.11
CA GLU C 226 -5.40 35.03 -11.67
C GLU C 226 -4.90 33.68 -11.14
N PHE C 227 -4.16 33.74 -10.04
CA PHE C 227 -3.61 32.55 -9.37
C PHE C 227 -4.07 32.53 -7.92
N PRO C 228 -4.23 31.32 -7.35
CA PRO C 228 -4.56 31.21 -5.93
C PRO C 228 -3.33 31.47 -5.06
N GLU C 229 -3.53 31.89 -3.81
CA GLU C 229 -2.43 32.18 -2.90
C GLU C 229 -1.34 31.12 -2.90
N MET C 230 -1.75 29.87 -2.71
CA MET C 230 -0.88 28.71 -2.67
C MET C 230 0.09 28.65 -3.85
N LEU C 231 -0.46 28.73 -5.04
CA LEU C 231 0.33 28.63 -6.26
C LEU C 231 1.18 29.88 -6.49
N ALA C 232 0.61 31.04 -6.20
CA ALA C 232 1.32 32.30 -6.36
C ALA C 232 2.62 32.31 -5.55
N GLU C 233 2.56 31.87 -4.31
CA GLU C 233 3.76 31.81 -3.47
C GLU C 233 4.82 30.88 -4.06
N ILE C 234 4.42 29.69 -4.46
CA ILE C 234 5.35 28.73 -5.07
C ILE C 234 6.02 29.34 -6.29
N ILE C 235 5.23 29.98 -7.14
CA ILE C 235 5.73 30.57 -8.37
C ILE C 235 6.73 31.69 -8.08
N THR C 236 6.39 32.57 -7.14
CA THR C 236 7.25 33.69 -6.80
C THR C 236 8.58 33.24 -6.21
N ASN C 237 8.55 32.25 -5.33
CA ASN C 237 9.79 31.74 -4.74
C ASN C 237 10.62 30.96 -5.75
N GLN C 238 9.97 30.43 -6.78
CA GLN C 238 10.67 29.54 -7.71
C GLN C 238 11.40 30.25 -8.83
N ILE C 239 10.77 31.26 -9.44
CA ILE C 239 11.40 32.04 -10.50
C ILE C 239 12.85 32.46 -10.15
N PRO C 240 13.11 32.96 -8.92
CA PRO C 240 14.47 33.30 -8.51
C PRO C 240 15.47 32.16 -8.67
N LYS C 241 15.03 30.93 -8.44
CA LYS C 241 15.91 29.78 -8.55
C LYS C 241 16.28 29.50 -10.00
N TYR C 242 15.32 29.72 -10.91
CA TYR C 242 15.60 29.59 -12.34
C TYR C 242 16.51 30.74 -12.78
N SER C 243 16.36 31.89 -12.13
CA SER C 243 17.22 33.03 -12.38
C SER C 243 18.69 32.69 -12.08
N ASN C 244 18.97 32.25 -10.86
CA ASN C 244 20.32 31.86 -10.47
C ASN C 244 20.78 30.55 -11.10
N GLY C 245 19.90 29.89 -11.84
CA GLY C 245 20.22 28.61 -12.44
C GLY C 245 20.39 27.52 -11.39
N ASN C 246 19.77 27.73 -10.23
CA ASN C 246 19.82 26.77 -9.15
C ASN C 246 18.86 25.62 -9.39
N ILE C 247 19.24 24.74 -10.33
CA ILE C 247 18.41 23.60 -10.68
C ILE C 247 19.22 22.49 -11.31
N LYS C 248 18.91 21.26 -10.94
CA LYS C 248 19.54 20.09 -11.54
C LYS C 248 18.47 19.08 -11.93
N LYS C 249 18.32 18.89 -13.24
CA LYS C 249 17.33 17.95 -13.76
C LYS C 249 17.94 16.56 -13.92
N LEU C 250 17.44 15.61 -13.13
CA LEU C 250 17.96 14.25 -13.18
C LEU C 250 17.51 13.55 -14.47
N LEU C 251 18.43 12.82 -15.09
CA LEU C 251 18.17 12.19 -16.37
C LEU C 251 18.46 10.69 -16.32
N PHE C 252 17.56 9.90 -16.90
CA PHE C 252 17.79 8.46 -17.05
C PHE C 252 18.73 8.18 -18.21
N HIS C 253 18.61 8.97 -19.26
CA HIS C 253 19.48 8.84 -20.42
C HIS C 253 20.00 10.21 -20.83
N GLN C 254 21.31 10.38 -20.78
CA GLN C 254 21.92 11.66 -21.12
C GLN C 254 22.52 11.62 -22.51
N LYS C 255 21.75 11.11 -23.47
CA LYS C 255 22.18 11.01 -24.85
C LYS C 255 22.26 12.39 -25.50
N LYS D 1 8.98 30.91 3.25
CA LYS D 1 8.01 31.51 2.34
C LYS D 1 6.76 30.68 2.20
N GLU D 2 6.71 29.88 1.13
CA GLU D 2 5.59 28.96 0.93
C GLU D 2 5.51 28.08 2.12
N ASN D 3 6.67 27.86 2.76
CA ASN D 3 6.77 27.06 3.95
C ASN D 3 5.63 27.38 4.91
N ALA D 4 5.19 28.62 4.90
CA ALA D 4 4.02 29.01 5.64
C ALA D 4 2.96 27.92 5.53
N LEU D 5 2.23 27.92 4.43
CA LEU D 5 1.22 26.90 4.22
C LEU D 5 1.86 25.59 3.78
N LEU D 6 2.87 25.67 2.91
CA LEU D 6 3.53 24.47 2.40
C LEU D 6 4.18 23.65 3.51
N ARG D 7 5.15 24.23 4.24
CA ARG D 7 5.81 23.52 5.35
C ARG D 7 4.81 23.06 6.39
N TYR D 8 3.83 23.91 6.69
CA TYR D 8 2.80 23.52 7.65
C TYR D 8 2.10 22.24 7.20
N LEU D 9 1.68 22.20 5.94
CA LEU D 9 0.99 21.03 5.41
C LEU D 9 1.86 19.78 5.43
N LEU D 10 3.18 19.95 5.37
CA LEU D 10 4.10 18.82 5.39
C LEU D 10 4.46 18.39 6.81
N ASP D 11 4.65 19.37 7.69
CA ASP D 11 5.23 19.12 9.01
C ASP D 11 4.21 18.83 10.09
N LYS D 12 2.92 18.90 9.76
CA LYS D 12 1.90 18.67 10.77
C LYS D 12 1.60 17.18 10.97
N ASP D 13 0.96 16.85 12.09
CA ASP D 13 0.74 15.47 12.49
C ASP D 13 -0.54 14.86 11.91
N ASP D 14 -0.95 15.34 10.74
CA ASP D 14 -2.15 14.79 10.09
C ASP D 14 -1.95 13.33 9.70
N ALA E 1 32.13 19.26 -36.54
CA ALA E 1 31.56 19.17 -35.20
C ALA E 1 32.64 18.92 -34.16
N THR E 2 32.23 18.50 -32.97
CA THR E 2 33.17 18.21 -31.89
C THR E 2 33.61 16.75 -31.95
N LEU E 3 34.81 16.54 -32.47
CA LEU E 3 35.44 15.24 -32.68
C LEU E 3 35.00 14.20 -31.66
N PRO E 4 34.38 13.11 -32.14
CA PRO E 4 33.81 12.02 -31.33
C PRO E 4 34.80 11.39 -30.37
N GLN E 5 35.85 10.77 -30.91
CA GLN E 5 36.84 10.04 -30.11
C GLN E 5 37.34 10.82 -28.90
N LEU E 6 37.27 12.14 -28.98
CA LEU E 6 37.64 12.99 -27.86
C LEU E 6 36.68 12.82 -26.68
N THR E 7 35.71 11.94 -26.84
CA THR E 7 34.86 11.57 -25.72
C THR E 7 35.81 10.85 -24.72
N PRO E 8 36.03 9.50 -24.79
CA PRO E 8 35.53 8.36 -25.56
C PRO E 8 34.53 7.47 -24.82
N THR E 9 33.99 6.51 -25.57
CA THR E 9 33.08 5.52 -25.04
C THR E 9 33.64 4.95 -23.74
N LEU E 10 32.78 4.82 -22.73
CA LEU E 10 33.19 4.23 -21.45
C LEU E 10 33.73 2.80 -21.65
N VAL E 11 33.54 2.28 -22.85
CA VAL E 11 34.08 0.98 -23.23
C VAL E 11 35.56 1.11 -23.59
N SER E 12 36.10 2.31 -23.46
CA SER E 12 37.49 2.55 -23.79
C SER E 12 38.34 2.53 -22.54
N LEU E 13 37.88 3.22 -21.50
CA LEU E 13 38.52 3.15 -20.19
C LEU E 13 38.58 1.69 -19.75
N LEU E 14 37.62 0.89 -20.21
CA LEU E 14 37.63 -0.54 -19.93
C LEU E 14 38.74 -1.22 -20.73
N GLU E 15 38.84 -0.83 -22.00
CA GLU E 15 39.80 -1.42 -22.92
C GLU E 15 41.22 -1.12 -22.49
N VAL E 16 41.38 -0.05 -21.73
CA VAL E 16 42.70 0.38 -21.32
C VAL E 16 43.10 -0.17 -19.95
N ILE E 17 42.10 -0.59 -19.17
CA ILE E 17 42.39 -1.19 -17.86
C ILE E 17 42.38 -2.71 -17.93
N GLU E 18 41.90 -3.26 -19.05
CA GLU E 18 41.91 -4.70 -19.25
C GLU E 18 43.32 -5.22 -18.98
N PRO E 19 43.43 -6.23 -18.10
CA PRO E 19 44.74 -6.80 -17.80
C PRO E 19 45.19 -7.72 -18.94
N GLU E 20 46.49 -7.76 -19.19
CA GLU E 20 47.01 -8.55 -20.30
C GLU E 20 47.16 -10.02 -19.93
N VAL E 21 47.07 -10.88 -20.93
CA VAL E 21 47.13 -12.33 -20.73
C VAL E 21 48.36 -12.75 -19.91
N LEU E 22 48.17 -13.72 -19.03
CA LEU E 22 49.25 -14.23 -18.21
C LEU E 22 49.75 -15.58 -18.71
N TYR E 23 51.07 -15.78 -18.64
CA TYR E 23 51.68 -17.04 -19.03
C TYR E 23 51.58 -18.05 -17.90
N ALA E 24 51.10 -19.25 -18.22
CA ALA E 24 50.94 -20.31 -17.23
C ALA E 24 52.26 -20.67 -16.53
N GLY E 25 53.35 -20.70 -17.29
CA GLY E 25 54.63 -21.15 -16.77
C GLY E 25 54.73 -22.67 -16.83
N TYR E 26 53.87 -23.26 -17.66
CA TYR E 26 53.78 -24.70 -17.81
C TYR E 26 55.04 -25.29 -18.46
N ASP E 27 55.48 -26.43 -17.95
CA ASP E 27 56.59 -27.15 -18.54
C ASP E 27 56.03 -28.32 -19.36
N SER E 28 56.18 -28.26 -20.67
CA SER E 28 55.61 -29.28 -21.55
C SER E 28 56.65 -30.29 -22.03
N SER E 29 57.88 -30.18 -21.53
CA SER E 29 58.91 -31.17 -21.81
C SER E 29 58.68 -32.42 -20.96
N VAL E 30 57.55 -32.46 -20.29
CA VAL E 30 57.13 -33.55 -19.43
C VAL E 30 55.71 -33.95 -19.80
N PRO E 31 55.38 -35.26 -19.77
CA PRO E 31 54.04 -35.72 -20.16
C PRO E 31 52.91 -35.01 -19.41
N ASP E 32 51.72 -35.00 -20.01
CA ASP E 32 50.56 -34.35 -19.42
C ASP E 32 49.79 -35.32 -18.54
N SER E 33 48.97 -34.76 -17.65
CA SER E 33 48.15 -35.55 -16.74
C SER E 33 47.03 -34.70 -16.19
N THR E 34 45.93 -35.33 -15.76
CA THR E 34 44.83 -34.61 -15.11
C THR E 34 45.39 -33.65 -14.08
N TRP E 35 45.93 -34.21 -13.00
CA TRP E 35 46.52 -33.45 -11.92
C TRP E 35 47.35 -32.27 -12.38
N ARG E 36 48.48 -32.57 -13.01
CA ARG E 36 49.42 -31.56 -13.50
C ARG E 36 48.74 -30.32 -14.05
N ILE E 37 47.78 -30.53 -14.95
CA ILE E 37 47.11 -29.43 -15.61
C ILE E 37 46.17 -28.69 -14.67
N MET E 38 45.24 -29.43 -14.06
CA MET E 38 44.35 -28.90 -13.02
C MET E 38 45.11 -27.98 -12.08
N THR E 39 46.03 -28.56 -11.32
CA THR E 39 46.86 -27.83 -10.38
C THR E 39 47.54 -26.63 -11.04
N THR E 40 48.04 -26.83 -12.26
CA THR E 40 48.67 -25.75 -13.01
C THR E 40 47.68 -24.63 -13.30
N LEU E 41 46.45 -25.00 -13.64
CA LEU E 41 45.41 -24.03 -13.93
C LEU E 41 45.01 -23.25 -12.68
N ASN E 42 44.89 -23.96 -11.56
CA ASN E 42 44.62 -23.31 -10.28
C ASN E 42 45.66 -22.24 -9.97
N MET E 43 46.94 -22.57 -10.21
CA MET E 43 48.02 -21.63 -10.02
C MET E 43 47.85 -20.44 -10.98
N LEU E 44 47.46 -20.76 -12.21
CA LEU E 44 47.16 -19.74 -13.19
C LEU E 44 46.03 -18.85 -12.68
N GLY E 45 44.92 -19.49 -12.30
CA GLY E 45 43.75 -18.81 -11.78
C GLY E 45 44.10 -17.84 -10.66
N GLY E 46 44.99 -18.26 -9.77
CA GLY E 46 45.44 -17.43 -8.67
C GLY E 46 46.05 -16.14 -9.16
N ARG E 47 46.83 -16.22 -10.23
CA ARG E 47 47.47 -15.03 -10.78
C ARG E 47 46.47 -14.20 -11.59
N GLN E 48 45.60 -14.87 -12.32
CA GLN E 48 44.53 -14.18 -13.04
C GLN E 48 43.64 -13.39 -12.08
N VAL E 49 43.34 -13.98 -10.93
CA VAL E 49 42.50 -13.32 -9.94
C VAL E 49 43.18 -12.08 -9.38
N ILE E 50 44.47 -12.20 -9.06
CA ILE E 50 45.23 -11.08 -8.51
C ILE E 50 45.15 -9.88 -9.46
N ALA E 51 45.33 -10.17 -10.76
CA ALA E 51 45.17 -9.16 -11.79
C ALA E 51 43.73 -8.62 -11.75
N ALA E 52 42.75 -9.49 -11.94
CA ALA E 52 41.35 -9.08 -11.96
C ALA E 52 40.98 -8.13 -10.81
N VAL E 53 41.68 -8.25 -9.70
CA VAL E 53 41.45 -7.39 -8.55
C VAL E 53 41.88 -5.95 -8.81
N LYS E 54 43.04 -5.78 -9.45
CA LYS E 54 43.50 -4.44 -9.85
C LYS E 54 42.48 -3.86 -10.81
N TRP E 55 42.09 -4.69 -11.77
CA TRP E 55 41.12 -4.38 -12.80
C TRP E 55 39.84 -3.83 -12.18
N ALA E 56 39.17 -4.67 -11.40
CA ALA E 56 37.93 -4.28 -10.75
C ALA E 56 38.05 -2.94 -10.04
N LYS E 57 39.18 -2.69 -9.37
CA LYS E 57 39.38 -1.42 -8.69
C LYS E 57 39.68 -0.29 -9.66
N ALA E 58 40.05 -0.65 -10.89
CA ALA E 58 40.31 0.33 -11.94
C ALA E 58 39.07 0.51 -12.83
N ILE E 59 37.96 -0.11 -12.42
CA ILE E 59 36.69 0.06 -13.11
C ILE E 59 35.98 1.28 -12.56
N PRO E 60 35.88 2.33 -13.38
CA PRO E 60 35.36 3.65 -13.00
C PRO E 60 34.09 3.53 -12.16
N GLY E 61 34.25 3.69 -10.85
CA GLY E 61 33.13 3.63 -9.93
C GLY E 61 33.24 2.57 -8.85
N PHE E 62 34.07 1.55 -9.08
CA PHE E 62 34.13 0.40 -8.18
C PHE E 62 34.50 0.75 -6.74
N ARG E 63 35.74 1.19 -6.55
CA ARG E 63 36.27 1.58 -5.23
C ARG E 63 35.25 2.27 -4.33
N ASN E 64 34.46 3.14 -4.93
CA ASN E 64 33.50 3.97 -4.21
C ASN E 64 32.47 3.16 -3.42
N LEU E 65 32.63 1.85 -3.40
CA LEU E 65 31.74 0.96 -2.66
C LEU E 65 32.36 0.61 -1.32
N HIS E 66 31.52 0.19 -0.38
CA HIS E 66 32.00 -0.27 0.93
C HIS E 66 33.02 -1.38 0.71
N LEU E 67 34.08 -1.39 1.52
CA LEU E 67 35.14 -2.39 1.39
C LEU E 67 34.57 -3.80 1.38
N ASP E 68 33.68 -4.10 2.33
CA ASP E 68 33.04 -5.40 2.44
C ASP E 68 32.29 -5.72 1.15
N ASP E 69 31.93 -4.68 0.40
CA ASP E 69 31.27 -4.84 -0.90
C ASP E 69 32.29 -5.15 -1.99
N GLN E 70 33.26 -4.26 -2.17
CA GLN E 70 34.32 -4.43 -3.16
C GLN E 70 35.00 -5.78 -3.02
N MET E 71 35.05 -6.24 -1.77
CA MET E 71 35.61 -7.53 -1.42
C MET E 71 34.65 -8.65 -1.80
N THR E 72 33.38 -8.43 -1.48
CA THR E 72 32.34 -9.40 -1.69
C THR E 72 32.03 -9.61 -3.18
N LEU E 73 32.23 -8.57 -3.98
CA LEU E 73 31.94 -8.67 -5.42
C LEU E 73 32.94 -9.59 -6.12
N LEU E 74 34.23 -9.28 -5.98
CA LEU E 74 35.27 -10.11 -6.57
C LEU E 74 35.21 -11.54 -6.04
N GLN E 75 34.79 -11.68 -4.78
CA GLN E 75 34.65 -13.00 -4.17
C GLN E 75 33.50 -13.81 -4.76
N TYR E 76 32.36 -13.18 -4.97
CA TYR E 76 31.22 -13.86 -5.58
C TYR E 76 31.45 -14.18 -7.05
N SER E 77 32.15 -13.30 -7.75
CA SER E 77 32.18 -13.37 -9.20
C SER E 77 33.51 -13.76 -9.86
N TRP E 78 34.53 -14.08 -9.07
CA TRP E 78 35.84 -14.40 -9.64
C TRP E 78 35.73 -15.52 -10.67
N MET E 79 34.93 -16.55 -10.37
CA MET E 79 34.79 -17.68 -11.28
C MET E 79 34.06 -17.29 -12.56
N ALA E 80 33.08 -16.40 -12.44
CA ALA E 80 32.38 -15.89 -13.62
C ALA E 80 33.34 -15.12 -14.52
N LEU E 81 34.18 -14.29 -13.92
CA LEU E 81 35.15 -13.50 -14.67
C LEU E 81 36.15 -14.40 -15.40
N MET E 82 36.74 -15.35 -14.69
CA MET E 82 37.76 -16.23 -15.26
C MET E 82 37.19 -17.05 -16.42
N ALA E 83 36.06 -17.72 -16.17
CA ALA E 83 35.39 -18.49 -17.22
C ALA E 83 35.10 -17.64 -18.45
N PHE E 84 34.45 -16.50 -18.24
CA PHE E 84 34.09 -15.61 -19.34
C PHE E 84 35.33 -15.14 -20.10
N ALA E 85 36.34 -14.68 -19.36
CA ALA E 85 37.59 -14.26 -19.97
C ALA E 85 38.22 -15.40 -20.76
N LEU E 86 38.14 -16.61 -20.19
CA LEU E 86 38.61 -17.81 -20.85
C LEU E 86 38.01 -17.92 -22.25
N GLY E 87 36.68 -17.96 -22.30
CA GLY E 87 35.95 -18.01 -23.56
C GLY E 87 36.49 -17.07 -24.61
N TRP E 88 36.50 -15.77 -24.30
CA TRP E 88 36.99 -14.76 -25.21
C TRP E 88 38.37 -15.09 -25.78
N ARG E 89 39.28 -15.54 -24.91
CA ARG E 89 40.60 -15.93 -25.35
C ARG E 89 40.53 -17.14 -26.29
N SER E 90 39.66 -18.09 -25.96
CA SER E 90 39.49 -19.29 -26.76
C SER E 90 38.93 -18.95 -28.13
N TYR E 91 37.81 -18.21 -28.14
CA TYR E 91 37.13 -17.81 -29.36
C TYR E 91 38.00 -16.94 -30.27
N ARG E 92 38.70 -15.97 -29.67
CA ARG E 92 39.49 -15.03 -30.44
C ARG E 92 40.82 -15.59 -30.94
N GLN E 93 41.47 -16.44 -30.16
CA GLN E 93 42.80 -16.93 -30.54
C GLN E 93 42.79 -18.36 -31.07
N SER E 94 41.89 -19.20 -30.58
CA SER E 94 41.65 -20.47 -31.25
C SER E 94 40.26 -20.42 -31.87
N SER E 95 39.90 -21.44 -32.64
CA SER E 95 38.56 -21.48 -33.22
C SER E 95 37.97 -22.86 -33.06
N ALA E 96 38.82 -23.87 -33.19
CA ALA E 96 38.42 -25.23 -32.91
C ALA E 96 37.93 -25.32 -31.47
N ASN E 97 37.29 -26.43 -31.12
CA ASN E 97 36.77 -26.59 -29.76
C ASN E 97 37.88 -26.80 -28.74
N LEU E 98 38.79 -25.82 -28.73
CA LEU E 98 39.92 -25.82 -27.80
C LEU E 98 39.63 -24.89 -26.63
N LEU E 99 40.67 -24.57 -25.88
CA LEU E 99 40.55 -23.69 -24.75
C LEU E 99 41.90 -23.00 -24.53
N TYR E 100 41.87 -21.68 -24.43
CA TYR E 100 43.09 -20.89 -24.31
C TYR E 100 43.29 -20.34 -22.88
N PHE E 101 43.84 -21.16 -22.00
CA PHE E 101 44.09 -20.71 -20.62
C PHE E 101 45.24 -19.70 -20.62
N ALA E 102 46.22 -19.93 -21.48
CA ALA E 102 47.37 -19.03 -21.63
C ALA E 102 48.10 -19.31 -22.95
N PRO E 103 49.03 -18.42 -23.36
CA PRO E 103 49.79 -18.67 -24.59
C PRO E 103 50.66 -19.91 -24.49
N ASP E 104 51.06 -20.25 -23.27
CA ASP E 104 51.94 -21.37 -23.00
C ASP E 104 51.19 -22.53 -22.36
N LEU E 105 49.88 -22.52 -22.50
CA LEU E 105 49.06 -23.61 -21.97
C LEU E 105 47.73 -23.64 -22.73
N ILE E 106 47.64 -24.56 -23.67
CA ILE E 106 46.46 -24.69 -24.50
C ILE E 106 45.94 -26.10 -24.42
N ILE E 107 44.67 -26.24 -24.09
CA ILE E 107 44.09 -27.57 -24.09
C ILE E 107 43.74 -27.90 -25.53
N ASN E 108 44.45 -28.87 -26.09
CA ASN E 108 44.22 -29.31 -27.44
C ASN E 108 43.34 -30.55 -27.43
N GLU E 109 42.88 -30.96 -28.60
CA GLU E 109 42.00 -32.10 -28.72
C GLU E 109 42.60 -33.36 -28.13
N GLN E 110 43.91 -33.31 -27.88
CA GLN E 110 44.60 -34.39 -27.21
C GLN E 110 44.34 -34.31 -25.71
N ARG E 111 44.86 -33.26 -25.08
CA ARG E 111 44.65 -33.04 -23.64
C ARG E 111 43.18 -33.07 -23.24
N MET E 112 42.30 -32.75 -24.19
CA MET E 112 40.87 -32.85 -23.97
C MET E 112 40.49 -34.29 -23.63
N THR E 113 41.28 -35.23 -24.16
CA THR E 113 41.01 -36.65 -23.96
C THR E 113 41.72 -37.20 -22.73
N LEU E 114 42.24 -36.30 -21.88
CA LEU E 114 42.80 -36.71 -20.60
C LEU E 114 41.66 -37.12 -19.66
N PRO E 115 41.94 -38.04 -18.70
CA PRO E 115 40.98 -38.72 -17.82
C PRO E 115 39.69 -37.97 -17.52
N CYS E 116 39.79 -36.85 -16.81
CA CYS E 116 38.61 -36.13 -16.37
C CYS E 116 38.58 -34.72 -16.93
N MET E 117 39.55 -34.45 -17.79
CA MET E 117 39.75 -33.13 -18.38
C MET E 117 38.47 -32.53 -18.97
N TYR E 118 37.68 -33.36 -19.64
CA TYR E 118 36.54 -32.85 -20.38
C TYR E 118 35.28 -32.62 -19.54
N ASP E 119 34.99 -33.50 -18.59
CA ASP E 119 33.82 -33.33 -17.70
C ASP E 119 33.77 -31.92 -17.11
N GLN E 120 34.93 -31.29 -17.01
CA GLN E 120 35.02 -29.92 -16.52
C GLN E 120 35.21 -28.93 -17.65
N CYS E 121 36.16 -29.18 -18.54
CA CYS E 121 36.38 -28.31 -19.70
C CYS E 121 35.11 -28.14 -20.53
N LYS E 122 34.13 -28.98 -20.23
CA LYS E 122 32.80 -28.92 -20.82
C LYS E 122 32.25 -27.50 -20.81
N HIS E 123 31.97 -27.01 -19.62
CA HIS E 123 31.31 -25.72 -19.44
C HIS E 123 32.15 -24.57 -19.99
N MET E 124 33.44 -24.57 -19.69
CA MET E 124 34.35 -23.55 -20.20
C MET E 124 34.23 -23.40 -21.72
N LEU E 125 34.24 -24.53 -22.42
CA LEU E 125 34.07 -24.55 -23.87
C LEU E 125 32.79 -23.87 -24.32
N TYR E 126 31.69 -24.18 -23.63
CA TYR E 126 30.40 -23.57 -23.92
C TYR E 126 30.51 -22.06 -24.07
N VAL E 127 30.94 -21.40 -23.00
CA VAL E 127 31.06 -19.95 -22.97
C VAL E 127 31.77 -19.43 -24.21
N SER E 128 32.83 -20.13 -24.61
CA SER E 128 33.57 -19.75 -25.80
C SER E 128 32.73 -19.90 -27.07
N SER E 129 31.83 -20.89 -27.09
CA SER E 129 30.99 -21.13 -28.26
C SER E 129 30.00 -19.98 -28.48
N GLU E 130 29.38 -19.51 -27.39
CA GLU E 130 28.46 -18.38 -27.47
C GLU E 130 29.16 -17.17 -28.06
N LEU E 131 30.31 -16.83 -27.49
CA LEU E 131 31.10 -15.70 -27.96
C LEU E 131 31.37 -15.77 -29.46
N HIS E 132 31.54 -16.99 -29.99
CA HIS E 132 31.70 -17.16 -31.42
C HIS E 132 30.36 -17.12 -32.13
N ARG E 133 29.38 -17.84 -31.60
CA ARG E 133 28.05 -17.88 -32.20
C ARG E 133 27.51 -16.47 -32.42
N LEU E 134 27.35 -15.72 -31.34
CA LEU E 134 26.81 -14.37 -31.40
C LEU E 134 27.83 -13.34 -31.90
N GLN E 135 29.02 -13.82 -32.29
CA GLN E 135 30.09 -12.94 -32.78
C GLN E 135 30.27 -11.71 -31.89
N VAL E 136 30.24 -11.94 -30.58
CA VAL E 136 30.36 -10.87 -29.60
C VAL E 136 31.62 -10.06 -29.85
N SER E 137 31.48 -8.73 -29.87
CA SER E 137 32.61 -7.85 -30.15
C SER E 137 33.38 -7.51 -28.88
N TYR E 138 34.65 -7.19 -29.05
CA TYR E 138 35.51 -6.85 -27.93
C TYR E 138 34.93 -5.71 -27.09
N GLU E 139 34.00 -4.95 -27.65
CA GLU E 139 33.33 -3.90 -26.89
C GLU E 139 32.18 -4.48 -26.08
N GLU E 140 31.43 -5.38 -26.70
CA GLU E 140 30.33 -6.06 -26.02
C GLU E 140 30.85 -6.91 -24.87
N TYR E 141 31.86 -7.72 -25.18
CA TYR E 141 32.50 -8.59 -24.21
C TYR E 141 32.99 -7.83 -22.98
N LEU E 142 33.65 -6.70 -23.22
CA LEU E 142 34.17 -5.87 -22.12
C LEU E 142 33.06 -5.41 -21.19
N CYS E 143 31.92 -5.05 -21.78
CA CYS E 143 30.79 -4.59 -21.00
C CYS E 143 30.17 -5.74 -20.23
N MET E 144 30.02 -6.88 -20.90
CA MET E 144 29.46 -8.07 -20.27
C MET E 144 30.33 -8.57 -19.13
N LYS E 145 31.65 -8.48 -19.32
CA LYS E 145 32.59 -8.92 -18.29
C LYS E 145 32.43 -8.07 -17.03
N VAL E 146 32.29 -6.77 -17.21
CA VAL E 146 32.00 -5.87 -16.10
C VAL E 146 30.69 -6.24 -15.42
N LEU E 147 29.65 -6.48 -16.22
CA LEU E 147 28.34 -6.82 -15.67
C LEU E 147 28.40 -8.12 -14.85
N LEU E 148 29.31 -9.01 -15.20
CA LEU E 148 29.50 -10.25 -14.48
C LEU E 148 30.08 -10.00 -13.10
N LEU E 149 30.98 -9.02 -13.01
CA LEU E 149 31.54 -8.59 -11.73
C LEU E 149 30.44 -8.03 -10.84
N LEU E 150 29.39 -7.52 -11.47
CA LEU E 150 28.28 -6.89 -10.78
C LEU E 150 27.01 -7.74 -10.82
N SER E 151 27.15 -9.05 -10.89
CA SER E 151 25.99 -9.90 -11.10
C SER E 151 25.57 -10.67 -9.85
N THR E 152 26.43 -10.69 -8.83
CA THR E 152 26.13 -11.46 -7.64
C THR E 152 26.43 -10.68 -6.37
N ILE E 153 25.46 -10.62 -5.45
CA ILE E 153 25.61 -9.88 -4.22
C ILE E 153 25.00 -10.66 -3.04
N PRO E 154 25.32 -10.26 -1.79
CA PRO E 154 24.80 -10.93 -0.60
C PRO E 154 23.27 -11.06 -0.58
N LYS E 155 22.77 -12.20 -0.10
CA LYS E 155 21.32 -12.48 -0.05
C LYS E 155 20.52 -11.36 0.62
N ASP E 156 21.21 -10.54 1.41
CA ASP E 156 20.57 -9.43 2.09
C ASP E 156 21.01 -8.12 1.46
N GLY E 157 21.33 -8.16 0.18
CA GLY E 157 21.89 -7.00 -0.51
C GLY E 157 23.18 -6.52 0.15
N LEU E 158 24.01 -5.80 -0.59
CA LEU E 158 25.24 -5.33 0.01
C LEU E 158 24.98 -4.02 0.77
N LYS E 159 25.98 -3.52 1.49
CA LYS E 159 25.79 -2.39 2.40
C LYS E 159 25.64 -1.05 1.70
N SER E 160 26.18 -0.95 0.49
CA SER E 160 26.10 0.28 -0.30
C SER E 160 25.32 0.04 -1.60
N GLN E 161 24.23 -0.73 -1.48
CA GLN E 161 23.45 -1.23 -2.61
C GLN E 161 23.06 -0.14 -3.62
N ALA E 162 23.06 1.11 -3.18
CA ALA E 162 22.58 2.22 -4.00
C ALA E 162 23.61 2.66 -5.05
N LEU E 163 24.85 2.86 -4.63
CA LEU E 163 25.90 3.25 -5.55
C LEU E 163 26.15 2.12 -6.54
N PHE E 164 26.10 0.90 -6.03
CA PHE E 164 26.22 -0.30 -6.83
C PHE E 164 25.21 -0.30 -7.97
N ASP E 165 23.93 -0.18 -7.61
CA ASP E 165 22.84 -0.15 -8.59
C ASP E 165 23.05 0.91 -9.67
N ALA E 166 23.56 2.08 -9.27
CA ALA E 166 23.85 3.14 -10.22
C ALA E 166 24.94 2.69 -11.17
N ILE E 167 25.98 2.05 -10.62
CA ILE E 167 27.10 1.56 -11.42
C ILE E 167 26.67 0.48 -12.38
N ARG E 168 25.93 -0.50 -11.86
CA ARG E 168 25.44 -1.59 -12.68
C ARG E 168 24.62 -1.07 -13.86
N MET E 169 23.63 -0.24 -13.56
CA MET E 169 22.77 0.33 -14.60
C MET E 169 23.59 1.06 -15.65
N THR E 170 24.67 1.72 -15.23
CA THR E 170 25.52 2.46 -16.15
C THR E 170 26.17 1.53 -17.19
N TYR E 171 26.63 0.37 -16.76
CA TYR E 171 27.28 -0.55 -17.68
C TYR E 171 26.27 -1.34 -18.50
N ILE E 172 25.05 -1.47 -17.97
CA ILE E 172 23.96 -2.04 -18.75
C ILE E 172 23.69 -1.13 -19.95
N LYS E 173 23.65 0.17 -19.70
CA LYS E 173 23.47 1.15 -20.76
C LYS E 173 24.69 1.15 -21.69
N GLU E 174 25.88 0.99 -21.11
CA GLU E 174 27.09 0.91 -21.92
C GLU E 174 27.05 -0.27 -22.87
N LEU E 175 26.56 -1.41 -22.39
CA LEU E 175 26.38 -2.58 -23.24
C LEU E 175 25.41 -2.28 -24.36
N GLY E 176 24.35 -1.55 -24.03
CA GLY E 176 23.39 -1.12 -25.03
C GLY E 176 24.07 -0.23 -26.04
N LYS E 177 24.87 0.71 -25.53
CA LYS E 177 25.66 1.57 -26.41
C LYS E 177 26.55 0.72 -27.31
N ALA E 178 27.34 -0.18 -26.74
CA ALA E 178 28.22 -1.05 -27.51
C ALA E 178 27.49 -1.74 -28.65
N ILE E 179 26.28 -2.24 -28.37
CA ILE E 179 25.47 -2.91 -29.38
C ILE E 179 25.13 -1.98 -30.55
N VAL E 180 24.55 -0.83 -30.21
CA VAL E 180 24.16 0.16 -31.21
C VAL E 180 25.34 0.62 -32.06
N LYS E 181 26.51 0.73 -31.44
CA LYS E 181 27.68 1.28 -32.13
C LYS E 181 28.33 0.30 -33.10
N ARG E 182 27.90 -0.97 -33.08
CA ARG E 182 28.48 -1.96 -33.98
C ARG E 182 28.19 -1.61 -35.44
N GLU E 183 27.12 -2.18 -35.99
CA GLU E 183 26.74 -1.90 -37.37
C GLU E 183 25.74 -0.77 -37.41
N GLY E 184 24.75 -0.83 -36.53
CA GLY E 184 23.73 0.19 -36.47
C GLY E 184 22.45 -0.22 -37.17
N ASN E 185 22.34 -1.49 -37.51
CA ASN E 185 21.11 -2.01 -38.11
C ASN E 185 20.00 -2.11 -37.08
N SER E 186 19.62 -0.96 -36.51
CA SER E 186 18.65 -0.83 -35.43
C SER E 186 17.61 -1.96 -35.32
N SER E 187 17.13 -2.43 -36.47
CA SER E 187 16.16 -3.53 -36.55
C SER E 187 16.27 -4.53 -35.41
N GLN E 188 17.44 -5.16 -35.29
CA GLN E 188 17.64 -6.20 -34.28
C GLN E 188 18.42 -5.76 -33.04
N ASN E 189 18.71 -4.46 -32.92
CA ASN E 189 19.47 -3.97 -31.76
C ASN E 189 18.97 -4.53 -30.44
N TRP E 190 17.67 -4.45 -30.19
CA TRP E 190 17.10 -4.97 -28.96
C TRP E 190 17.08 -6.49 -28.95
N GLN E 191 16.97 -7.08 -30.14
CA GLN E 191 17.07 -8.53 -30.25
C GLN E 191 18.38 -9.02 -29.65
N ARG E 192 19.47 -8.39 -30.06
CA ARG E 192 20.80 -8.76 -29.58
C ARG E 192 20.98 -8.44 -28.11
N PHE E 193 20.42 -7.33 -27.65
CA PHE E 193 20.47 -6.97 -26.24
C PHE E 193 19.84 -8.09 -25.42
N TYR E 194 18.74 -8.63 -25.93
CA TYR E 194 18.08 -9.73 -25.27
C TYR E 194 18.94 -10.99 -25.33
N GLN E 195 19.66 -11.16 -26.42
CA GLN E 195 20.52 -12.31 -26.60
C GLN E 195 21.71 -12.24 -25.66
N LEU E 196 22.34 -11.07 -25.61
CA LEU E 196 23.53 -10.87 -24.79
C LEU E 196 23.22 -10.92 -23.29
N THR E 197 22.12 -10.30 -22.88
CA THR E 197 21.74 -10.33 -21.47
C THR E 197 21.20 -11.71 -21.10
N LYS E 198 20.86 -12.50 -22.11
CA LYS E 198 20.45 -13.88 -21.89
C LYS E 198 21.68 -14.69 -21.52
N LEU E 199 22.75 -14.50 -22.28
CA LEU E 199 24.01 -15.19 -22.02
C LEU E 199 24.54 -14.83 -20.63
N LEU E 200 24.28 -13.61 -20.17
CA LEU E 200 24.75 -13.18 -18.86
C LEU E 200 24.04 -13.95 -17.75
N ASP E 201 22.72 -14.03 -17.83
CA ASP E 201 21.94 -14.77 -16.85
C ASP E 201 22.41 -16.21 -16.71
N SER E 202 22.72 -16.83 -17.84
CA SER E 202 23.09 -18.23 -17.89
C SER E 202 24.49 -18.47 -17.32
N MET E 203 25.32 -17.43 -17.27
CA MET E 203 26.65 -17.57 -16.69
C MET E 203 26.55 -17.99 -15.23
N HIS E 204 25.46 -17.63 -14.57
CA HIS E 204 25.19 -18.08 -13.21
C HIS E 204 25.19 -19.60 -13.14
N GLU E 205 24.66 -20.23 -14.19
CA GLU E 205 24.61 -21.69 -14.26
C GLU E 205 26.00 -22.29 -14.41
N VAL E 206 26.76 -21.83 -15.40
CA VAL E 206 28.10 -22.35 -15.64
C VAL E 206 28.99 -22.10 -14.42
N VAL E 207 28.68 -21.07 -13.65
CA VAL E 207 29.44 -20.76 -12.44
C VAL E 207 29.06 -21.70 -11.30
N GLU E 208 27.78 -22.04 -11.22
CA GLU E 208 27.30 -23.01 -10.24
C GLU E 208 28.06 -24.32 -10.35
N ASN E 209 28.15 -24.81 -11.58
CA ASN E 209 28.82 -26.08 -11.85
C ASN E 209 30.32 -25.95 -11.64
N LEU E 210 30.95 -24.97 -12.29
CA LEU E 210 32.37 -24.75 -12.13
C LEU E 210 32.78 -24.62 -10.65
N LEU E 211 31.89 -24.07 -9.83
CA LEU E 211 32.21 -23.85 -8.42
C LEU E 211 32.12 -25.11 -7.57
N ASN E 212 31.08 -25.91 -7.74
CA ASN E 212 30.94 -27.12 -6.93
C ASN E 212 31.97 -28.19 -7.34
N TYR E 213 32.63 -27.97 -8.48
CA TYR E 213 33.73 -28.83 -8.89
C TYR E 213 35.06 -28.20 -8.45
N CYS E 214 35.03 -26.89 -8.25
CA CYS E 214 36.14 -26.19 -7.63
C CYS E 214 36.21 -26.59 -6.16
N PHE E 215 35.05 -26.60 -5.54
CA PHE E 215 34.92 -26.96 -4.12
C PHE E 215 35.28 -28.42 -3.88
N GLN E 216 34.94 -29.29 -4.84
CA GLN E 216 35.23 -30.71 -4.71
C GLN E 216 36.73 -30.98 -4.67
N THR E 217 37.43 -30.58 -5.72
CA THR E 217 38.86 -30.80 -5.80
C THR E 217 39.61 -30.10 -4.66
N PHE E 218 38.97 -29.11 -4.06
CA PHE E 218 39.55 -28.37 -2.95
C PHE E 218 39.40 -29.16 -1.64
N LEU E 219 38.32 -29.92 -1.52
CA LEU E 219 38.06 -30.70 -0.31
C LEU E 219 38.59 -32.14 -0.39
N ASP E 220 38.58 -32.72 -1.59
CA ASP E 220 39.02 -34.10 -1.77
C ASP E 220 40.52 -34.15 -2.02
N LYS E 221 41.28 -34.53 -0.99
CA LYS E 221 42.73 -34.52 -1.06
C LYS E 221 43.31 -35.75 -1.77
N THR E 222 42.49 -36.79 -1.97
CA THR E 222 42.96 -37.98 -2.68
C THR E 222 43.41 -37.61 -4.09
N MET E 223 42.71 -36.65 -4.68
CA MET E 223 43.16 -36.06 -5.93
C MET E 223 44.43 -35.27 -5.61
N SER E 224 45.37 -35.23 -6.54
CA SER E 224 46.64 -34.58 -6.26
C SER E 224 46.57 -33.05 -6.44
N ILE E 225 45.39 -32.55 -6.81
CA ILE E 225 45.21 -31.14 -7.20
C ILE E 225 45.42 -30.14 -6.06
N GLU E 226 46.21 -29.11 -6.34
CA GLU E 226 46.55 -28.09 -5.35
C GLU E 226 46.09 -26.70 -5.77
N PHE E 227 45.98 -25.81 -4.79
CA PHE E 227 45.53 -24.44 -5.02
C PHE E 227 46.53 -23.44 -4.42
N PRO E 228 46.70 -22.27 -5.06
CA PRO E 228 47.56 -21.23 -4.50
C PRO E 228 46.88 -20.56 -3.32
N GLU E 229 47.67 -19.90 -2.47
CA GLU E 229 47.15 -19.22 -1.28
C GLU E 229 45.96 -18.32 -1.62
N MET E 230 46.09 -17.56 -2.71
CA MET E 230 45.05 -16.60 -3.11
C MET E 230 43.69 -17.25 -3.29
N LEU E 231 43.61 -18.25 -4.15
CA LEU E 231 42.36 -18.94 -4.41
C LEU E 231 41.87 -19.67 -3.16
N ALA E 232 42.81 -20.28 -2.44
CA ALA E 232 42.47 -21.04 -1.25
C ALA E 232 41.71 -20.18 -0.26
N GLU E 233 42.14 -18.93 -0.09
CA GLU E 233 41.46 -18.03 0.83
C GLU E 233 40.04 -17.70 0.36
N ILE E 234 39.90 -17.34 -0.91
CA ILE E 234 38.59 -16.99 -1.44
C ILE E 234 37.66 -18.20 -1.39
N ILE E 235 38.19 -19.37 -1.71
CA ILE E 235 37.41 -20.59 -1.70
C ILE E 235 36.96 -20.99 -0.29
N THR E 236 37.85 -20.82 0.70
CA THR E 236 37.52 -21.19 2.07
C THR E 236 36.39 -20.34 2.64
N ASN E 237 36.30 -19.10 2.20
CA ASN E 237 35.21 -18.22 2.62
C ASN E 237 33.90 -18.50 1.93
N GLN E 238 33.97 -18.80 0.64
CA GLN E 238 32.78 -18.98 -0.16
C GLN E 238 32.10 -20.31 0.12
N ILE E 239 32.89 -21.37 0.30
CA ILE E 239 32.35 -22.70 0.63
C ILE E 239 31.22 -22.66 1.69
N PRO E 240 31.40 -21.84 2.76
CA PRO E 240 30.31 -21.63 3.72
C PRO E 240 29.05 -21.03 3.10
N LYS E 241 29.14 -19.81 2.59
CA LYS E 241 27.99 -19.08 2.07
C LYS E 241 27.16 -19.91 1.08
N TYR E 242 27.83 -20.75 0.30
CA TYR E 242 27.13 -21.61 -0.65
C TYR E 242 26.52 -22.84 0.03
N SER E 243 27.03 -23.20 1.20
CA SER E 243 26.37 -24.19 2.06
C SER E 243 25.64 -23.44 3.17
N ASN E 244 25.12 -22.27 2.80
CA ASN E 244 24.41 -21.39 3.71
C ASN E 244 23.15 -20.87 3.02
N GLY E 245 23.32 -20.32 1.83
CA GLY E 245 22.21 -19.79 1.06
C GLY E 245 22.29 -18.28 0.89
N ASN E 246 23.21 -17.66 1.63
CA ASN E 246 23.40 -16.22 1.59
C ASN E 246 23.98 -15.75 0.24
N ILE E 247 23.11 -15.67 -0.76
CA ILE E 247 23.52 -15.23 -2.09
C ILE E 247 22.32 -14.89 -2.98
N LYS E 248 22.37 -13.73 -3.63
CA LYS E 248 21.34 -13.38 -4.59
C LYS E 248 21.93 -13.08 -5.97
N LYS E 249 21.55 -13.93 -6.93
CA LYS E 249 22.06 -13.81 -8.28
C LYS E 249 21.18 -12.88 -9.12
N LEU E 250 21.69 -11.68 -9.37
CA LEU E 250 20.97 -10.68 -10.15
C LEU E 250 20.66 -11.20 -11.54
N LEU E 251 19.47 -10.88 -12.04
CA LEU E 251 19.03 -11.40 -13.33
C LEU E 251 18.40 -10.33 -14.20
N PHE E 252 18.57 -10.45 -15.50
CA PHE E 252 17.93 -9.56 -16.45
C PHE E 252 16.53 -10.08 -16.78
N HIS E 253 16.44 -11.39 -16.99
CA HIS E 253 15.18 -12.04 -17.32
C HIS E 253 14.86 -13.16 -16.36
N GLN E 254 13.81 -12.99 -15.55
CA GLN E 254 13.42 -14.01 -14.59
C GLN E 254 12.36 -14.95 -15.16
N LYS E 255 12.32 -15.06 -16.48
CA LYS E 255 11.36 -15.90 -17.18
C LYS E 255 11.14 -17.27 -16.53
N LYS F 1 36.67 -12.68 7.25
CA LYS F 1 37.47 -13.88 7.06
C LYS F 1 38.97 -13.58 7.15
N GLU F 2 39.77 -14.43 6.52
CA GLU F 2 41.20 -14.21 6.40
C GLU F 2 41.48 -13.39 5.13
N ASN F 3 40.44 -12.74 4.63
CA ASN F 3 40.47 -11.90 3.43
C ASN F 3 41.77 -11.16 3.20
N ALA F 4 42.43 -10.84 4.31
CA ALA F 4 43.77 -10.23 4.38
C ALA F 4 44.41 -10.05 3.02
N LEU F 5 44.70 -11.16 2.34
CA LEU F 5 45.36 -11.12 1.03
C LEU F 5 44.58 -10.26 0.03
N LEU F 6 43.33 -10.63 -0.23
CA LEU F 6 42.51 -9.88 -1.16
C LEU F 6 42.22 -8.49 -0.65
N ARG F 7 41.67 -8.41 0.55
CA ARG F 7 41.25 -7.16 1.13
C ARG F 7 42.41 -6.17 1.28
N TYR F 8 43.63 -6.71 1.33
CA TYR F 8 44.80 -5.87 1.23
C TYR F 8 44.85 -5.29 -0.17
N LEU F 9 44.76 -6.17 -1.16
CA LEU F 9 44.85 -5.77 -2.55
C LEU F 9 43.79 -4.74 -2.94
N LEU F 10 42.77 -4.60 -2.12
CA LEU F 10 41.69 -3.67 -2.39
C LEU F 10 41.91 -2.32 -1.71
N ASP F 11 42.10 -2.34 -0.40
CA ASP F 11 42.26 -1.13 0.40
C ASP F 11 43.55 -0.34 0.05
N LYS F 12 44.25 -0.74 -1.00
CA LYS F 12 45.57 -0.17 -1.31
C LYS F 12 45.58 0.83 -2.47
N ASP F 13 46.60 0.81 -3.33
CA ASP F 13 46.86 2.00 -4.18
C ASP F 13 47.92 1.99 -5.30
N ASP F 14 48.02 0.96 -6.13
CA ASP F 14 49.13 0.96 -7.09
C ASP F 14 48.72 1.24 -8.53
N ALA G 1 21.68 -1.59 4.96
CA ALA G 1 21.37 -0.39 5.73
C ALA G 1 20.24 0.40 5.07
N THR G 2 19.40 -0.30 4.31
CA THR G 2 18.27 0.33 3.63
C THR G 2 17.27 0.92 4.62
N LEU G 3 16.79 2.13 4.32
CA LEU G 3 15.77 2.78 5.14
C LEU G 3 14.62 1.83 5.42
N PRO G 4 14.31 1.62 6.71
CA PRO G 4 13.23 0.70 7.11
C PRO G 4 11.90 1.11 6.50
N GLN G 5 11.62 2.41 6.59
CA GLN G 5 10.37 3.01 6.13
C GLN G 5 10.02 2.65 4.69
N LEU G 6 10.98 2.07 3.98
CA LEU G 6 10.77 1.67 2.60
C LEU G 6 10.08 0.31 2.52
N THR G 7 10.11 -0.48 3.59
CA THR G 7 9.31 -1.68 3.55
C THR G 7 7.88 -1.23 3.36
N PRO G 8 7.07 -2.08 2.74
CA PRO G 8 5.66 -1.79 2.82
C PRO G 8 5.10 -2.68 3.91
N THR G 9 5.36 -2.30 5.16
CA THR G 9 4.85 -3.03 6.30
C THR G 9 3.33 -3.13 6.18
N LEU G 10 2.76 -4.18 6.75
CA LEU G 10 1.33 -4.34 6.70
C LEU G 10 0.63 -3.17 7.38
N VAL G 11 1.15 -2.75 8.54
CA VAL G 11 0.53 -1.66 9.27
C VAL G 11 0.50 -0.35 8.46
N SER G 12 1.56 -0.03 7.73
CA SER G 12 1.55 1.19 6.91
C SER G 12 0.53 1.09 5.79
N LEU G 13 0.31 -0.11 5.25
CA LEU G 13 -0.76 -0.30 4.27
C LEU G 13 -2.13 -0.16 4.94
N LEU G 14 -2.22 -0.60 6.19
CA LEU G 14 -3.45 -0.41 6.97
C LEU G 14 -3.72 1.07 7.18
N GLU G 15 -2.66 1.85 7.33
CA GLU G 15 -2.81 3.27 7.62
C GLU G 15 -3.43 4.01 6.46
N VAL G 16 -3.04 3.64 5.23
CA VAL G 16 -3.55 4.33 4.05
C VAL G 16 -4.90 3.79 3.57
N ILE G 17 -5.25 2.56 3.93
CA ILE G 17 -6.56 2.02 3.54
C ILE G 17 -7.62 2.34 4.58
N GLU G 18 -7.22 2.87 5.72
CA GLU G 18 -8.17 3.27 6.75
C GLU G 18 -9.14 4.30 6.17
N PRO G 19 -10.45 3.99 6.21
CA PRO G 19 -11.46 4.88 5.64
C PRO G 19 -11.60 6.18 6.41
N GLU G 20 -11.94 7.25 5.69
CA GLU G 20 -12.08 8.58 6.29
C GLU G 20 -13.40 8.71 7.05
N VAL G 21 -13.40 9.59 8.05
CA VAL G 21 -14.57 9.80 8.90
C VAL G 21 -15.75 10.33 8.08
N LEU G 22 -16.92 9.74 8.32
CA LEU G 22 -18.14 10.14 7.62
C LEU G 22 -18.97 11.08 8.47
N TYR G 23 -19.64 12.04 7.82
CA TYR G 23 -20.56 12.93 8.51
C TYR G 23 -21.92 12.27 8.64
N ALA G 24 -22.59 12.48 9.76
CA ALA G 24 -23.90 11.89 10.01
C ALA G 24 -24.99 12.59 9.19
N GLY G 25 -24.84 13.89 8.96
CA GLY G 25 -25.87 14.67 8.32
C GLY G 25 -27.00 14.96 9.28
N TYR G 26 -26.67 15.06 10.56
CA TYR G 26 -27.65 15.31 11.60
C TYR G 26 -28.08 16.78 11.62
N ASP G 27 -29.39 17.01 11.62
CA ASP G 27 -29.93 18.37 11.69
C ASP G 27 -30.10 18.80 13.14
N SER G 28 -29.20 19.65 13.62
CA SER G 28 -29.24 20.10 15.00
C SER G 28 -30.03 21.40 15.17
N SER G 29 -30.78 21.78 14.13
CA SER G 29 -31.65 22.94 14.22
C SER G 29 -32.98 22.50 14.85
N VAL G 30 -33.08 21.22 15.13
CA VAL G 30 -34.28 20.64 15.70
C VAL G 30 -33.94 19.89 17.00
N PRO G 31 -34.91 19.80 17.94
CA PRO G 31 -34.69 19.21 19.26
C PRO G 31 -34.25 17.75 19.22
N ASP G 32 -33.31 17.39 20.09
CA ASP G 32 -32.82 16.03 20.16
C ASP G 32 -33.87 15.08 20.71
N SER G 33 -33.79 13.83 20.26
CA SER G 33 -34.59 12.74 20.80
C SER G 33 -33.83 11.45 20.59
N THR G 34 -33.95 10.53 21.54
CA THR G 34 -33.26 9.25 21.44
C THR G 34 -33.59 8.57 20.12
N TRP G 35 -34.89 8.54 19.78
CA TRP G 35 -35.32 7.95 18.51
C TRP G 35 -34.55 8.49 17.33
N ARG G 36 -34.51 9.82 17.22
CA ARG G 36 -33.94 10.48 16.05
C ARG G 36 -32.42 10.32 15.97
N ILE G 37 -31.78 10.35 17.13
CA ILE G 37 -30.33 10.16 17.18
C ILE G 37 -29.97 8.76 16.70
N MET G 38 -30.57 7.77 17.35
CA MET G 38 -30.31 6.37 17.04
C MET G 38 -30.59 6.07 15.58
N THR G 39 -31.73 6.53 15.07
CA THR G 39 -32.07 6.33 13.66
C THR G 39 -31.00 6.94 12.76
N THR G 40 -30.51 8.12 13.12
CA THR G 40 -29.44 8.76 12.35
C THR G 40 -28.14 7.97 12.48
N LEU G 41 -27.90 7.41 13.66
CA LEU G 41 -26.70 6.59 13.86
C LEU G 41 -26.76 5.32 13.01
N ASN G 42 -27.94 4.68 12.96
CA ASN G 42 -28.10 3.49 12.13
C ASN G 42 -27.83 3.81 10.66
N MET G 43 -28.36 4.93 10.18
CA MET G 43 -28.14 5.37 8.81
C MET G 43 -26.64 5.56 8.56
N LEU G 44 -25.99 6.18 9.53
CA LEU G 44 -24.54 6.40 9.49
C LEU G 44 -23.78 5.07 9.51
N GLY G 45 -24.18 4.17 10.42
CA GLY G 45 -23.60 2.85 10.51
C GLY G 45 -23.67 2.07 9.20
N GLY G 46 -24.78 2.25 8.49
CA GLY G 46 -24.96 1.61 7.20
C GLY G 46 -23.89 2.02 6.20
N ARG G 47 -23.63 3.32 6.13
CA ARG G 47 -22.60 3.83 5.23
C ARG G 47 -21.21 3.38 5.68
N GLN G 48 -20.94 3.47 6.97
CA GLN G 48 -19.68 2.98 7.52
C GLN G 48 -19.43 1.52 7.19
N VAL G 49 -20.47 0.70 7.30
CA VAL G 49 -20.35 -0.73 6.99
C VAL G 49 -19.98 -0.95 5.52
N ILE G 50 -20.59 -0.17 4.63
CA ILE G 50 -20.28 -0.25 3.21
C ILE G 50 -18.82 0.14 2.99
N ALA G 51 -18.37 1.16 3.71
CA ALA G 51 -16.96 1.53 3.71
C ALA G 51 -16.11 0.41 4.30
N ALA G 52 -16.63 -0.26 5.32
CA ALA G 52 -15.88 -1.33 5.97
C ALA G 52 -15.65 -2.50 5.01
N VAL G 53 -16.59 -2.70 4.08
CA VAL G 53 -16.45 -3.77 3.10
C VAL G 53 -15.29 -3.52 2.14
N LYS G 54 -15.19 -2.31 1.59
CA LYS G 54 -14.09 -1.99 0.71
C LYS G 54 -12.76 -2.02 1.48
N TRP G 55 -12.81 -1.58 2.74
CA TRP G 55 -11.66 -1.68 3.64
C TRP G 55 -11.16 -3.12 3.76
N ALA G 56 -12.03 -4.00 4.26
CA ALA G 56 -11.67 -5.41 4.43
C ALA G 56 -11.13 -6.02 3.14
N LYS G 57 -11.70 -5.63 2.01
CA LYS G 57 -11.24 -6.14 0.71
C LYS G 57 -9.87 -5.58 0.34
N ALA G 58 -9.43 -4.56 1.06
CA ALA G 58 -8.11 -3.97 0.85
C ALA G 58 -7.06 -4.66 1.72
N ILE G 59 -7.52 -5.30 2.79
CA ILE G 59 -6.62 -6.05 3.67
C ILE G 59 -6.05 -7.24 2.90
N PRO G 60 -4.74 -7.21 2.65
CA PRO G 60 -4.05 -8.24 1.88
C PRO G 60 -4.35 -9.65 2.40
N GLY G 61 -4.91 -10.46 1.54
CA GLY G 61 -5.26 -11.83 1.87
C GLY G 61 -6.75 -12.06 1.97
N PHE G 62 -7.49 -11.04 2.38
CA PHE G 62 -8.92 -11.18 2.63
C PHE G 62 -9.66 -11.76 1.42
N ARG G 63 -9.51 -11.12 0.26
CA ARG G 63 -10.25 -11.53 -0.92
C ARG G 63 -9.86 -12.91 -1.44
N ASN G 64 -8.85 -13.53 -0.84
CA ASN G 64 -8.48 -14.89 -1.22
C ASN G 64 -9.17 -15.94 -0.36
N LEU G 65 -9.99 -15.50 0.59
CA LEU G 65 -10.85 -16.41 1.31
C LEU G 65 -12.03 -16.72 0.43
N HIS G 66 -12.66 -17.88 0.64
CA HIS G 66 -13.88 -18.20 -0.11
C HIS G 66 -14.86 -17.06 0.05
N LEU G 67 -15.60 -16.76 -1.00
CA LEU G 67 -16.58 -15.68 -0.97
C LEU G 67 -17.46 -15.75 0.28
N ASP G 68 -17.98 -16.94 0.57
CA ASP G 68 -18.87 -17.12 1.72
C ASP G 68 -18.17 -16.73 3.03
N ASP G 69 -16.87 -16.97 3.11
CA ASP G 69 -16.10 -16.63 4.30
C ASP G 69 -16.03 -15.11 4.50
N GLN G 70 -15.70 -14.40 3.42
CA GLN G 70 -15.63 -12.95 3.45
C GLN G 70 -16.94 -12.34 3.95
N MET G 71 -18.06 -12.91 3.51
CA MET G 71 -19.37 -12.44 3.94
C MET G 71 -19.60 -12.70 5.41
N THR G 72 -19.32 -13.93 5.83
CA THR G 72 -19.54 -14.36 7.20
C THR G 72 -18.68 -13.56 8.18
N LEU G 73 -17.45 -13.26 7.80
CA LEU G 73 -16.56 -12.47 8.65
C LEU G 73 -17.13 -11.08 8.90
N LEU G 74 -17.57 -10.42 7.83
CA LEU G 74 -18.11 -9.08 7.94
C LEU G 74 -19.46 -9.07 8.67
N GLN G 75 -20.24 -10.14 8.49
CA GLN G 75 -21.53 -10.26 9.17
C GLN G 75 -21.36 -10.47 10.68
N TYR G 76 -20.36 -11.26 11.06
CA TYR G 76 -20.08 -11.50 12.47
C TYR G 76 -19.48 -10.30 13.18
N SER G 77 -18.64 -9.55 12.48
CA SER G 77 -17.77 -8.60 13.15
C SER G 77 -18.07 -7.12 12.89
N TRP G 78 -19.09 -6.83 12.07
CA TRP G 78 -19.36 -5.44 11.70
C TRP G 78 -19.54 -4.58 12.95
N MET G 79 -20.29 -5.07 13.93
CA MET G 79 -20.49 -4.32 15.18
C MET G 79 -19.18 -4.12 15.94
N ALA G 80 -18.32 -5.14 15.95
CA ALA G 80 -17.02 -5.01 16.59
C ALA G 80 -16.20 -3.91 15.95
N LEU G 81 -16.18 -3.90 14.61
CA LEU G 81 -15.44 -2.88 13.86
C LEU G 81 -15.99 -1.47 14.12
N MET G 82 -17.30 -1.32 14.02
CA MET G 82 -17.93 -0.01 14.19
C MET G 82 -17.68 0.57 15.57
N ALA G 83 -17.78 -0.28 16.58
CA ALA G 83 -17.63 0.18 17.96
C ALA G 83 -16.18 0.55 18.25
N PHE G 84 -15.25 -0.25 17.74
CA PHE G 84 -13.83 -0.02 17.96
C PHE G 84 -13.38 1.31 17.33
N ALA G 85 -13.81 1.54 16.10
CA ALA G 85 -13.50 2.81 15.42
C ALA G 85 -14.16 3.98 16.14
N LEU G 86 -15.34 3.73 16.70
CA LEU G 86 -16.05 4.72 17.49
C LEU G 86 -15.27 5.06 18.76
N GLY G 87 -14.80 4.03 19.44
CA GLY G 87 -14.00 4.21 20.64
C GLY G 87 -12.75 5.01 20.35
N TRP G 88 -12.09 4.67 19.24
CA TRP G 88 -10.87 5.38 18.83
C TRP G 88 -11.12 6.85 18.54
N ARG G 89 -12.20 7.14 17.80
CA ARG G 89 -12.55 8.52 17.52
C ARG G 89 -12.86 9.25 18.82
N SER G 90 -13.60 8.60 19.71
CA SER G 90 -14.00 9.22 20.98
C SER G 90 -12.82 9.48 21.90
N TYR G 91 -11.83 8.59 21.84
CA TYR G 91 -10.64 8.66 22.67
C TYR G 91 -9.68 9.74 22.17
N ARG G 92 -9.63 9.92 20.86
CA ARG G 92 -8.67 10.84 20.26
C ARG G 92 -9.21 12.25 20.04
N GLN G 93 -10.53 12.39 20.01
CA GLN G 93 -11.11 13.70 19.77
C GLN G 93 -11.23 14.53 21.04
N SER G 94 -11.88 13.98 22.05
CA SER G 94 -11.96 14.67 23.34
C SER G 94 -11.34 13.82 24.44
N SER G 95 -11.42 14.31 25.67
CA SER G 95 -10.85 13.58 26.81
C SER G 95 -11.95 13.21 27.79
N ALA G 96 -13.07 13.92 27.71
CA ALA G 96 -14.22 13.61 28.56
C ALA G 96 -14.89 12.31 28.11
N ASN G 97 -15.87 11.87 28.89
CA ASN G 97 -16.58 10.63 28.59
C ASN G 97 -17.65 10.83 27.52
N LEU G 98 -17.20 11.21 26.34
CA LEU G 98 -18.12 11.51 25.23
C LEU G 98 -18.04 10.44 24.15
N LEU G 99 -18.88 10.56 23.12
CA LEU G 99 -18.87 9.64 22.00
C LEU G 99 -18.88 10.38 20.66
N TYR G 100 -17.84 10.16 19.87
CA TYR G 100 -17.65 10.90 18.64
C TYR G 100 -18.07 10.06 17.43
N PHE G 101 -19.38 9.87 17.28
CA PHE G 101 -19.91 9.09 16.17
C PHE G 101 -19.50 9.68 14.81
N ALA G 102 -19.53 11.00 14.74
CA ALA G 102 -19.15 11.74 13.54
C ALA G 102 -18.86 13.20 13.92
N PRO G 103 -18.24 13.98 13.01
CA PRO G 103 -17.97 15.39 13.32
C PRO G 103 -19.22 16.17 13.67
N ASP G 104 -20.36 15.77 13.09
CA ASP G 104 -21.60 16.48 13.27
C ASP G 104 -22.58 15.73 14.16
N LEU G 105 -22.11 14.69 14.85
CA LEU G 105 -22.96 13.97 15.77
C LEU G 105 -22.12 13.45 16.95
N ILE G 106 -22.14 14.24 18.02
CA ILE G 106 -21.42 13.90 19.23
C ILE G 106 -22.41 13.78 20.37
N ILE G 107 -22.35 12.68 21.11
CA ILE G 107 -23.19 12.54 22.29
C ILE G 107 -22.52 13.25 23.46
N ASN G 108 -22.87 14.51 23.65
CA ASN G 108 -22.37 15.27 24.81
C ASN G 108 -23.07 14.81 26.08
N GLU G 109 -22.66 15.35 27.23
CA GLU G 109 -23.21 14.90 28.50
C GLU G 109 -24.71 15.20 28.58
N GLN G 110 -25.16 16.21 27.86
CA GLN G 110 -26.58 16.54 27.82
C GLN G 110 -27.35 15.42 27.15
N ARG G 111 -27.09 15.21 25.86
CA ARG G 111 -27.68 14.11 25.11
C ARG G 111 -27.48 12.77 25.83
N MET G 112 -26.41 12.69 26.62
CA MET G 112 -26.09 11.47 27.35
C MET G 112 -27.14 11.17 28.42
N THR G 113 -27.94 12.18 28.76
CA THR G 113 -29.01 11.99 29.75
C THR G 113 -30.37 11.82 29.09
N LEU G 114 -30.39 11.74 27.76
CA LEU G 114 -31.62 11.45 27.02
C LEU G 114 -32.13 10.06 27.39
N PRO G 115 -33.45 9.85 27.30
CA PRO G 115 -34.06 8.57 27.69
C PRO G 115 -33.50 7.37 26.93
N CYS G 116 -32.98 6.38 27.67
CA CYS G 116 -32.48 5.12 27.13
C CYS G 116 -31.10 5.25 26.48
N MET G 117 -30.59 6.48 26.40
CA MET G 117 -29.33 6.72 25.72
C MET G 117 -28.15 6.06 26.43
N TYR G 118 -28.00 6.29 27.74
CA TYR G 118 -26.83 5.81 28.45
C TYR G 118 -26.75 4.29 28.56
N ASP G 119 -27.90 3.60 28.72
CA ASP G 119 -27.91 2.13 28.77
C ASP G 119 -27.16 1.53 27.59
N GLN G 120 -27.22 2.22 26.45
CA GLN G 120 -26.55 1.75 25.25
C GLN G 120 -25.16 2.34 25.11
N CYS G 121 -25.03 3.64 25.29
CA CYS G 121 -23.75 4.32 25.12
C CYS G 121 -22.73 3.88 26.15
N LYS G 122 -23.25 3.35 27.26
CA LYS G 122 -22.44 2.74 28.31
C LYS G 122 -21.37 1.81 27.76
N HIS G 123 -21.80 0.85 26.95
CA HIS G 123 -20.90 -0.16 26.42
C HIS G 123 -19.94 0.43 25.40
N MET G 124 -20.40 1.42 24.66
CA MET G 124 -19.55 2.13 23.71
C MET G 124 -18.47 2.95 24.40
N LEU G 125 -18.85 3.69 25.44
CA LEU G 125 -17.90 4.47 26.23
C LEU G 125 -16.79 3.61 26.82
N TYR G 126 -17.13 2.36 27.15
CA TYR G 126 -16.17 1.44 27.72
C TYR G 126 -14.93 1.27 26.86
N VAL G 127 -15.11 0.91 25.59
CA VAL G 127 -13.96 0.67 24.71
C VAL G 127 -13.12 1.94 24.57
N SER G 128 -13.79 3.09 24.46
CA SER G 128 -13.10 4.39 24.46
C SER G 128 -12.26 4.55 25.72
N SER G 129 -12.86 4.22 26.86
CA SER G 129 -12.16 4.28 28.15
C SER G 129 -10.89 3.44 28.14
N GLU G 130 -10.98 2.21 27.64
CA GLU G 130 -9.84 1.30 27.60
C GLU G 130 -8.72 1.80 26.68
N LEU G 131 -9.09 2.32 25.52
CA LEU G 131 -8.11 2.84 24.57
C LEU G 131 -7.31 3.96 25.22
N HIS G 132 -7.99 4.78 26.01
CA HIS G 132 -7.32 5.85 26.73
C HIS G 132 -6.43 5.31 27.84
N ARG G 133 -6.99 4.40 28.64
CA ARG G 133 -6.26 3.82 29.76
C ARG G 133 -4.94 3.20 29.33
N LEU G 134 -4.99 2.43 28.26
CA LEU G 134 -3.79 1.75 27.76
C LEU G 134 -2.99 2.63 26.82
N GLN G 135 -3.46 3.85 26.60
CA GLN G 135 -2.83 4.80 25.67
C GLN G 135 -2.40 4.10 24.39
N VAL G 136 -3.37 3.52 23.70
CA VAL G 136 -3.10 2.75 22.49
C VAL G 136 -2.62 3.65 21.35
N SER G 137 -1.54 3.23 20.69
CA SER G 137 -1.03 3.99 19.55
C SER G 137 -1.84 3.66 18.30
N TYR G 138 -1.73 4.52 17.30
CA TYR G 138 -2.49 4.36 16.06
C TYR G 138 -2.13 3.06 15.33
N GLU G 139 -0.84 2.70 15.36
CA GLU G 139 -0.40 1.47 14.72
C GLU G 139 -0.98 0.26 15.41
N GLU G 140 -0.97 0.28 16.74
CA GLU G 140 -1.55 -0.79 17.54
C GLU G 140 -3.03 -0.91 17.23
N TYR G 141 -3.70 0.24 17.21
CA TYR G 141 -5.12 0.31 16.90
C TYR G 141 -5.44 -0.33 15.54
N LEU G 142 -4.71 0.06 14.51
CA LEU G 142 -4.93 -0.47 13.16
C LEU G 142 -4.81 -1.99 13.13
N CYS G 143 -3.80 -2.53 13.81
CA CYS G 143 -3.63 -3.97 13.89
C CYS G 143 -4.78 -4.63 14.64
N MET G 144 -5.14 -4.07 15.79
CA MET G 144 -6.21 -4.62 16.61
C MET G 144 -7.55 -4.64 15.87
N LYS G 145 -7.81 -3.60 15.09
CA LYS G 145 -9.05 -3.52 14.32
C LYS G 145 -9.13 -4.66 13.32
N VAL G 146 -8.00 -4.96 12.66
CA VAL G 146 -7.96 -6.08 11.74
C VAL G 146 -8.28 -7.39 12.45
N LEU G 147 -7.71 -7.57 13.64
CA LEU G 147 -7.91 -8.81 14.39
C LEU G 147 -9.37 -9.00 14.80
N LEU G 148 -10.10 -7.90 15.01
CA LEU G 148 -11.52 -7.99 15.32
C LEU G 148 -12.31 -8.48 14.11
N LEU G 149 -11.89 -8.09 12.92
CA LEU G 149 -12.49 -8.60 11.69
C LEU G 149 -12.29 -10.12 11.61
N LEU G 150 -11.23 -10.59 12.26
CA LEU G 150 -10.85 -12.00 12.22
C LEU G 150 -11.08 -12.69 13.57
N SER G 151 -12.09 -12.24 14.32
CA SER G 151 -12.28 -12.73 15.67
C SER G 151 -13.44 -13.71 15.80
N THR G 152 -14.35 -13.70 14.83
CA THR G 152 -15.54 -14.52 14.92
C THR G 152 -15.77 -15.30 13.64
N ILE G 153 -15.99 -16.61 13.78
CA ILE G 153 -16.17 -17.49 12.63
C ILE G 153 -17.28 -18.51 12.95
N PRO G 154 -17.86 -19.14 11.91
CA PRO G 154 -18.90 -20.15 12.11
C PRO G 154 -18.46 -21.27 13.05
N LYS G 155 -19.41 -21.83 13.80
CA LYS G 155 -19.12 -22.92 14.74
C LYS G 155 -18.31 -24.05 14.08
N ASP G 156 -18.58 -24.31 12.81
CA ASP G 156 -17.89 -25.37 12.08
C ASP G 156 -16.73 -24.83 11.24
N GLY G 157 -16.21 -23.67 11.62
CA GLY G 157 -15.10 -23.08 10.90
C GLY G 157 -15.47 -22.55 9.52
N LEU G 158 -14.52 -21.89 8.87
CA LEU G 158 -14.73 -21.33 7.54
C LEU G 158 -14.42 -22.34 6.44
N LYS G 159 -14.71 -21.97 5.20
CA LYS G 159 -14.40 -22.85 4.07
C LYS G 159 -12.93 -22.76 3.70
N SER G 160 -12.32 -21.61 3.97
CA SER G 160 -10.89 -21.42 3.74
C SER G 160 -10.17 -21.27 5.09
N GLN G 161 -10.42 -22.21 5.99
CA GLN G 161 -9.94 -22.08 7.37
C GLN G 161 -8.43 -21.90 7.48
N ALA G 162 -7.67 -22.57 6.63
CA ALA G 162 -6.21 -22.51 6.69
C ALA G 162 -5.69 -21.15 6.26
N LEU G 163 -6.20 -20.65 5.15
CA LEU G 163 -5.80 -19.33 4.66
C LEU G 163 -6.16 -18.29 5.70
N PHE G 164 -7.36 -18.43 6.27
CA PHE G 164 -7.82 -17.56 7.34
C PHE G 164 -6.80 -17.54 8.47
N ASP G 165 -6.47 -18.72 8.99
CA ASP G 165 -5.54 -18.87 10.10
C ASP G 165 -4.19 -18.20 9.82
N ALA G 166 -3.76 -18.24 8.57
CA ALA G 166 -2.50 -17.60 8.19
C ALA G 166 -2.61 -16.08 8.30
N ILE G 167 -3.67 -15.53 7.74
CA ILE G 167 -3.91 -14.09 7.80
C ILE G 167 -3.99 -13.60 9.23
N ARG G 168 -4.77 -14.33 10.04
CA ARG G 168 -4.95 -13.97 11.44
C ARG G 168 -3.60 -13.97 12.16
N MET G 169 -2.81 -15.00 11.92
CA MET G 169 -1.50 -15.13 12.53
C MET G 169 -0.62 -13.95 12.15
N THR G 170 -0.66 -13.59 10.88
CA THR G 170 0.14 -12.50 10.37
C THR G 170 -0.15 -11.18 11.09
N TYR G 171 -1.42 -10.93 11.40
CA TYR G 171 -1.77 -9.68 12.05
C TYR G 171 -1.58 -9.74 13.56
N ILE G 172 -1.57 -10.94 14.13
CA ILE G 172 -1.16 -11.10 15.52
C ILE G 172 0.33 -10.74 15.64
N LYS G 173 1.11 -11.21 14.68
CA LYS G 173 2.53 -10.87 14.63
C LYS G 173 2.71 -9.39 14.34
N GLU G 174 1.91 -8.86 13.44
CA GLU G 174 1.98 -7.44 13.07
C GLU G 174 1.69 -6.55 14.27
N LEU G 175 0.70 -6.96 15.07
CA LEU G 175 0.38 -6.22 16.30
C LEU G 175 1.59 -6.24 17.22
N GLY G 176 2.25 -7.39 17.29
CA GLY G 176 3.47 -7.53 18.08
C GLY G 176 4.55 -6.59 17.58
N LYS G 177 4.70 -6.52 16.26
CA LYS G 177 5.69 -5.63 15.65
C LYS G 177 5.42 -4.18 16.04
N ALA G 178 4.14 -3.81 16.09
CA ALA G 178 3.74 -2.45 16.41
C ALA G 178 4.01 -2.11 17.88
N ILE G 179 3.92 -3.11 18.75
CA ILE G 179 4.18 -2.92 20.17
C ILE G 179 5.67 -2.68 20.44
N VAL G 180 6.51 -3.50 19.84
CA VAL G 180 7.96 -3.36 19.99
C VAL G 180 8.44 -2.08 19.32
N LYS G 181 7.68 -1.61 18.33
CA LYS G 181 8.06 -0.42 17.59
C LYS G 181 7.74 0.86 18.35
N ARG G 182 6.78 0.78 19.28
CA ARG G 182 6.36 1.93 20.07
C ARG G 182 7.53 2.58 20.80
N GLU G 183 7.71 2.22 22.06
CA GLU G 183 8.85 2.69 22.82
C GLU G 183 9.97 1.67 22.73
N GLY G 184 9.60 0.41 22.71
CA GLY G 184 10.56 -0.67 22.63
C GLY G 184 11.21 -0.97 23.97
N ASN G 185 10.64 -0.46 25.06
CA ASN G 185 11.16 -0.79 26.38
C ASN G 185 10.85 -2.26 26.69
N SER G 186 11.58 -3.13 25.99
CA SER G 186 11.36 -4.59 25.99
C SER G 186 10.79 -5.21 27.27
N SER G 187 11.06 -4.56 28.40
CA SER G 187 10.50 -4.96 29.69
C SER G 187 9.02 -5.33 29.56
N GLN G 188 8.18 -4.33 29.35
CA GLN G 188 6.74 -4.55 29.32
C GLN G 188 6.19 -4.90 27.93
N ASN G 189 7.07 -5.22 26.99
CA ASN G 189 6.61 -5.54 25.64
C ASN G 189 5.61 -6.69 25.61
N TRP G 190 5.93 -7.77 26.30
CA TRP G 190 4.98 -8.88 26.37
C TRP G 190 3.81 -8.54 27.28
N GLN G 191 4.08 -7.77 28.31
CA GLN G 191 3.03 -7.31 29.21
C GLN G 191 1.95 -6.56 28.46
N ARG G 192 2.36 -5.69 27.54
CA ARG G 192 1.40 -4.91 26.77
C ARG G 192 0.67 -5.76 25.75
N PHE G 193 1.39 -6.70 25.13
CA PHE G 193 0.77 -7.64 24.21
C PHE G 193 -0.38 -8.34 24.90
N TYR G 194 -0.15 -8.71 26.15
CA TYR G 194 -1.18 -9.33 26.97
C TYR G 194 -2.32 -8.36 27.25
N GLN G 195 -2.00 -7.09 27.45
CA GLN G 195 -3.01 -6.08 27.76
C GLN G 195 -3.87 -5.74 26.55
N LEU G 196 -3.26 -5.66 25.37
CA LEU G 196 -3.99 -5.35 24.14
C LEU G 196 -4.85 -6.54 23.69
N THR G 197 -4.27 -7.73 23.68
CA THR G 197 -5.01 -8.94 23.31
C THR G 197 -6.08 -9.25 24.36
N LYS G 198 -5.98 -8.59 25.50
CA LYS G 198 -6.97 -8.72 26.55
C LYS G 198 -8.18 -7.89 26.20
N LEU G 199 -7.92 -6.67 25.73
CA LEU G 199 -8.95 -5.77 25.25
C LEU G 199 -9.71 -6.40 24.08
N LEU G 200 -8.97 -7.07 23.20
CA LEU G 200 -9.59 -7.74 22.05
C LEU G 200 -10.58 -8.80 22.50
N ASP G 201 -10.17 -9.66 23.42
CA ASP G 201 -11.06 -10.68 23.97
C ASP G 201 -12.32 -10.08 24.55
N SER G 202 -12.17 -8.94 25.23
CA SER G 202 -13.29 -8.29 25.89
C SER G 202 -14.20 -7.53 24.93
N MET G 203 -13.81 -7.44 23.66
CA MET G 203 -14.67 -6.83 22.66
C MET G 203 -15.84 -7.75 22.34
N HIS G 204 -15.62 -9.05 22.43
CA HIS G 204 -16.70 -10.02 22.25
C HIS G 204 -17.90 -9.66 23.13
N GLU G 205 -17.61 -9.20 24.34
CA GLU G 205 -18.66 -8.89 25.30
C GLU G 205 -19.36 -7.55 25.01
N VAL G 206 -18.64 -6.56 24.51
CA VAL G 206 -19.28 -5.30 24.16
C VAL G 206 -20.15 -5.48 22.92
N VAL G 207 -19.79 -6.44 22.07
CA VAL G 207 -20.56 -6.72 20.86
C VAL G 207 -21.84 -7.46 21.20
N GLU G 208 -21.77 -8.37 22.17
CA GLU G 208 -22.96 -9.07 22.64
C GLU G 208 -24.01 -8.07 23.13
N ASN G 209 -23.57 -7.11 23.94
CA ASN G 209 -24.47 -6.08 24.47
C ASN G 209 -25.01 -5.16 23.38
N LEU G 210 -24.12 -4.72 22.50
CA LEU G 210 -24.51 -3.80 21.43
C LEU G 210 -25.44 -4.48 20.44
N LEU G 211 -25.24 -5.78 20.21
CA LEU G 211 -26.11 -6.51 19.30
C LEU G 211 -27.47 -6.77 19.92
N ASN G 212 -27.53 -6.86 21.25
CA ASN G 212 -28.81 -6.99 21.94
C ASN G 212 -29.69 -5.77 21.69
N TYR G 213 -29.13 -4.59 21.91
CA TYR G 213 -29.84 -3.34 21.65
C TYR G 213 -30.15 -3.18 20.16
N CYS G 214 -29.25 -3.67 19.31
CA CYS G 214 -29.45 -3.61 17.87
C CYS G 214 -30.62 -4.50 17.44
N PHE G 215 -30.57 -5.76 17.84
CA PHE G 215 -31.65 -6.71 17.51
C PHE G 215 -32.98 -6.24 18.08
N GLN G 216 -32.96 -5.83 19.35
CA GLN G 216 -34.17 -5.39 20.04
C GLN G 216 -34.84 -4.22 19.32
N THR G 217 -34.09 -3.14 19.10
CA THR G 217 -34.63 -1.98 18.41
C THR G 217 -35.05 -2.31 16.98
N PHE G 218 -34.38 -3.29 16.38
CA PHE G 218 -34.70 -3.69 15.01
C PHE G 218 -36.01 -4.47 14.97
N LEU G 219 -36.27 -5.26 16.01
CA LEU G 219 -37.48 -6.08 16.06
C LEU G 219 -38.66 -5.35 16.69
N ASP G 220 -38.39 -4.35 17.53
CA ASP G 220 -39.44 -3.64 18.25
C ASP G 220 -39.77 -2.29 17.60
N LYS G 221 -40.84 -2.29 16.82
CA LYS G 221 -41.28 -1.17 16.01
C LYS G 221 -42.03 -0.11 16.81
N THR G 222 -42.49 -0.45 18.01
CA THR G 222 -43.08 0.55 18.90
C THR G 222 -42.05 1.62 19.17
N MET G 223 -40.80 1.19 19.35
CA MET G 223 -39.68 2.11 19.29
C MET G 223 -39.65 2.60 17.85
N SER G 224 -39.48 3.90 17.64
CA SER G 224 -39.63 4.42 16.29
C SER G 224 -38.34 4.28 15.47
N ILE G 225 -37.32 3.63 16.04
CA ILE G 225 -36.00 3.56 15.41
C ILE G 225 -36.00 2.79 14.10
N GLU G 226 -35.33 3.35 13.09
CA GLU G 226 -35.28 2.74 11.76
C GLU G 226 -33.85 2.41 11.33
N PHE G 227 -33.75 1.42 10.43
CA PHE G 227 -32.47 0.97 9.92
C PHE G 227 -32.42 1.08 8.39
N PRO G 228 -31.23 1.33 7.83
CA PRO G 228 -31.05 1.35 6.38
C PRO G 228 -30.96 -0.06 5.83
N GLU G 229 -31.23 -0.22 4.53
CA GLU G 229 -31.21 -1.53 3.88
C GLU G 229 -29.94 -2.32 4.20
N MET G 230 -28.80 -1.64 4.19
CA MET G 230 -27.52 -2.29 4.42
C MET G 230 -27.47 -3.02 5.76
N LEU G 231 -27.89 -2.34 6.82
CA LEU G 231 -27.84 -2.95 8.14
C LEU G 231 -28.93 -3.98 8.31
N ALA G 232 -30.13 -3.67 7.81
CA ALA G 232 -31.27 -4.56 7.92
C ALA G 232 -30.96 -5.93 7.35
N GLU G 233 -30.35 -5.97 6.17
CA GLU G 233 -29.97 -7.23 5.53
C GLU G 233 -29.09 -8.08 6.45
N ILE G 234 -28.01 -7.47 6.95
CA ILE G 234 -27.09 -8.18 7.83
C ILE G 234 -27.76 -8.62 9.12
N ILE G 235 -28.60 -7.75 9.67
CA ILE G 235 -29.29 -8.03 10.93
C ILE G 235 -30.28 -9.18 10.77
N THR G 236 -30.97 -9.23 9.64
CA THR G 236 -31.93 -10.30 9.38
C THR G 236 -31.22 -11.65 9.25
N ASN G 237 -30.03 -11.64 8.66
CA ASN G 237 -29.24 -12.85 8.50
C ASN G 237 -28.74 -13.35 9.85
N GLN G 238 -28.38 -12.41 10.72
CA GLN G 238 -27.73 -12.76 11.98
C GLN G 238 -28.70 -13.09 13.12
N ILE G 239 -29.90 -12.51 13.10
CA ILE G 239 -30.86 -12.74 14.18
C ILE G 239 -31.12 -14.24 14.48
N PRO G 240 -31.22 -15.11 13.45
CA PRO G 240 -31.41 -16.53 13.77
C PRO G 240 -30.16 -17.20 14.34
N LYS G 241 -29.00 -16.92 13.77
CA LYS G 241 -27.74 -17.54 14.20
C LYS G 241 -27.53 -17.37 15.71
N TYR G 242 -27.64 -16.13 16.18
CA TYR G 242 -27.47 -15.85 17.60
C TYR G 242 -28.63 -16.42 18.44
N SER G 243 -29.38 -17.35 17.85
CA SER G 243 -30.42 -18.10 18.53
C SER G 243 -30.15 -19.58 18.39
N ASN G 244 -29.39 -19.95 17.36
CA ASN G 244 -29.08 -21.35 17.08
C ASN G 244 -27.65 -21.72 17.43
N GLY G 245 -26.88 -20.75 17.91
CA GLY G 245 -25.55 -21.00 18.42
C GLY G 245 -24.44 -21.20 17.40
N ASN G 246 -24.75 -21.05 16.12
CA ASN G 246 -23.74 -21.17 15.07
C ASN G 246 -22.77 -19.99 15.09
N ILE G 247 -21.71 -20.13 15.88
CA ILE G 247 -20.73 -19.07 16.07
C ILE G 247 -19.57 -19.54 16.95
N LYS G 248 -18.36 -19.09 16.62
CA LYS G 248 -17.20 -19.41 17.44
C LYS G 248 -16.35 -18.17 17.70
N LYS G 249 -16.35 -17.71 18.95
CA LYS G 249 -15.62 -16.52 19.33
C LYS G 249 -14.18 -16.85 19.72
N LEU G 250 -13.24 -16.44 18.87
CA LEU G 250 -11.83 -16.73 19.06
C LEU G 250 -11.22 -15.89 20.18
N LEU G 251 -10.45 -16.52 21.05
CA LEU G 251 -9.85 -15.84 22.18
C LEU G 251 -8.33 -15.93 22.16
N PHE G 252 -7.68 -14.94 22.76
CA PHE G 252 -6.23 -14.96 22.92
C PHE G 252 -5.88 -15.58 24.27
N HIS G 253 -6.78 -15.43 25.23
CA HIS G 253 -6.57 -15.94 26.58
C HIS G 253 -7.82 -16.66 27.07
N GLN G 254 -7.72 -17.97 27.26
CA GLN G 254 -8.87 -18.75 27.71
C GLN G 254 -9.10 -18.57 29.21
N GLU H 2 -30.59 -14.37 1.75
CA GLU H 2 -29.91 -14.27 0.47
C GLU H 2 -28.70 -13.34 0.55
N ASN H 3 -28.83 -12.28 1.35
CA ASN H 3 -27.75 -11.32 1.57
C ASN H 3 -27.20 -10.74 0.27
N ALA H 4 -28.11 -10.37 -0.63
CA ALA H 4 -27.75 -9.86 -1.94
C ALA H 4 -26.82 -8.65 -1.89
N LEU H 5 -27.06 -7.74 -0.95
CA LEU H 5 -26.29 -6.49 -0.90
C LEU H 5 -24.83 -6.74 -0.53
N LEU H 6 -24.59 -7.50 0.54
CA LEU H 6 -23.23 -7.79 0.95
C LEU H 6 -22.50 -8.61 -0.12
N ARG H 7 -23.20 -9.56 -0.74
CA ARG H 7 -22.57 -10.38 -1.77
C ARG H 7 -22.14 -9.54 -2.96
N TYR H 8 -22.99 -8.60 -3.38
CA TYR H 8 -22.63 -7.66 -4.44
C TYR H 8 -21.39 -6.84 -4.06
N LEU H 9 -21.42 -6.25 -2.87
CA LEU H 9 -20.34 -5.36 -2.42
C LEU H 9 -19.00 -6.06 -2.37
N LEU H 10 -19.02 -7.38 -2.15
CA LEU H 10 -17.79 -8.15 -1.98
C LEU H 10 -17.28 -8.73 -3.29
N ASP H 11 -18.18 -9.25 -4.11
CA ASP H 11 -17.79 -9.96 -5.32
C ASP H 11 -17.61 -9.02 -6.50
N LYS H 12 -16.72 -8.05 -6.34
CA LYS H 12 -16.42 -7.07 -7.38
C LYS H 12 -15.10 -6.38 -7.07
N ASP H 13 -14.66 -5.51 -7.96
CA ASP H 13 -13.48 -4.70 -7.68
C ASP H 13 -13.91 -3.29 -7.30
N ASP H 14 -13.24 -2.69 -6.33
CA ASP H 14 -13.57 -1.34 -5.90
C ASP H 14 -12.74 -0.29 -6.63
N ALA I 1 -11.32 14.48 58.72
CA ALA I 1 -10.40 13.40 58.41
C ALA I 1 -9.33 13.91 57.45
N THR I 2 -9.56 13.75 56.15
CA THR I 2 -8.69 14.35 55.17
C THR I 2 -8.99 15.84 55.13
N LEU I 3 -8.13 16.62 55.78
CA LEU I 3 -8.35 18.06 55.86
C LEU I 3 -7.40 18.91 55.00
N PRO I 4 -7.25 18.60 53.68
CA PRO I 4 -6.59 19.59 52.84
C PRO I 4 -7.55 20.74 52.54
N GLN I 5 -8.56 20.86 53.40
CA GLN I 5 -9.63 21.82 53.21
C GLN I 5 -9.95 22.61 54.47
N LEU I 6 -9.34 23.78 54.60
CA LEU I 6 -9.93 24.85 55.38
C LEU I 6 -10.53 25.75 54.33
N THR I 7 -10.03 25.55 53.12
CA THR I 7 -10.16 26.54 52.08
C THR I 7 -10.64 25.99 50.76
N PRO I 8 -11.44 26.80 50.07
CA PRO I 8 -11.43 26.72 48.62
C PRO I 8 -10.06 27.24 48.19
N THR I 9 -9.20 26.38 47.65
CA THR I 9 -7.95 26.87 47.09
C THR I 9 -8.32 27.89 46.01
N LEU I 10 -7.43 28.83 45.72
CA LEU I 10 -7.72 29.83 44.71
C LEU I 10 -8.03 29.15 43.39
N VAL I 11 -7.26 28.12 43.04
CA VAL I 11 -7.44 27.44 41.76
C VAL I 11 -8.80 26.70 41.69
N SER I 12 -9.23 26.09 42.79
CA SER I 12 -10.51 25.42 42.84
C SER I 12 -11.64 26.42 42.57
N LEU I 13 -11.47 27.63 43.10
CA LEU I 13 -12.40 28.72 42.81
C LEU I 13 -12.31 29.10 41.33
N LEU I 14 -11.09 29.10 40.78
CA LEU I 14 -10.90 29.43 39.38
C LEU I 14 -11.61 28.43 38.47
N GLU I 15 -11.69 27.18 38.92
CA GLU I 15 -12.28 26.13 38.11
C GLU I 15 -13.80 26.33 37.97
N VAL I 16 -14.45 26.82 39.01
CA VAL I 16 -15.90 26.95 38.99
C VAL I 16 -16.37 28.25 38.35
N ILE I 17 -15.50 29.26 38.25
CA ILE I 17 -15.88 30.49 37.56
C ILE I 17 -15.55 30.44 36.07
N GLU I 18 -14.83 29.39 35.66
CA GLU I 18 -14.51 29.23 34.24
C GLU I 18 -15.79 29.12 33.42
N PRO I 19 -15.97 30.04 32.46
CA PRO I 19 -17.18 30.07 31.66
C PRO I 19 -17.28 28.90 30.68
N GLU I 20 -18.49 28.46 30.40
CA GLU I 20 -18.72 27.36 29.48
C GLU I 20 -18.50 27.79 28.03
N VAL I 21 -18.08 26.84 27.20
CA VAL I 21 -17.80 27.11 25.79
C VAL I 21 -19.03 27.68 25.09
N LEU I 22 -18.80 28.71 24.28
CA LEU I 22 -19.87 29.31 23.49
C LEU I 22 -19.88 28.77 22.07
N TYR I 23 -21.07 28.65 21.49
CA TYR I 23 -21.21 28.26 20.09
C TYR I 23 -21.08 29.48 19.19
N ALA I 24 -20.60 29.27 17.97
CA ALA I 24 -20.42 30.38 17.03
C ALA I 24 -21.71 30.70 16.27
N GLY I 25 -22.62 29.73 16.21
CA GLY I 25 -23.82 29.86 15.40
C GLY I 25 -23.46 29.97 13.93
N TYR I 26 -22.46 29.19 13.51
CA TYR I 26 -21.97 29.23 12.14
C TYR I 26 -22.79 28.34 11.22
N ASP I 27 -23.50 28.96 10.29
CA ASP I 27 -24.30 28.22 9.32
C ASP I 27 -23.39 27.60 8.27
N SER I 28 -23.29 26.27 8.28
CA SER I 28 -22.33 25.59 7.41
C SER I 28 -22.97 25.03 6.15
N SER I 29 -24.25 25.29 5.94
CA SER I 29 -24.95 24.85 4.73
C SER I 29 -24.61 25.75 3.56
N VAL I 30 -23.62 26.62 3.77
CA VAL I 30 -23.17 27.60 2.77
C VAL I 30 -21.65 27.50 2.64
N PRO I 31 -21.12 27.70 1.41
CA PRO I 31 -19.67 27.62 1.20
C PRO I 31 -18.87 28.54 2.14
N ASP I 32 -17.82 28.00 2.72
CA ASP I 32 -16.94 28.79 3.56
C ASP I 32 -16.26 29.88 2.75
N SER I 33 -15.87 30.94 3.44
CA SER I 33 -15.01 31.98 2.88
C SER I 33 -14.29 32.60 4.05
N THR I 34 -13.13 33.21 3.80
CA THR I 34 -12.36 33.76 4.90
C THR I 34 -13.09 34.94 5.55
N TRP I 35 -13.55 35.88 4.73
CA TRP I 35 -14.35 37.01 5.23
C TRP I 35 -15.50 36.53 6.12
N ARG I 36 -16.18 35.47 5.69
CA ARG I 36 -17.33 34.95 6.43
C ARG I 36 -16.91 34.35 7.77
N ILE I 37 -15.81 33.59 7.76
CA ILE I 37 -15.33 32.96 8.98
C ILE I 37 -14.83 34.02 9.97
N MET I 38 -14.03 34.95 9.48
CA MET I 38 -13.41 35.95 10.34
C MET I 38 -14.45 36.86 10.99
N THR I 39 -15.51 37.19 10.26
CA THR I 39 -16.61 37.97 10.83
C THR I 39 -17.31 37.16 11.92
N THR I 40 -17.63 35.91 11.60
CA THR I 40 -18.28 35.02 12.56
C THR I 40 -17.42 34.88 13.82
N LEU I 41 -16.11 34.79 13.64
CA LEU I 41 -15.21 34.66 14.76
C LEU I 41 -15.24 35.91 15.63
N ASN I 42 -15.24 37.08 14.99
CA ASN I 42 -15.33 38.35 15.70
C ASN I 42 -16.60 38.45 16.54
N MET I 43 -17.73 38.05 15.96
CA MET I 43 -18.99 38.04 16.68
C MET I 43 -18.91 37.13 17.89
N LEU I 44 -18.29 35.97 17.68
CA LEU I 44 -18.04 35.02 18.75
C LEU I 44 -17.10 35.63 19.79
N GLY I 45 -16.11 36.37 19.30
CA GLY I 45 -15.14 37.01 20.17
C GLY I 45 -15.78 38.03 21.09
N GLY I 46 -16.71 38.81 20.54
CA GLY I 46 -17.42 39.81 21.32
C GLY I 46 -18.17 39.19 22.50
N ARG I 47 -18.86 38.09 22.25
CA ARG I 47 -19.60 37.43 23.29
C ARG I 47 -18.67 36.79 24.33
N GLN I 48 -17.51 36.33 23.90
CA GLN I 48 -16.54 35.74 24.82
C GLN I 48 -15.94 36.78 25.75
N VAL I 49 -15.62 37.95 25.21
CA VAL I 49 -15.10 39.04 26.03
C VAL I 49 -16.11 39.44 27.11
N ILE I 50 -17.38 39.50 26.73
CA ILE I 50 -18.45 39.79 27.70
C ILE I 50 -18.45 38.76 28.83
N ALA I 51 -18.33 37.48 28.48
CA ALA I 51 -18.24 36.43 29.47
C ALA I 51 -16.93 36.50 30.24
N ALA I 52 -15.87 36.95 29.57
CA ALA I 52 -14.57 37.13 30.22
C ALA I 52 -14.63 38.24 31.26
N VAL I 53 -15.41 39.28 30.97
CA VAL I 53 -15.60 40.38 31.91
C VAL I 53 -16.22 39.88 33.20
N LYS I 54 -17.22 39.01 33.07
CA LYS I 54 -17.86 38.42 34.23
C LYS I 54 -16.87 37.52 34.95
N TRP I 55 -16.12 36.73 34.18
CA TRP I 55 -15.08 35.87 34.72
C TRP I 55 -14.07 36.65 35.55
N ALA I 56 -13.47 37.67 34.94
CA ALA I 56 -12.45 38.48 35.60
C ALA I 56 -12.96 39.08 36.91
N LYS I 57 -14.22 39.47 36.95
CA LYS I 57 -14.80 40.06 38.14
C LYS I 57 -15.01 39.01 39.24
N ALA I 58 -15.07 37.75 38.85
CA ALA I 58 -15.23 36.65 39.79
C ALA I 58 -13.88 36.11 40.26
N ILE I 59 -12.80 36.62 39.69
CA ILE I 59 -11.46 36.28 40.16
C ILE I 59 -11.20 36.99 41.46
N PRO I 60 -11.02 36.22 42.56
CA PRO I 60 -10.77 36.83 43.87
C PRO I 60 -9.63 37.84 43.82
N GLY I 61 -9.93 39.05 44.29
CA GLY I 61 -8.96 40.12 44.28
C GLY I 61 -9.20 41.15 43.18
N PHE I 62 -9.78 40.72 42.06
CA PHE I 62 -9.88 41.58 40.88
C PHE I 62 -10.69 42.85 41.11
N ARG I 63 -11.89 42.73 41.66
CA ARG I 63 -12.75 43.89 41.85
C ARG I 63 -12.24 44.82 42.93
N ASN I 64 -11.28 44.33 43.72
CA ASN I 64 -10.69 45.14 44.78
C ASN I 64 -9.78 46.21 44.17
N LEU I 65 -9.48 46.06 42.88
CA LEU I 65 -8.67 47.03 42.17
C LEU I 65 -9.51 48.22 41.76
N HIS I 66 -8.86 49.34 41.46
CA HIS I 66 -9.56 50.52 40.98
C HIS I 66 -10.29 50.18 39.67
N LEU I 67 -11.49 50.74 39.52
CA LEU I 67 -12.32 50.49 38.35
C LEU I 67 -11.53 50.72 37.07
N ASP I 68 -10.79 51.83 37.01
CA ASP I 68 -9.96 52.14 35.87
C ASP I 68 -8.93 51.05 35.62
N ASP I 69 -8.39 50.48 36.69
CA ASP I 69 -7.39 49.42 36.58
C ASP I 69 -7.99 48.18 35.95
N GLN I 70 -9.16 47.80 36.43
CA GLN I 70 -9.89 46.65 35.91
C GLN I 70 -10.12 46.80 34.40
N MET I 71 -10.57 47.99 34.02
CA MET I 71 -10.83 48.30 32.62
C MET I 71 -9.55 48.21 31.80
N THR I 72 -8.49 48.82 32.33
CA THR I 72 -7.19 48.82 31.66
C THR I 72 -6.69 47.41 31.40
N LEU I 73 -6.76 46.55 32.41
CA LEU I 73 -6.26 45.18 32.30
C LEU I 73 -7.01 44.38 31.24
N LEU I 74 -8.33 44.46 31.24
CA LEU I 74 -9.13 43.74 30.25
C LEU I 74 -8.89 44.29 28.83
N GLN I 75 -8.66 45.59 28.72
CA GLN I 75 -8.38 46.21 27.42
C GLN I 75 -7.04 45.76 26.85
N TYR I 76 -6.04 45.61 27.71
CA TYR I 76 -4.71 45.20 27.26
C TYR I 76 -4.64 43.72 26.92
N SER I 77 -5.39 42.90 27.65
CA SER I 77 -5.15 41.46 27.59
C SER I 77 -6.32 40.61 27.07
N TRP I 78 -7.41 41.24 26.62
CA TRP I 78 -8.55 40.48 26.12
C TRP I 78 -8.12 39.50 25.03
N MET I 79 -7.18 39.92 24.18
CA MET I 79 -6.67 39.05 23.11
C MET I 79 -5.85 37.91 23.68
N ALA I 80 -5.08 38.17 24.73
CA ALA I 80 -4.29 37.14 25.38
C ALA I 80 -5.21 36.06 25.95
N LEU I 81 -6.25 36.51 26.65
CA LEU I 81 -7.22 35.59 27.25
C LEU I 81 -7.90 34.74 26.18
N MET I 82 -8.31 35.36 25.08
CA MET I 82 -9.02 34.64 24.04
C MET I 82 -8.13 33.67 23.28
N ALA I 83 -6.90 34.09 22.97
CA ALA I 83 -5.98 33.22 22.25
C ALA I 83 -5.58 32.03 23.11
N PHE I 84 -5.46 32.25 24.42
CA PHE I 84 -5.02 31.20 25.32
C PHE I 84 -6.09 30.13 25.52
N ALA I 85 -7.32 30.57 25.80
CA ALA I 85 -8.45 29.65 25.93
C ALA I 85 -8.69 28.92 24.62
N LEU I 86 -8.45 29.60 23.51
CA LEU I 86 -8.52 28.99 22.19
C LEU I 86 -7.49 27.88 22.09
N GLY I 87 -6.25 28.23 22.41
CA GLY I 87 -5.16 27.28 22.42
C GLY I 87 -5.51 26.03 23.22
N TRP I 88 -6.05 26.24 24.42
CA TRP I 88 -6.43 25.13 25.28
C TRP I 88 -7.51 24.24 24.68
N ARG I 89 -8.60 24.86 24.23
CA ARG I 89 -9.71 24.12 23.62
C ARG I 89 -9.20 23.29 22.46
N SER I 90 -8.25 23.85 21.71
CA SER I 90 -7.69 23.16 20.57
C SER I 90 -6.88 21.95 21.02
N TYR I 91 -6.04 22.12 22.03
CA TYR I 91 -5.18 21.05 22.50
C TYR I 91 -5.98 19.93 23.17
N ARG I 92 -7.02 20.31 23.90
CA ARG I 92 -7.84 19.35 24.64
C ARG I 92 -8.90 18.71 23.76
N GLN I 93 -9.53 19.52 22.91
CA GLN I 93 -10.51 19.01 21.96
C GLN I 93 -9.85 18.83 20.59
N SER I 94 -8.78 18.02 20.57
CA SER I 94 -8.07 17.65 19.35
C SER I 94 -6.84 16.82 19.63
N SER I 95 -6.18 16.46 18.54
CA SER I 95 -4.88 15.80 18.58
C SER I 95 -4.16 16.28 17.34
N ALA I 96 -4.92 16.99 16.50
CA ALA I 96 -4.41 17.53 15.26
C ALA I 96 -4.16 19.03 15.38
N ASN I 97 -3.69 19.64 14.30
CA ASN I 97 -3.42 21.07 14.27
C ASN I 97 -4.67 21.84 13.90
N LEU I 98 -5.73 21.62 14.69
CA LEU I 98 -7.03 22.20 14.41
C LEU I 98 -7.45 23.18 15.49
N LEU I 99 -8.00 24.31 15.07
CA LEU I 99 -8.42 25.34 16.01
C LEU I 99 -9.87 25.14 16.41
N TYR I 100 -10.10 24.93 17.70
CA TYR I 100 -11.43 24.71 18.23
C TYR I 100 -12.01 26.02 18.74
N PHE I 101 -12.41 26.90 17.82
CA PHE I 101 -13.01 28.18 18.19
C PHE I 101 -14.31 27.96 18.95
N ALA I 102 -15.12 27.07 18.42
CA ALA I 102 -16.39 26.72 19.03
C ALA I 102 -16.73 25.29 18.61
N PRO I 103 -17.67 24.64 19.32
CA PRO I 103 -18.06 23.29 18.91
C PRO I 103 -18.54 23.26 17.47
N ASP I 104 -19.17 24.34 17.04
CA ASP I 104 -19.76 24.45 15.72
C ASP I 104 -18.91 25.24 14.73
N LEU I 105 -17.65 25.52 15.09
CA LEU I 105 -16.76 26.21 14.17
C LEU I 105 -15.33 25.80 14.43
N ILE I 106 -14.90 24.76 13.72
CA ILE I 106 -13.54 24.26 13.82
C ILE I 106 -12.82 24.51 12.52
N ILE I 107 -11.67 25.17 12.58
CA ILE I 107 -10.85 25.36 11.39
C ILE I 107 -10.16 24.04 11.09
N ASN I 108 -10.66 23.33 10.10
CA ASN I 108 -10.08 22.06 9.70
C ASN I 108 -9.00 22.26 8.65
N GLU I 109 -8.39 21.17 8.21
CA GLU I 109 -7.33 21.20 7.19
C GLU I 109 -7.82 21.94 5.95
N GLN I 110 -9.09 21.75 5.62
CA GLN I 110 -9.70 22.40 4.48
C GLN I 110 -9.76 23.91 4.66
N ARG I 111 -10.40 24.35 5.73
CA ARG I 111 -10.53 25.78 6.02
C ARG I 111 -9.17 26.43 6.23
N MET I 112 -8.20 25.64 6.67
CA MET I 112 -6.87 26.12 6.93
C MET I 112 -6.20 26.66 5.66
N THR I 113 -6.60 26.12 4.51
CA THR I 113 -6.01 26.51 3.23
C THR I 113 -6.72 27.69 2.57
N LEU I 114 -7.83 28.14 3.15
CA LEU I 114 -8.53 29.31 2.66
C LEU I 114 -7.61 30.53 2.61
N PRO I 115 -7.86 31.45 1.66
CA PRO I 115 -7.05 32.65 1.45
C PRO I 115 -6.86 33.50 2.69
N CYS I 116 -5.61 33.63 3.15
CA CYS I 116 -5.22 34.46 4.29
C CYS I 116 -5.46 33.79 5.63
N MET I 117 -6.14 32.65 5.64
CA MET I 117 -6.47 31.97 6.89
C MET I 117 -5.23 31.55 7.68
N TYR I 118 -4.25 30.94 7.02
CA TYR I 118 -3.08 30.43 7.74
C TYR I 118 -2.19 31.52 8.32
N ASP I 119 -2.04 32.64 7.60
CA ASP I 119 -1.23 33.76 8.09
C ASP I 119 -1.56 34.09 9.54
N GLN I 120 -2.86 34.05 9.85
CA GLN I 120 -3.34 34.42 11.17
C GLN I 120 -3.40 33.23 12.12
N CYS I 121 -3.95 32.11 11.65
CA CYS I 121 -4.16 30.95 12.49
C CYS I 121 -2.85 30.31 12.97
N LYS I 122 -1.77 30.52 12.22
CA LYS I 122 -0.47 29.97 12.59
C LYS I 122 -0.07 30.39 14.01
N HIS I 123 -0.35 31.65 14.35
CA HIS I 123 0.03 32.19 15.65
C HIS I 123 -0.83 31.60 16.75
N MET I 124 -2.09 31.31 16.42
CA MET I 124 -2.99 30.69 17.37
C MET I 124 -2.59 29.23 17.57
N LEU I 125 -2.24 28.55 16.48
CA LEU I 125 -1.80 27.15 16.53
C LEU I 125 -0.58 26.97 17.42
N TYR I 126 0.28 27.99 17.45
CA TYR I 126 1.47 27.97 18.30
C TYR I 126 1.10 27.78 19.76
N VAL I 127 0.13 28.54 20.24
CA VAL I 127 -0.35 28.42 21.62
C VAL I 127 -0.79 26.99 21.89
N SER I 128 -1.59 26.45 20.98
CA SER I 128 -2.08 25.08 21.09
C SER I 128 -0.92 24.09 21.10
N SER I 129 0.06 24.32 20.23
CA SER I 129 1.23 23.49 20.13
C SER I 129 1.98 23.41 21.47
N GLU I 130 2.23 24.56 22.07
CA GLU I 130 2.96 24.64 23.33
C GLU I 130 2.25 23.97 24.50
N LEU I 131 0.94 24.21 24.62
CA LEU I 131 0.15 23.58 25.67
C LEU I 131 0.26 22.06 25.59
N HIS I 132 0.25 21.54 24.36
CA HIS I 132 0.37 20.10 24.13
C HIS I 132 1.79 19.61 24.40
N ARG I 133 2.77 20.31 23.84
CA ARG I 133 4.17 19.97 24.05
C ARG I 133 4.52 19.84 25.53
N LEU I 134 3.95 20.73 26.34
CA LEU I 134 4.23 20.75 27.77
C LEU I 134 3.22 19.97 28.59
N GLN I 135 2.23 19.40 27.91
CA GLN I 135 1.15 18.66 28.57
C GLN I 135 0.61 19.43 29.76
N VAL I 136 0.35 20.72 29.54
CA VAL I 136 -0.15 21.61 30.58
C VAL I 136 -1.43 21.05 31.17
N SER I 137 -1.53 21.04 32.50
CA SER I 137 -2.72 20.53 33.16
C SER I 137 -3.79 21.62 33.24
N TYR I 138 -5.01 21.21 33.55
CA TYR I 138 -6.12 22.15 33.63
C TYR I 138 -5.91 23.17 34.73
N GLU I 139 -5.33 22.72 35.85
CA GLU I 139 -5.10 23.60 36.99
C GLU I 139 -3.95 24.57 36.74
N GLU I 140 -2.94 24.12 36.01
CA GLU I 140 -1.87 25.00 35.59
C GLU I 140 -2.42 26.02 34.62
N TYR I 141 -3.19 25.52 33.65
CA TYR I 141 -3.86 26.35 32.66
C TYR I 141 -4.70 27.45 33.29
N LEU I 142 -5.49 27.09 34.30
CA LEU I 142 -6.36 28.05 34.97
C LEU I 142 -5.57 29.15 35.66
N CYS I 143 -4.43 28.78 36.26
CA CYS I 143 -3.61 29.77 36.92
C CYS I 143 -2.91 30.66 35.90
N MET I 144 -2.43 30.05 34.82
CA MET I 144 -1.76 30.79 33.77
C MET I 144 -2.68 31.81 33.12
N LYS I 145 -3.92 31.42 32.87
CA LYS I 145 -4.90 32.30 32.23
C LYS I 145 -5.16 33.51 33.11
N VAL I 146 -5.22 33.30 34.41
CA VAL I 146 -5.33 34.42 35.35
C VAL I 146 -4.14 35.35 35.21
N LEU I 147 -2.95 34.78 35.06
CA LEU I 147 -1.73 35.57 34.98
C LEU I 147 -1.66 36.41 33.70
N LEU I 148 -2.27 35.92 32.62
CA LEU I 148 -2.31 36.68 31.37
C LEU I 148 -3.15 37.95 31.51
N LEU I 149 -4.22 37.86 32.30
CA LEU I 149 -5.03 39.03 32.62
C LEU I 149 -4.21 40.07 33.37
N LEU I 150 -3.21 39.60 34.10
CA LEU I 150 -2.39 40.47 34.94
C LEU I 150 -0.99 40.65 34.38
N SER I 151 -0.85 40.57 33.07
CA SER I 151 0.48 40.58 32.46
C SER I 151 0.85 41.89 31.79
N THR I 152 -0.14 42.75 31.60
CA THR I 152 0.07 43.99 30.85
C THR I 152 -0.56 45.19 31.54
N ILE I 153 0.23 46.24 31.77
CA ILE I 153 -0.27 47.41 32.49
C ILE I 153 0.20 48.72 31.82
N PRO I 154 -0.41 49.87 32.18
CA PRO I 154 0.02 51.15 31.62
C PRO I 154 1.50 51.41 31.88
N LYS I 155 2.12 52.19 31.01
CA LYS I 155 3.55 52.48 31.12
C LYS I 155 3.90 53.07 32.49
N ASP I 156 2.96 53.82 33.07
CA ASP I 156 3.17 54.44 34.37
C ASP I 156 2.45 53.70 35.49
N GLY I 157 2.17 52.41 35.26
CA GLY I 157 1.54 51.59 36.27
C GLY I 157 0.05 51.81 36.44
N LEU I 158 -0.53 51.09 37.39
CA LEU I 158 -1.95 51.18 37.68
C LEU I 158 -2.19 52.14 38.84
N LYS I 159 -3.45 52.50 39.07
CA LYS I 159 -3.79 53.34 40.20
C LYS I 159 -3.66 52.56 41.51
N SER I 160 -4.01 51.28 41.46
CA SER I 160 -3.88 50.40 42.63
C SER I 160 -2.71 49.44 42.48
N GLN I 161 -1.55 49.98 42.09
CA GLN I 161 -0.37 49.16 41.82
C GLN I 161 -0.03 48.21 42.98
N ALA I 162 -0.06 48.72 44.20
CA ALA I 162 0.25 47.93 45.39
C ALA I 162 -0.62 46.68 45.47
N LEU I 163 -1.93 46.87 45.42
CA LEU I 163 -2.87 45.76 45.42
C LEU I 163 -2.62 44.81 44.26
N PHE I 164 -2.34 45.38 43.09
CA PHE I 164 -2.10 44.58 41.89
C PHE I 164 -0.91 43.64 42.08
N ASP I 165 0.25 44.21 42.41
CA ASP I 165 1.45 43.42 42.68
C ASP I 165 1.15 42.25 43.62
N ALA I 166 0.39 42.54 44.66
CA ALA I 166 -0.02 41.54 45.63
C ALA I 166 -0.84 40.42 44.97
N ILE I 167 -1.90 40.82 44.26
CA ILE I 167 -2.75 39.85 43.57
C ILE I 167 -1.95 38.99 42.60
N ARG I 168 -1.14 39.65 41.78
CA ARG I 168 -0.33 38.95 40.79
C ARG I 168 0.57 37.90 41.44
N MET I 169 1.33 38.31 42.46
CA MET I 169 2.26 37.40 43.12
C MET I 169 1.52 36.18 43.69
N THR I 170 0.30 36.41 44.17
CA THR I 170 -0.50 35.33 44.74
C THR I 170 -0.82 34.24 43.69
N TYR I 171 -1.15 34.66 42.47
CA TYR I 171 -1.49 33.70 41.44
C TYR I 171 -0.25 33.09 40.78
N ILE I 172 0.89 33.73 40.95
CA ILE I 172 2.15 33.12 40.55
C ILE I 172 2.45 31.96 41.50
N LYS I 173 2.26 32.21 42.80
CA LYS I 173 2.45 31.16 43.80
C LYS I 173 1.43 30.05 43.56
N GLU I 174 0.21 30.42 43.20
CA GLU I 174 -0.84 29.46 42.90
C GLU I 174 -0.43 28.58 41.73
N LEU I 175 0.20 29.18 40.72
CA LEU I 175 0.73 28.42 39.60
C LEU I 175 1.75 27.42 40.12
N GLY I 176 2.60 27.90 41.03
CA GLY I 176 3.57 27.04 41.70
C GLY I 176 2.91 25.86 42.37
N LYS I 177 1.82 26.11 43.08
CA LYS I 177 1.06 25.07 43.75
C LYS I 177 0.48 24.06 42.77
N ALA I 178 -0.04 24.57 41.65
CA ALA I 178 -0.62 23.71 40.63
C ALA I 178 0.45 22.76 40.09
N ILE I 179 1.65 23.28 39.89
CA ILE I 179 2.75 22.49 39.37
C ILE I 179 3.18 21.41 40.36
N VAL I 180 3.33 21.78 41.62
CA VAL I 180 3.68 20.82 42.66
C VAL I 180 2.65 19.70 42.72
N LYS I 181 1.38 20.11 42.77
CA LYS I 181 0.26 19.19 42.89
C LYS I 181 0.07 18.35 41.62
N ARG I 182 0.78 18.69 40.55
CA ARG I 182 0.63 17.96 39.31
C ARG I 182 0.98 16.49 39.49
N GLU I 183 2.13 16.21 40.12
CA GLU I 183 2.64 14.86 40.30
C GLU I 183 3.56 14.81 41.52
N GLY I 184 4.58 13.95 41.48
CA GLY I 184 5.45 13.77 42.63
C GLY I 184 6.94 13.88 42.38
N ASN I 185 7.32 14.32 41.18
CA ASN I 185 8.74 14.35 40.82
C ASN I 185 9.34 15.76 40.85
N SER I 186 9.28 16.40 42.01
CA SER I 186 9.77 17.78 42.18
C SER I 186 11.06 18.10 41.44
N SER I 187 11.90 17.08 41.24
CA SER I 187 13.17 17.22 40.52
C SER I 187 13.02 18.09 39.25
N GLN I 188 11.84 18.05 38.65
CA GLN I 188 11.57 18.82 37.45
C GLN I 188 10.63 20.01 37.68
N ASN I 189 10.06 20.11 38.87
CA ASN I 189 9.10 21.18 39.17
C ASN I 189 9.61 22.59 38.84
N TRP I 190 10.79 22.95 39.33
CA TRP I 190 11.33 24.28 39.03
C TRP I 190 11.62 24.44 37.55
N GLN I 191 12.13 23.39 36.92
CA GLN I 191 12.25 23.32 35.46
C GLN I 191 10.93 23.70 34.80
N ARG I 192 9.86 23.02 35.22
CA ARG I 192 8.55 23.22 34.61
C ARG I 192 8.01 24.63 34.85
N PHE I 193 8.21 25.13 36.06
CA PHE I 193 7.85 26.50 36.40
C PHE I 193 8.55 27.48 35.47
N TYR I 194 9.82 27.21 35.21
CA TYR I 194 10.58 28.00 34.25
C TYR I 194 9.95 27.92 32.87
N GLN I 195 9.59 26.71 32.44
CA GLN I 195 9.04 26.48 31.12
C GLN I 195 7.67 27.17 30.97
N LEU I 196 6.81 27.02 31.97
CA LEU I 196 5.47 27.61 31.91
C LEU I 196 5.49 29.14 31.94
N THR I 197 6.28 29.74 32.83
CA THR I 197 6.38 31.21 32.88
C THR I 197 7.06 31.71 31.62
N LYS I 198 7.85 30.86 31.00
CA LYS I 198 8.46 31.16 29.70
C LYS I 198 7.37 31.22 28.63
N LEU I 199 6.46 30.25 28.67
CA LEU I 199 5.32 30.23 27.76
C LEU I 199 4.50 31.50 27.93
N LEU I 200 4.34 31.94 29.17
CA LEU I 200 3.57 33.13 29.47
C LEU I 200 4.19 34.38 28.85
N ASP I 201 5.51 34.54 29.00
CA ASP I 201 6.20 35.68 28.41
C ASP I 201 5.99 35.69 26.89
N SER I 202 6.03 34.52 26.28
CA SER I 202 5.94 34.42 24.83
C SER I 202 4.55 34.81 24.31
N MET I 203 3.55 34.84 25.19
CA MET I 203 2.21 35.25 24.78
C MET I 203 2.15 36.72 24.38
N HIS I 204 3.09 37.53 24.88
CA HIS I 204 3.17 38.93 24.47
C HIS I 204 3.39 39.03 22.96
N GLU I 205 4.29 38.20 22.43
CA GLU I 205 4.57 38.19 21.00
C GLU I 205 3.36 37.70 20.22
N VAL I 206 2.76 36.60 20.68
CA VAL I 206 1.55 36.06 20.06
C VAL I 206 0.47 37.12 19.97
N VAL I 207 0.28 37.86 21.06
CA VAL I 207 -0.75 38.91 21.10
C VAL I 207 -0.43 40.05 20.14
N GLU I 208 0.83 40.46 20.08
CA GLU I 208 1.26 41.50 19.13
C GLU I 208 0.83 41.12 17.72
N ASN I 209 1.17 39.90 17.32
CA ASN I 209 0.79 39.40 15.99
C ASN I 209 -0.71 39.43 15.76
N LEU I 210 -1.48 38.90 16.71
CA LEU I 210 -2.92 38.80 16.54
C LEU I 210 -3.58 40.18 16.55
N LEU I 211 -3.03 41.11 17.32
CA LEU I 211 -3.58 42.46 17.38
C LEU I 211 -3.36 43.21 16.07
N ASN I 212 -2.24 42.93 15.41
CA ASN I 212 -1.97 43.51 14.10
C ASN I 212 -3.05 43.12 13.10
N TYR I 213 -3.30 41.82 12.98
CA TYR I 213 -4.38 41.33 12.13
C TYR I 213 -5.72 41.92 12.56
N CYS I 214 -5.92 42.02 13.87
CA CYS I 214 -7.16 42.57 14.41
C CYS I 214 -7.35 44.03 14.01
N PHE I 215 -6.34 44.85 14.27
CA PHE I 215 -6.37 46.26 13.91
C PHE I 215 -6.46 46.45 12.40
N GLN I 216 -5.72 45.64 11.65
CA GLN I 216 -5.69 45.78 10.20
C GLN I 216 -7.05 45.50 9.58
N THR I 217 -7.70 44.42 10.00
CA THR I 217 -8.99 44.06 9.45
C THR I 217 -10.09 45.00 9.94
N PHE I 218 -9.87 45.61 11.10
CA PHE I 218 -10.82 46.56 11.65
C PHE I 218 -10.79 47.88 10.88
N LEU I 219 -9.59 48.27 10.46
CA LEU I 219 -9.41 49.54 9.76
C LEU I 219 -9.62 49.40 8.25
N ASP I 220 -9.17 48.29 7.68
CA ASP I 220 -9.24 48.11 6.23
C ASP I 220 -10.62 47.64 5.81
N LYS I 221 -11.45 48.59 5.40
CA LYS I 221 -12.83 48.32 5.04
C LYS I 221 -12.98 47.65 3.67
N THR I 222 -11.87 47.49 2.95
CA THR I 222 -11.90 46.77 1.68
C THR I 222 -12.13 45.29 1.96
N MET I 223 -11.46 44.78 2.98
CA MET I 223 -11.76 43.46 3.51
C MET I 223 -13.19 43.55 4.04
N SER I 224 -13.96 42.48 3.91
CA SER I 224 -15.37 42.56 4.25
C SER I 224 -15.62 42.40 5.76
N ILE I 225 -14.62 41.92 6.49
CA ILE I 225 -14.74 41.59 7.92
C ILE I 225 -15.42 42.66 8.77
N GLU I 226 -16.34 42.22 9.63
CA GLU I 226 -17.03 43.12 10.54
C GLU I 226 -16.79 42.73 12.00
N PHE I 227 -16.99 43.68 12.90
CA PHE I 227 -16.81 43.46 14.33
C PHE I 227 -18.07 43.84 15.10
N PRO I 228 -18.32 43.16 16.24
CA PRO I 228 -19.46 43.51 17.08
C PRO I 228 -19.17 44.77 17.89
N GLU I 229 -20.21 45.43 18.37
CA GLU I 229 -20.07 46.63 19.20
C GLU I 229 -19.01 46.48 20.30
N MET I 230 -19.09 45.37 21.04
CA MET I 230 -18.18 45.12 22.15
C MET I 230 -16.70 45.22 21.77
N LEU I 231 -16.30 44.50 20.73
CA LEU I 231 -14.90 44.51 20.32
C LEU I 231 -14.52 45.86 19.71
N ALA I 232 -15.41 46.43 18.91
CA ALA I 232 -15.16 47.70 18.25
C ALA I 232 -14.69 48.78 19.24
N GLU I 233 -15.36 48.89 20.38
CA GLU I 233 -15.02 49.94 21.33
C GLU I 233 -13.66 49.69 21.99
N ILE I 234 -13.36 48.43 22.33
CA ILE I 234 -12.04 48.12 22.87
C ILE I 234 -10.95 48.39 21.83
N ILE I 235 -11.20 47.98 20.59
CA ILE I 235 -10.24 48.17 19.51
C ILE I 235 -9.95 49.65 19.25
N THR I 236 -11.01 50.45 19.12
CA THR I 236 -10.85 51.88 18.86
C THR I 236 -10.05 52.58 19.95
N ASN I 237 -10.18 52.12 21.18
CA ASN I 237 -9.43 52.69 22.29
C ASN I 237 -7.96 52.25 22.28
N GLN I 238 -7.68 51.07 21.72
CA GLN I 238 -6.35 50.49 21.80
C GLN I 238 -5.47 50.83 20.60
N ILE I 239 -6.06 51.22 19.49
CA ILE I 239 -5.29 51.55 18.29
C ILE I 239 -4.38 52.79 18.51
N PRO I 240 -4.87 53.85 19.17
CA PRO I 240 -3.95 54.98 19.39
C PRO I 240 -2.73 54.62 20.22
N LYS I 241 -2.88 53.71 21.19
CA LYS I 241 -1.76 53.32 22.04
C LYS I 241 -0.68 52.58 21.25
N TYR I 242 -1.05 52.11 20.07
CA TYR I 242 -0.12 51.45 19.14
C TYR I 242 1.11 52.30 18.90
N SER I 243 0.89 53.58 18.64
CA SER I 243 1.98 54.52 18.39
C SER I 243 2.37 55.23 19.67
N ASN I 244 1.44 55.29 20.63
CA ASN I 244 1.70 55.90 21.93
C ASN I 244 2.90 55.31 22.64
N GLY I 245 3.02 53.98 22.59
CA GLY I 245 4.02 53.29 23.37
C GLY I 245 3.62 53.22 24.83
N ASN I 246 2.38 53.62 25.12
CA ASN I 246 1.84 53.54 26.46
C ASN I 246 1.45 52.11 26.79
N ILE I 247 2.44 51.30 27.12
CA ILE I 247 2.22 49.91 27.49
C ILE I 247 3.41 49.41 28.26
N LYS I 248 3.17 48.50 29.19
CA LYS I 248 4.23 47.88 29.97
C LYS I 248 3.97 46.39 30.11
N LYS I 249 4.65 45.62 29.28
CA LYS I 249 4.48 44.18 29.27
C LYS I 249 5.34 43.52 30.35
N LEU I 250 4.70 43.01 31.39
CA LEU I 250 5.42 42.37 32.49
C LEU I 250 6.05 41.05 32.03
N LEU I 251 7.25 40.79 32.49
CA LEU I 251 7.97 39.58 32.09
C LEU I 251 8.44 38.79 33.30
N PHE I 252 8.35 37.46 33.20
CA PHE I 252 8.92 36.60 34.22
C PHE I 252 10.43 36.47 34.03
N HIS I 253 10.87 36.51 32.78
CA HIS I 253 12.29 36.44 32.44
C HIS I 253 12.62 37.50 31.40
N GLN I 254 13.69 38.25 31.60
CA GLN I 254 14.11 39.23 30.60
C GLN I 254 15.46 38.90 30.01
N LYS I 255 15.67 37.63 29.68
CA LYS I 255 16.93 37.18 29.07
C LYS I 255 17.17 37.83 27.71
N ASN J 3 -15.34 54.48 26.65
CA ASN J 3 -15.35 53.03 26.84
C ASN J 3 -16.55 52.57 27.67
N ALA J 4 -17.72 53.13 27.33
CA ALA J 4 -18.93 52.99 28.13
C ALA J 4 -19.44 51.56 28.29
N LEU J 5 -19.37 50.77 27.24
CA LEU J 5 -19.86 49.39 27.30
C LEU J 5 -19.05 48.59 28.31
N LEU J 6 -17.74 48.73 28.27
CA LEU J 6 -16.88 48.03 29.20
C LEU J 6 -17.06 48.54 30.63
N ARG J 7 -17.14 49.86 30.78
CA ARG J 7 -17.36 50.47 32.09
C ARG J 7 -18.68 50.02 32.69
N TYR J 8 -19.71 49.95 31.85
CA TYR J 8 -21.00 49.46 32.30
C TYR J 8 -20.90 48.01 32.80
N LEU J 9 -20.19 47.17 32.04
CA LEU J 9 -20.09 45.75 32.37
C LEU J 9 -19.28 45.50 33.64
N LEU J 10 -18.36 46.40 33.94
CA LEU J 10 -17.46 46.24 35.09
C LEU J 10 -18.05 46.79 36.38
N ASP J 11 -18.58 48.01 36.32
CA ASP J 11 -19.11 48.69 37.50
C ASP J 11 -20.49 48.14 37.85
N LYS J 12 -20.58 46.83 38.08
CA LYS J 12 -21.88 46.16 38.12
C LYS J 12 -21.97 45.13 39.24
N ASP J 13 -22.94 44.24 39.11
CA ASP J 13 -23.20 43.21 40.11
C ASP J 13 -23.04 41.81 39.53
N ASP J 14 -23.64 41.56 38.38
CA ASP J 14 -23.63 40.26 37.70
C ASP J 14 -24.52 39.24 38.42
N ALA K 1 -8.27 -2.20 -57.14
CA ALA K 1 -7.35 -1.11 -56.81
C ALA K 1 -8.11 0.18 -56.56
N THR K 2 -9.38 0.06 -56.24
CA THR K 2 -10.19 1.22 -55.88
C THR K 2 -10.11 1.38 -54.37
N LEU K 3 -9.96 2.62 -53.90
CA LEU K 3 -9.84 2.90 -52.47
C LEU K 3 -10.97 2.23 -51.69
N PRO K 4 -10.63 1.22 -50.86
CA PRO K 4 -11.60 0.43 -50.12
C PRO K 4 -12.61 1.27 -49.35
N GLN K 5 -12.14 2.32 -48.69
CA GLN K 5 -13.00 3.17 -47.89
C GLN K 5 -14.06 3.89 -48.74
N LEU K 6 -13.82 4.02 -50.04
CA LEU K 6 -14.79 4.65 -50.94
C LEU K 6 -16.04 3.79 -51.08
N THR K 7 -15.99 2.60 -50.47
CA THR K 7 -17.16 1.74 -50.34
C THR K 7 -17.44 1.60 -48.85
N PRO K 8 -18.34 2.43 -48.31
CA PRO K 8 -18.59 2.45 -46.86
C PRO K 8 -19.14 1.13 -46.33
N THR K 9 -18.63 0.70 -45.18
CA THR K 9 -19.21 -0.46 -44.50
C THR K 9 -20.41 0.02 -43.69
N LEU K 10 -21.34 -0.88 -43.42
CA LEU K 10 -22.49 -0.52 -42.59
C LEU K 10 -22.05 -0.06 -41.21
N VAL K 11 -21.11 -0.79 -40.60
CA VAL K 11 -20.69 -0.46 -39.24
C VAL K 11 -20.07 0.94 -39.15
N SER K 12 -19.42 1.38 -40.22
CA SER K 12 -18.84 2.73 -40.25
C SER K 12 -19.95 3.77 -40.18
N LEU K 13 -21.06 3.46 -40.83
CA LEU K 13 -22.25 4.32 -40.80
C LEU K 13 -22.85 4.32 -39.39
N LEU K 14 -23.02 3.15 -38.81
CA LEU K 14 -23.59 3.05 -37.47
C LEU K 14 -22.77 3.86 -36.46
N GLU K 15 -21.46 3.92 -36.68
CA GLU K 15 -20.58 4.63 -35.76
C GLU K 15 -20.77 6.15 -35.83
N VAL K 16 -21.21 6.68 -36.97
CA VAL K 16 -21.40 8.12 -37.06
C VAL K 16 -22.77 8.54 -36.49
N ILE K 17 -23.79 7.68 -36.59
CA ILE K 17 -25.12 8.07 -36.14
C ILE K 17 -25.39 7.76 -34.67
N GLU K 18 -24.41 7.15 -34.01
CA GLU K 18 -24.53 6.84 -32.58
C GLU K 18 -24.58 8.11 -31.74
N PRO K 19 -25.74 8.38 -31.13
CA PRO K 19 -25.94 9.62 -30.35
C PRO K 19 -24.98 9.75 -29.19
N GLU K 20 -24.59 10.99 -28.88
CA GLU K 20 -23.69 11.24 -27.77
C GLU K 20 -24.41 11.10 -26.44
N VAL K 21 -23.65 10.76 -25.39
CA VAL K 21 -24.20 10.51 -24.07
C VAL K 21 -24.85 11.74 -23.46
N LEU K 22 -26.06 11.58 -22.92
CA LEU K 22 -26.77 12.68 -22.30
C LEU K 22 -26.45 12.80 -20.81
N TYR K 23 -26.76 13.97 -20.25
CA TYR K 23 -26.62 14.21 -18.82
C TYR K 23 -27.99 14.17 -18.16
N ALA K 24 -28.05 13.58 -16.97
CA ALA K 24 -29.31 13.40 -16.26
C ALA K 24 -29.85 14.70 -15.68
N GLY K 25 -28.96 15.66 -15.43
CA GLY K 25 -29.35 16.90 -14.77
C GLY K 25 -29.70 16.64 -13.32
N TYR K 26 -29.06 15.62 -12.76
CA TYR K 26 -29.31 15.20 -11.38
C TYR K 26 -28.54 16.05 -10.39
N ASP K 27 -29.25 16.82 -9.58
CA ASP K 27 -28.62 17.67 -8.58
C ASP K 27 -28.17 16.88 -7.36
N SER K 28 -26.87 16.68 -7.24
CA SER K 28 -26.31 15.91 -6.13
C SER K 28 -26.02 16.79 -4.92
N SER K 29 -26.55 18.01 -4.94
CA SER K 29 -26.38 18.92 -3.81
C SER K 29 -27.28 18.51 -2.66
N VAL K 30 -28.38 17.84 -2.99
CA VAL K 30 -29.32 17.37 -1.99
C VAL K 30 -29.21 15.85 -1.83
N PRO K 31 -29.67 15.30 -0.69
CA PRO K 31 -29.51 13.87 -0.42
C PRO K 31 -30.24 12.98 -1.41
N ASP K 32 -29.68 11.81 -1.70
CA ASP K 32 -30.30 10.88 -2.63
C ASP K 32 -31.51 10.23 -2.02
N SER K 33 -32.37 9.71 -2.90
CA SER K 33 -33.49 8.88 -2.51
C SER K 33 -33.78 7.99 -3.70
N THR K 34 -34.28 6.79 -3.44
CA THR K 34 -34.67 5.89 -4.51
C THR K 34 -35.62 6.61 -5.47
N TRP K 35 -36.56 7.38 -4.91
CA TRP K 35 -37.56 8.06 -5.71
C TRP K 35 -36.98 9.09 -6.68
N ARG K 36 -36.14 9.99 -6.17
CA ARG K 36 -35.59 11.06 -7.02
C ARG K 36 -34.68 10.46 -8.09
N ILE K 37 -33.94 9.43 -7.74
CA ILE K 37 -33.05 8.76 -8.68
C ILE K 37 -33.84 8.12 -9.82
N MET K 38 -34.72 7.19 -9.48
CA MET K 38 -35.53 6.50 -10.48
C MET K 38 -36.37 7.47 -11.33
N THR K 39 -36.89 8.51 -10.71
CA THR K 39 -37.66 9.52 -11.44
C THR K 39 -36.79 10.25 -12.45
N THR K 40 -35.57 10.59 -12.03
CA THR K 40 -34.62 11.25 -12.91
C THR K 40 -34.23 10.35 -14.08
N LEU K 41 -34.10 9.05 -13.79
CA LEU K 41 -33.72 8.09 -14.82
C LEU K 41 -34.80 8.00 -15.90
N ASN K 42 -36.07 7.99 -15.49
CA ASN K 42 -37.17 7.95 -16.44
C ASN K 42 -37.19 9.18 -17.35
N MET K 43 -36.95 10.35 -16.75
CA MET K 43 -36.87 11.58 -17.53
C MET K 43 -35.74 11.48 -18.55
N LEU K 44 -34.61 10.98 -18.09
CA LEU K 44 -33.47 10.72 -18.95
C LEU K 44 -33.86 9.75 -20.06
N GLY K 45 -34.51 8.66 -19.67
CA GLY K 45 -34.93 7.64 -20.62
C GLY K 45 -35.83 8.19 -21.70
N GLY K 46 -36.71 9.12 -21.34
CA GLY K 46 -37.59 9.76 -22.30
C GLY K 46 -36.81 10.50 -23.37
N ARG K 47 -35.75 11.19 -22.95
CA ARG K 47 -34.91 11.93 -23.89
C ARG K 47 -34.03 10.97 -24.69
N GLN K 48 -33.63 9.86 -24.06
CA GLN K 48 -32.83 8.85 -24.75
C GLN K 48 -33.65 8.16 -25.83
N VAL K 49 -34.92 7.88 -25.54
CA VAL K 49 -35.80 7.25 -26.53
C VAL K 49 -36.01 8.19 -27.71
N ILE K 50 -36.17 9.48 -27.41
CA ILE K 50 -36.30 10.49 -28.44
C ILE K 50 -35.05 10.50 -29.32
N ALA K 51 -33.88 10.34 -28.69
CA ALA K 51 -32.62 10.24 -29.41
C ALA K 51 -32.52 8.90 -30.13
N ALA K 52 -33.18 7.88 -29.61
CA ALA K 52 -33.11 6.55 -30.22
C ALA K 52 -33.91 6.52 -31.53
N VAL K 53 -34.97 7.30 -31.59
CA VAL K 53 -35.81 7.35 -32.79
C VAL K 53 -35.11 8.05 -33.94
N LYS K 54 -34.40 9.15 -33.64
CA LYS K 54 -33.64 9.84 -34.68
C LYS K 54 -32.48 8.95 -35.12
N TRP K 55 -32.02 8.11 -34.20
CA TRP K 55 -30.96 7.14 -34.48
C TRP K 55 -31.47 6.07 -35.42
N ALA K 56 -32.59 5.47 -35.05
CA ALA K 56 -33.17 4.37 -35.82
C ALA K 56 -33.38 4.74 -37.28
N LYS K 57 -33.93 5.92 -37.54
CA LYS K 57 -34.24 6.29 -38.91
C LYS K 57 -33.00 6.54 -39.76
N ALA K 58 -31.84 6.71 -39.11
CA ALA K 58 -30.59 6.86 -39.83
C ALA K 58 -29.95 5.51 -40.11
N ILE K 59 -30.54 4.45 -39.57
CA ILE K 59 -30.07 3.09 -39.82
C ILE K 59 -30.47 2.68 -41.23
N PRO K 60 -29.47 2.55 -42.13
CA PRO K 60 -29.75 2.23 -43.54
C PRO K 60 -30.67 1.02 -43.67
N GLY K 61 -31.77 1.20 -44.38
CA GLY K 61 -32.77 0.16 -44.53
C GLY K 61 -33.95 0.33 -43.60
N PHE K 62 -33.72 0.86 -42.40
CA PHE K 62 -34.75 0.91 -41.39
C PHE K 62 -36.01 1.67 -41.82
N ARG K 63 -35.87 2.92 -42.28
CA ARG K 63 -37.06 3.69 -42.63
C ARG K 63 -37.60 3.32 -44.02
N ASN K 64 -37.04 2.28 -44.61
CA ASN K 64 -37.64 1.67 -45.80
C ASN K 64 -38.76 0.73 -45.37
N LEU K 65 -38.81 0.43 -44.07
CA LEU K 65 -39.87 -0.39 -43.50
C LEU K 65 -41.16 0.41 -43.45
N HIS K 66 -42.26 -0.30 -43.22
CA HIS K 66 -43.54 0.36 -43.03
C HIS K 66 -43.48 1.23 -41.79
N LEU K 67 -44.12 2.39 -41.83
CA LEU K 67 -44.10 3.32 -40.70
C LEU K 67 -44.68 2.67 -39.45
N ASP K 68 -45.67 1.79 -39.64
CA ASP K 68 -46.25 1.06 -38.50
C ASP K 68 -45.23 0.09 -37.93
N ASP K 69 -44.47 -0.55 -38.81
CA ASP K 69 -43.41 -1.47 -38.40
C ASP K 69 -42.34 -0.75 -37.59
N GLN K 70 -41.92 0.42 -38.09
CA GLN K 70 -40.91 1.22 -37.43
C GLN K 70 -41.35 1.62 -36.02
N MET K 71 -42.60 2.07 -35.90
CA MET K 71 -43.16 2.39 -34.59
C MET K 71 -43.18 1.14 -33.72
N THR K 72 -43.63 0.04 -34.32
CA THR K 72 -43.74 -1.22 -33.61
C THR K 72 -42.40 -1.70 -33.04
N LEU K 73 -41.35 -1.69 -33.86
CA LEU K 73 -40.05 -2.16 -33.42
C LEU K 73 -39.48 -1.34 -32.26
N LEU K 74 -39.56 -0.01 -32.37
CA LEU K 74 -39.09 0.87 -31.32
C LEU K 74 -39.85 0.64 -30.01
N GLN K 75 -41.16 0.43 -30.11
CA GLN K 75 -41.99 0.18 -28.93
C GLN K 75 -41.66 -1.15 -28.23
N TYR K 76 -41.37 -2.18 -29.00
CA TYR K 76 -41.04 -3.48 -28.43
C TYR K 76 -39.64 -3.52 -27.81
N SER K 77 -38.71 -2.75 -28.37
CA SER K 77 -37.32 -2.91 -28.01
C SER K 77 -36.66 -1.69 -27.37
N TRP K 78 -37.46 -0.69 -27.01
CA TRP K 78 -36.88 0.53 -26.43
C TRP K 78 -36.04 0.19 -25.20
N MET K 79 -36.56 -0.67 -24.33
CA MET K 79 -35.84 -1.06 -23.12
C MET K 79 -34.53 -1.81 -23.41
N ALA K 80 -34.54 -2.71 -24.38
CA ALA K 80 -33.33 -3.44 -24.74
C ALA K 80 -32.25 -2.49 -25.25
N LEU K 81 -32.66 -1.51 -26.06
CA LEU K 81 -31.76 -0.52 -26.61
C LEU K 81 -31.11 0.29 -25.50
N MET K 82 -31.93 0.75 -24.56
CA MET K 82 -31.45 1.59 -23.47
C MET K 82 -30.56 0.81 -22.52
N ALA K 83 -30.99 -0.38 -22.12
CA ALA K 83 -30.23 -1.21 -21.20
C ALA K 83 -28.89 -1.60 -21.81
N PHE K 84 -28.88 -1.90 -23.10
CA PHE K 84 -27.66 -2.32 -23.78
C PHE K 84 -26.66 -1.18 -23.82
N ALA K 85 -27.14 0.01 -24.15
CA ALA K 85 -26.30 1.21 -24.14
C ALA K 85 -25.81 1.49 -22.73
N LEU K 86 -26.68 1.32 -21.74
CA LEU K 86 -26.31 1.48 -20.35
C LEU K 86 -25.19 0.51 -19.99
N GLY K 87 -25.35 -0.73 -20.42
CA GLY K 87 -24.36 -1.76 -20.14
C GLY K 87 -23.02 -1.42 -20.74
N TRP K 88 -23.04 -0.86 -21.95
CA TRP K 88 -21.82 -0.49 -22.66
C TRP K 88 -21.05 0.58 -21.89
N ARG K 89 -21.71 1.69 -21.57
CA ARG K 89 -21.06 2.77 -20.85
C ARG K 89 -20.50 2.30 -19.52
N SER K 90 -21.28 1.52 -18.78
CA SER K 90 -20.84 0.98 -17.50
C SER K 90 -19.58 0.12 -17.69
N TYR K 91 -19.62 -0.72 -18.72
CA TYR K 91 -18.50 -1.59 -19.06
C TYR K 91 -17.26 -0.78 -19.45
N ARG K 92 -17.49 0.36 -20.09
CA ARG K 92 -16.40 1.18 -20.62
C ARG K 92 -15.78 2.13 -19.59
N GLN K 93 -16.59 2.68 -18.69
CA GLN K 93 -16.13 3.72 -17.79
C GLN K 93 -15.84 3.22 -16.38
N SER K 94 -16.11 1.94 -16.12
CA SER K 94 -15.96 1.40 -14.78
C SER K 94 -15.35 -0.01 -14.74
N SER K 95 -14.38 -0.18 -13.86
CA SER K 95 -13.75 -1.48 -13.64
C SER K 95 -14.34 -2.14 -12.41
N ALA K 96 -15.20 -1.38 -11.73
CA ALA K 96 -15.99 -1.89 -10.61
C ALA K 96 -17.29 -2.45 -11.15
N ASN K 97 -18.26 -2.68 -10.26
CA ASN K 97 -19.57 -3.10 -10.69
C ASN K 97 -20.56 -1.94 -10.56
N LEU K 98 -20.32 -0.87 -11.29
CA LEU K 98 -21.16 0.33 -11.19
C LEU K 98 -21.97 0.58 -12.45
N LEU K 99 -23.02 1.38 -12.32
CA LEU K 99 -23.88 1.70 -13.45
C LEU K 99 -23.74 3.16 -13.85
N TYR K 100 -23.31 3.36 -15.10
CA TYR K 100 -23.08 4.69 -15.63
C TYR K 100 -24.26 5.12 -16.48
N PHE K 101 -25.34 5.55 -15.82
CA PHE K 101 -26.53 6.04 -16.52
C PHE K 101 -26.22 7.30 -17.31
N ALA K 102 -25.39 8.14 -16.72
CA ALA K 102 -24.99 9.40 -17.30
C ALA K 102 -23.76 9.87 -16.55
N PRO K 103 -23.00 10.82 -17.11
CA PRO K 103 -21.77 11.21 -16.41
C PRO K 103 -22.03 11.83 -15.04
N ASP K 104 -23.24 12.34 -14.83
CA ASP K 104 -23.59 13.01 -13.58
C ASP K 104 -24.54 12.18 -12.73
N LEU K 105 -24.73 10.92 -13.11
CA LEU K 105 -25.63 10.04 -12.37
C LEU K 105 -25.12 8.61 -12.45
N ILE K 106 -24.26 8.26 -11.50
CA ILE K 106 -23.66 6.94 -11.44
C ILE K 106 -24.13 6.24 -10.17
N ILE K 107 -24.72 5.07 -10.33
CA ILE K 107 -25.16 4.30 -9.17
C ILE K 107 -23.95 3.63 -8.52
N ASN K 108 -23.33 4.33 -7.58
CA ASN K 108 -22.19 3.76 -6.84
C ASN K 108 -22.69 2.69 -5.88
N GLU K 109 -21.78 2.13 -5.09
CA GLU K 109 -22.15 1.04 -4.19
C GLU K 109 -23.01 1.50 -3.02
N GLN K 110 -22.93 2.78 -2.65
CA GLN K 110 -23.81 3.31 -1.61
C GLN K 110 -25.23 3.48 -2.14
N ARG K 111 -25.36 3.98 -3.37
CA ARG K 111 -26.67 4.14 -4.01
C ARG K 111 -27.29 2.80 -4.35
N MET K 112 -26.46 1.82 -4.67
CA MET K 112 -26.93 0.47 -5.01
C MET K 112 -27.66 -0.15 -3.84
N THR K 113 -27.45 0.45 -2.67
CA THR K 113 -27.92 -0.08 -1.41
C THR K 113 -29.28 0.51 -1.01
N LEU K 114 -29.70 1.56 -1.73
CA LEU K 114 -30.99 2.21 -1.52
C LEU K 114 -32.17 1.24 -1.70
N PRO K 115 -33.28 1.46 -0.97
CA PRO K 115 -34.48 0.62 -0.83
C PRO K 115 -34.75 -0.42 -1.93
N CYS K 116 -35.09 0.00 -3.14
CA CYS K 116 -35.43 -0.98 -4.18
C CYS K 116 -34.41 -1.01 -5.31
N MET K 117 -33.31 -0.28 -5.14
CA MET K 117 -32.32 -0.11 -6.19
C MET K 117 -31.77 -1.43 -6.73
N TYR K 118 -31.17 -2.25 -5.87
CA TYR K 118 -30.47 -3.44 -6.33
C TYR K 118 -31.33 -4.46 -7.09
N ASP K 119 -32.55 -4.71 -6.63
CA ASP K 119 -33.45 -5.64 -7.32
C ASP K 119 -33.63 -5.31 -8.80
N GLN K 120 -33.50 -4.03 -9.14
CA GLN K 120 -33.62 -3.58 -10.52
C GLN K 120 -32.26 -3.55 -11.21
N CYS K 121 -31.26 -3.01 -10.52
CA CYS K 121 -29.94 -2.83 -11.12
C CYS K 121 -29.21 -4.13 -11.42
N LYS K 122 -29.44 -5.16 -10.61
CA LYS K 122 -28.74 -6.43 -10.79
C LYS K 122 -28.93 -6.95 -12.22
N HIS K 123 -30.08 -6.67 -12.82
CA HIS K 123 -30.36 -7.10 -14.19
C HIS K 123 -29.61 -6.23 -15.21
N MET K 124 -29.39 -4.96 -14.87
CA MET K 124 -28.62 -4.07 -15.73
C MET K 124 -27.13 -4.42 -15.65
N LEU K 125 -26.66 -4.71 -14.45
CA LEU K 125 -25.26 -5.08 -14.22
C LEU K 125 -24.88 -6.36 -14.97
N TYR K 126 -25.85 -7.24 -15.17
CA TYR K 126 -25.60 -8.47 -15.93
C TYR K 126 -25.11 -8.13 -17.34
N VAL K 127 -25.61 -7.03 -17.89
CA VAL K 127 -25.24 -6.62 -19.25
C VAL K 127 -23.78 -6.15 -19.31
N SER K 128 -23.39 -5.28 -18.38
CA SER K 128 -22.01 -4.82 -18.32
C SER K 128 -21.07 -5.96 -17.96
N SER K 129 -21.58 -6.88 -17.14
CA SER K 129 -20.80 -8.05 -16.74
C SER K 129 -20.52 -8.94 -17.95
N GLU K 130 -21.53 -9.13 -18.79
CA GLU K 130 -21.40 -9.95 -19.99
C GLU K 130 -20.50 -9.29 -21.03
N LEU K 131 -20.68 -7.98 -21.21
CA LEU K 131 -19.83 -7.23 -22.13
C LEU K 131 -18.37 -7.36 -21.71
N HIS K 132 -18.14 -7.30 -20.40
CA HIS K 132 -16.80 -7.45 -19.85
C HIS K 132 -16.22 -8.84 -20.12
N ARG K 133 -16.98 -9.87 -19.78
CA ARG K 133 -16.52 -11.25 -19.93
C ARG K 133 -16.12 -11.57 -21.37
N LEU K 134 -16.92 -11.09 -22.33
CA LEU K 134 -16.66 -11.38 -23.74
C LEU K 134 -15.73 -10.36 -24.39
N GLN K 135 -15.43 -9.29 -23.65
CA GLN K 135 -14.59 -8.20 -24.15
C GLN K 135 -15.08 -7.71 -25.50
N VAL K 136 -16.35 -7.34 -25.57
CA VAL K 136 -16.98 -6.87 -26.79
C VAL K 136 -16.31 -5.60 -27.31
N SER K 137 -16.08 -5.54 -28.62
CA SER K 137 -15.50 -4.36 -29.24
C SER K 137 -16.60 -3.37 -29.59
N TYR K 138 -16.21 -2.15 -29.94
CA TYR K 138 -17.17 -1.11 -30.28
C TYR K 138 -18.00 -1.51 -31.48
N GLU K 139 -17.32 -1.89 -32.57
CA GLU K 139 -18.01 -2.28 -33.80
C GLU K 139 -18.97 -3.44 -33.60
N GLU K 140 -18.55 -4.45 -32.84
CA GLU K 140 -19.44 -5.56 -32.48
C GLU K 140 -20.68 -5.04 -31.78
N TYR K 141 -20.48 -4.08 -30.87
CA TYR K 141 -21.56 -3.49 -30.09
C TYR K 141 -22.59 -2.78 -30.96
N LEU K 142 -22.11 -1.98 -31.90
CA LEU K 142 -22.97 -1.21 -32.79
C LEU K 142 -23.89 -2.10 -33.62
N CYS K 143 -23.36 -3.24 -34.06
CA CYS K 143 -24.14 -4.19 -34.85
C CYS K 143 -25.14 -4.93 -33.96
N MET K 144 -24.71 -5.28 -32.75
CA MET K 144 -25.59 -5.93 -31.79
C MET K 144 -26.77 -5.02 -31.41
N LYS K 145 -26.52 -3.72 -31.32
CA LYS K 145 -27.57 -2.79 -30.89
C LYS K 145 -28.66 -2.69 -31.96
N VAL K 146 -28.25 -2.64 -33.23
CA VAL K 146 -29.20 -2.69 -34.33
C VAL K 146 -30.01 -3.98 -34.24
N LEU K 147 -29.33 -5.08 -33.99
CA LEU K 147 -30.00 -6.37 -33.88
C LEU K 147 -31.01 -6.39 -32.73
N LEU K 148 -30.75 -5.66 -31.65
CA LEU K 148 -31.70 -5.60 -30.55
C LEU K 148 -32.97 -4.86 -30.96
N LEU K 149 -32.80 -3.87 -31.83
CA LEU K 149 -33.94 -3.15 -32.41
C LEU K 149 -34.75 -4.08 -33.31
N LEU K 150 -34.11 -5.16 -33.77
CA LEU K 150 -34.75 -6.10 -34.68
C LEU K 150 -34.95 -7.48 -34.05
N SER K 151 -35.19 -7.52 -32.75
CA SER K 151 -35.22 -8.78 -32.01
C SER K 151 -36.59 -9.13 -31.45
N THR K 152 -37.52 -8.19 -31.48
CA THR K 152 -38.86 -8.45 -30.95
C THR K 152 -39.93 -7.91 -31.89
N ILE K 153 -40.77 -8.80 -32.39
CA ILE K 153 -41.82 -8.41 -33.33
C ILE K 153 -43.19 -8.88 -32.83
N PRO K 154 -44.29 -8.35 -33.41
CA PRO K 154 -45.62 -8.82 -33.05
C PRO K 154 -45.76 -10.30 -33.30
N LYS K 155 -46.64 -10.99 -32.57
CA LYS K 155 -46.85 -12.42 -32.76
C LYS K 155 -47.03 -12.80 -34.23
N ASP K 156 -47.79 -11.97 -34.96
CA ASP K 156 -48.11 -12.28 -36.35
C ASP K 156 -47.22 -11.58 -37.36
N GLY K 157 -46.06 -11.10 -36.92
CA GLY K 157 -45.09 -10.50 -37.82
C GLY K 157 -45.40 -9.07 -38.21
N LEU K 158 -44.58 -8.51 -39.10
CA LEU K 158 -44.71 -7.12 -39.51
C LEU K 158 -45.37 -6.98 -40.89
N LYS K 159 -45.50 -5.74 -41.36
CA LYS K 159 -46.10 -5.48 -42.66
C LYS K 159 -45.06 -5.56 -43.76
N SER K 160 -43.86 -5.10 -43.47
CA SER K 160 -42.72 -5.25 -44.37
C SER K 160 -41.86 -6.43 -43.89
N GLN K 161 -42.53 -7.54 -43.58
CA GLN K 161 -41.85 -8.68 -42.97
C GLN K 161 -40.68 -9.21 -43.80
N ALA K 162 -40.87 -9.34 -45.10
CA ALA K 162 -39.80 -9.82 -45.98
C ALA K 162 -38.65 -8.82 -45.98
N LEU K 163 -38.99 -7.53 -45.99
CA LEU K 163 -37.98 -6.48 -45.92
C LEU K 163 -37.29 -6.52 -44.56
N PHE K 164 -38.07 -6.76 -43.53
CA PHE K 164 -37.55 -6.90 -42.18
C PHE K 164 -36.48 -7.98 -42.11
N ASP K 165 -36.85 -9.20 -42.50
CA ASP K 165 -35.96 -10.35 -42.45
C ASP K 165 -34.68 -10.10 -43.23
N ALA K 166 -34.80 -9.41 -44.37
CA ALA K 166 -33.63 -9.11 -45.18
C ALA K 166 -32.69 -8.16 -44.45
N ILE K 167 -33.27 -7.15 -43.83
CA ILE K 167 -32.47 -6.18 -43.07
C ILE K 167 -31.83 -6.85 -41.88
N ARG K 168 -32.63 -7.61 -41.12
CA ARG K 168 -32.13 -8.34 -39.97
C ARG K 168 -30.94 -9.21 -40.36
N MET K 169 -31.14 -10.05 -41.38
CA MET K 169 -30.09 -10.92 -41.88
C MET K 169 -28.84 -10.11 -42.25
N THR K 170 -29.04 -8.95 -42.88
CA THR K 170 -27.95 -8.09 -43.28
C THR K 170 -27.09 -7.65 -42.10
N TYR K 171 -27.73 -7.35 -40.99
CA TYR K 171 -27.00 -6.88 -39.82
C TYR K 171 -26.40 -8.04 -39.03
N ILE K 172 -26.97 -9.23 -39.17
CA ILE K 172 -26.34 -10.43 -38.64
C ILE K 172 -25.04 -10.69 -39.39
N LYS K 173 -25.09 -10.52 -40.70
CA LYS K 173 -23.90 -10.65 -41.53
C LYS K 173 -22.91 -9.53 -41.20
N GLU K 174 -23.43 -8.34 -40.91
CA GLU K 174 -22.58 -7.22 -40.52
C GLU K 174 -21.86 -7.52 -39.20
N LEU K 175 -22.60 -8.04 -38.23
CA LEU K 175 -22.00 -8.46 -36.95
C LEU K 175 -20.89 -9.47 -37.22
N GLY K 176 -21.16 -10.38 -38.14
CA GLY K 176 -20.18 -11.37 -38.55
C GLY K 176 -18.91 -10.72 -39.07
N LYS K 177 -19.07 -9.66 -39.88
CA LYS K 177 -17.92 -8.94 -40.41
C LYS K 177 -17.13 -8.23 -39.31
N ALA K 178 -17.84 -7.69 -38.33
CA ALA K 178 -17.21 -7.04 -37.19
C ALA K 178 -16.34 -8.03 -36.42
N ILE K 179 -16.83 -9.25 -36.27
CA ILE K 179 -16.10 -10.30 -35.61
C ILE K 179 -14.82 -10.64 -36.38
N VAL K 180 -14.99 -10.94 -37.66
CA VAL K 180 -13.87 -11.23 -38.55
C VAL K 180 -12.85 -10.11 -38.52
N LYS K 181 -13.34 -8.89 -38.68
CA LYS K 181 -12.50 -7.69 -38.73
C LYS K 181 -11.61 -7.55 -37.51
N ARG K 182 -12.15 -7.89 -36.34
CA ARG K 182 -11.44 -7.76 -35.06
C ARG K 182 -10.02 -8.31 -35.12
N GLU K 183 -9.81 -9.49 -34.57
CA GLU K 183 -8.49 -10.10 -34.63
C GLU K 183 -8.45 -11.13 -35.75
N GLY K 184 -7.28 -11.70 -35.99
CA GLY K 184 -7.10 -12.56 -37.14
C GLY K 184 -7.31 -14.04 -36.89
N ASN K 185 -8.10 -14.40 -35.88
CA ASN K 185 -8.26 -15.82 -35.59
C ASN K 185 -9.58 -16.40 -36.14
N SER K 186 -9.48 -16.98 -37.32
CA SER K 186 -10.56 -17.80 -37.87
C SER K 186 -10.94 -18.84 -36.84
N SER K 187 -9.90 -19.35 -36.16
CA SER K 187 -10.02 -20.37 -35.10
C SER K 187 -11.34 -20.26 -34.33
N GLN K 188 -11.54 -19.12 -33.67
CA GLN K 188 -12.73 -18.93 -32.85
C GLN K 188 -13.68 -17.85 -33.37
N ASN K 189 -13.59 -17.51 -34.66
CA ASN K 189 -14.53 -16.56 -35.23
C ASN K 189 -15.97 -17.04 -35.04
N TRP K 190 -16.21 -18.30 -35.40
CA TRP K 190 -17.53 -18.90 -35.19
C TRP K 190 -17.83 -19.08 -33.71
N GLN K 191 -16.78 -19.30 -32.92
CA GLN K 191 -16.93 -19.44 -31.48
C GLN K 191 -17.46 -18.14 -30.88
N ARG K 192 -16.82 -17.03 -31.22
CA ARG K 192 -17.24 -15.73 -30.72
C ARG K 192 -18.66 -15.40 -31.15
N PHE K 193 -18.95 -15.60 -32.44
CA PHE K 193 -20.28 -15.37 -32.99
C PHE K 193 -21.33 -16.06 -32.13
N TYR K 194 -21.03 -17.28 -31.71
CA TYR K 194 -21.93 -18.01 -30.84
C TYR K 194 -22.16 -17.26 -29.54
N GLN K 195 -21.09 -16.72 -28.96
CA GLN K 195 -21.16 -16.02 -27.70
C GLN K 195 -21.95 -14.72 -27.82
N LEU K 196 -21.55 -13.87 -28.77
CA LEU K 196 -22.22 -12.59 -28.98
C LEU K 196 -23.72 -12.77 -29.23
N THR K 197 -24.05 -13.74 -30.08
CA THR K 197 -25.47 -13.99 -30.38
C THR K 197 -26.17 -14.64 -29.19
N LYS K 198 -25.41 -15.33 -28.36
CA LYS K 198 -25.97 -15.87 -27.12
C LYS K 198 -26.29 -14.72 -26.17
N LEU K 199 -25.42 -13.71 -26.13
CA LEU K 199 -25.65 -12.53 -25.31
C LEU K 199 -26.88 -11.77 -25.80
N LEU K 200 -27.06 -11.70 -27.12
CA LEU K 200 -28.25 -11.06 -27.69
C LEU K 200 -29.52 -11.74 -27.21
N ASP K 201 -29.55 -13.07 -27.30
CA ASP K 201 -30.68 -13.85 -26.83
C ASP K 201 -30.98 -13.56 -25.35
N SER K 202 -29.93 -13.53 -24.55
CA SER K 202 -30.11 -13.32 -23.11
C SER K 202 -30.56 -11.90 -22.80
N MET K 203 -30.50 -11.00 -23.77
CA MET K 203 -30.99 -9.65 -23.55
C MET K 203 -32.51 -9.67 -23.37
N HIS K 204 -33.17 -10.66 -23.95
CA HIS K 204 -34.59 -10.87 -23.74
C HIS K 204 -34.90 -11.05 -22.26
N GLU K 205 -34.08 -11.83 -21.56
CA GLU K 205 -34.27 -12.07 -20.13
C GLU K 205 -34.15 -10.76 -19.38
N VAL K 206 -33.09 -10.00 -19.67
CA VAL K 206 -32.80 -8.76 -18.99
C VAL K 206 -34.00 -7.83 -19.14
N VAL K 207 -34.50 -7.74 -20.36
CA VAL K 207 -35.62 -6.88 -20.68
C VAL K 207 -36.88 -7.28 -19.93
N GLU K 208 -37.20 -8.58 -19.96
CA GLU K 208 -38.36 -9.11 -19.22
C GLU K 208 -38.36 -8.62 -17.78
N ASN K 209 -37.23 -8.80 -17.10
CA ASN K 209 -37.10 -8.39 -15.72
C ASN K 209 -37.17 -6.87 -15.53
N LEU K 210 -36.50 -6.12 -16.41
CA LEU K 210 -36.51 -4.66 -16.32
C LEU K 210 -37.89 -4.09 -16.61
N LEU K 211 -38.59 -4.69 -17.58
CA LEU K 211 -39.94 -4.26 -17.91
C LEU K 211 -40.88 -4.53 -16.73
N ASN K 212 -40.69 -5.66 -16.08
CA ASN K 212 -41.51 -6.03 -14.93
C ASN K 212 -41.42 -4.95 -13.84
N TYR K 213 -40.24 -4.40 -13.61
CA TYR K 213 -40.08 -3.31 -12.66
C TYR K 213 -40.62 -2.00 -13.23
N CYS K 214 -40.32 -1.74 -14.50
CA CYS K 214 -40.84 -0.57 -15.19
C CYS K 214 -42.35 -0.50 -15.02
N PHE K 215 -43.02 -1.63 -15.25
CA PHE K 215 -44.47 -1.71 -15.19
C PHE K 215 -45.02 -1.49 -13.77
N GLN K 216 -44.34 -2.07 -12.78
CA GLN K 216 -44.78 -1.93 -11.39
C GLN K 216 -44.58 -0.51 -10.88
N THR K 217 -43.38 0.05 -11.10
CA THR K 217 -43.10 1.41 -10.65
C THR K 217 -43.98 2.42 -11.37
N PHE K 218 -44.48 2.03 -12.53
CA PHE K 218 -45.36 2.86 -13.33
C PHE K 218 -46.76 2.90 -12.73
N LEU K 219 -47.19 1.76 -12.18
CA LEU K 219 -48.53 1.66 -11.60
C LEU K 219 -48.51 1.85 -10.09
N ASP K 220 -47.32 1.96 -9.51
CA ASP K 220 -47.19 2.08 -8.06
C ASP K 220 -47.29 3.53 -7.61
N LYS K 221 -48.52 4.00 -7.41
CA LYS K 221 -48.76 5.39 -7.08
C LYS K 221 -48.45 5.74 -5.62
N THR K 222 -47.85 4.83 -4.86
CA THR K 222 -47.39 5.17 -3.51
C THR K 222 -45.97 5.72 -3.58
N MET K 223 -45.08 4.99 -4.25
CA MET K 223 -43.76 5.48 -4.58
C MET K 223 -43.94 6.70 -5.47
N SER K 224 -44.85 6.56 -6.43
CA SER K 224 -45.17 7.61 -7.38
C SER K 224 -43.94 8.14 -8.10
N ILE K 225 -43.10 7.23 -8.57
CA ILE K 225 -42.01 7.59 -9.45
C ILE K 225 -42.62 8.21 -10.70
N GLU K 226 -42.01 9.25 -11.24
CA GLU K 226 -42.61 9.95 -12.36
C GLU K 226 -42.00 9.61 -13.72
N PHE K 227 -42.87 9.54 -14.73
CA PHE K 227 -42.48 9.23 -16.10
C PHE K 227 -42.87 10.37 -17.03
N PRO K 228 -42.05 10.61 -18.07
CA PRO K 228 -42.35 11.63 -19.07
C PRO K 228 -43.42 11.15 -20.05
N GLU K 229 -44.13 12.07 -20.69
CA GLU K 229 -45.22 11.73 -21.62
C GLU K 229 -44.82 10.66 -22.63
N MET K 230 -43.62 10.78 -23.19
CA MET K 230 -43.11 9.82 -24.16
C MET K 230 -43.15 8.38 -23.64
N LEU K 231 -42.34 8.11 -22.62
CA LEU K 231 -42.30 6.77 -22.03
C LEU K 231 -43.67 6.33 -21.55
N ALA K 232 -44.37 7.26 -20.90
CA ALA K 232 -45.69 6.98 -20.35
C ALA K 232 -46.62 6.40 -21.42
N GLU K 233 -46.65 7.01 -22.59
CA GLU K 233 -47.50 6.52 -23.67
C GLU K 233 -47.03 5.18 -24.21
N ILE K 234 -45.73 5.05 -24.44
CA ILE K 234 -45.18 3.78 -24.89
C ILE K 234 -45.46 2.68 -23.88
N ILE K 235 -45.22 2.96 -22.60
CA ILE K 235 -45.45 1.99 -21.54
C ILE K 235 -46.91 1.57 -21.47
N THR K 236 -47.82 2.53 -21.50
CA THR K 236 -49.25 2.22 -21.43
C THR K 236 -49.69 1.40 -22.63
N ASN K 237 -49.24 1.79 -23.81
CA ASN K 237 -49.58 1.07 -25.04
C ASN K 237 -48.98 -0.33 -25.11
N GLN K 238 -47.84 -0.54 -24.46
CA GLN K 238 -47.12 -1.81 -24.57
C GLN K 238 -47.59 -2.89 -23.58
N ILE K 239 -47.89 -2.48 -22.35
CA ILE K 239 -48.40 -3.42 -21.33
C ILE K 239 -49.52 -4.35 -21.87
N PRO K 240 -50.56 -3.79 -22.55
CA PRO K 240 -51.63 -4.62 -23.10
C PRO K 240 -51.15 -5.73 -24.03
N LYS K 241 -50.05 -5.48 -24.75
CA LYS K 241 -49.52 -6.48 -25.67
C LYS K 241 -48.86 -7.62 -24.93
N TYR K 242 -48.36 -7.34 -23.73
CA TYR K 242 -47.74 -8.38 -22.91
C TYR K 242 -48.79 -9.28 -22.25
N SER K 243 -49.86 -8.68 -21.75
CA SER K 243 -50.95 -9.45 -21.16
C SER K 243 -51.72 -10.22 -22.21
N ASN K 244 -51.42 -9.91 -23.47
CA ASN K 244 -52.13 -10.50 -24.59
C ASN K 244 -51.32 -11.60 -25.26
N GLY K 245 -50.01 -11.55 -25.09
CA GLY K 245 -49.13 -12.53 -25.71
C GLY K 245 -48.73 -12.15 -27.13
N ASN K 246 -49.14 -10.96 -27.55
CA ASN K 246 -48.82 -10.46 -28.89
C ASN K 246 -47.35 -10.02 -28.98
N ILE K 247 -46.46 -10.99 -28.95
CA ILE K 247 -45.02 -10.73 -28.97
C ILE K 247 -44.24 -11.96 -29.41
N LYS K 248 -43.29 -11.77 -30.33
CA LYS K 248 -42.45 -12.85 -30.80
C LYS K 248 -40.98 -12.50 -30.56
N LYS K 249 -40.35 -13.20 -29.61
CA LYS K 249 -38.97 -12.93 -29.26
C LYS K 249 -37.99 -13.74 -30.11
N LEU K 250 -37.45 -13.10 -31.13
CA LEU K 250 -36.50 -13.74 -32.04
C LEU K 250 -35.25 -14.23 -31.31
N LEU K 251 -34.83 -15.45 -31.64
CA LEU K 251 -33.69 -16.06 -30.99
C LEU K 251 -32.69 -16.58 -32.02
N PHE K 252 -31.41 -16.49 -31.70
CA PHE K 252 -30.37 -17.11 -32.52
C PHE K 252 -30.25 -18.58 -32.17
N HIS K 253 -30.41 -18.88 -30.88
CA HIS K 253 -30.28 -20.24 -30.37
C HIS K 253 -31.49 -20.63 -29.53
N GLN K 254 -32.45 -21.30 -30.15
CA GLN K 254 -33.64 -21.72 -29.42
C GLN K 254 -33.37 -22.94 -28.52
N LYS K 255 -32.09 -23.18 -28.23
CA LYS K 255 -31.68 -24.26 -27.34
C LYS K 255 -32.41 -24.21 -26.01
N LYS L 1 -51.82 2.96 -27.62
CA LYS L 1 -52.20 2.97 -29.03
C LYS L 1 -51.49 4.07 -29.79
N GLU L 2 -51.36 5.22 -29.14
CA GLU L 2 -51.23 6.50 -29.80
C GLU L 2 -49.92 7.21 -29.70
N ASN L 3 -48.83 6.65 -30.18
CA ASN L 3 -47.67 7.51 -30.08
C ASN L 3 -47.59 8.47 -31.26
N ALA L 4 -48.56 9.38 -31.28
CA ALA L 4 -48.63 10.46 -32.27
C ALA L 4 -47.27 11.14 -32.40
N LEU L 5 -46.66 11.46 -31.27
CA LEU L 5 -45.35 12.11 -31.25
C LEU L 5 -44.27 11.22 -31.88
N LEU L 6 -44.30 9.93 -31.55
CA LEU L 6 -43.36 8.97 -32.14
C LEU L 6 -43.55 8.87 -33.63
N ARG L 7 -44.82 8.75 -34.02
CA ARG L 7 -45.20 8.69 -35.42
C ARG L 7 -44.74 9.95 -36.12
N TYR L 8 -44.97 11.09 -35.48
CA TYR L 8 -44.50 12.35 -36.00
C TYR L 8 -42.98 12.35 -36.12
N LEU L 9 -42.29 11.98 -35.04
CA LEU L 9 -40.83 11.94 -35.05
C LEU L 9 -40.28 10.96 -36.09
N LEU L 10 -41.03 9.90 -36.38
CA LEU L 10 -40.60 8.91 -37.36
C LEU L 10 -40.93 9.33 -38.78
N ASP L 11 -42.16 9.79 -38.99
CA ASP L 11 -42.71 9.99 -40.34
C ASP L 11 -42.11 11.16 -41.12
N LYS L 12 -41.84 12.28 -40.44
CA LYS L 12 -41.56 13.53 -41.14
C LYS L 12 -40.15 13.66 -41.73
N ASP L 13 -40.01 14.69 -42.56
CA ASP L 13 -38.76 14.97 -43.26
C ASP L 13 -37.81 15.80 -42.40
N ASP L 14 -37.34 15.23 -41.29
CA ASP L 14 -36.40 15.94 -40.43
C ASP L 14 -34.99 15.86 -40.96
C1 HCY M . 23.30 -39.90 13.20
C2 HCY M . 22.17 -40.44 14.09
C3 HCY M . 21.68 -39.38 15.06
C4 HCY M . 21.87 -37.96 14.78
C5 HCY M . 22.53 -37.53 13.69
C6 HCY M . 22.55 -36.04 13.46
C7 HCY M . 23.94 -35.57 13.11
C8 HCY M . 24.65 -36.47 12.11
C9 HCY M . 24.60 -37.96 12.46
C10 HCY M . 23.16 -38.48 12.69
C12 HCY M . 26.90 -38.28 11.40
C11 HCY M . 25.49 -38.86 11.55
C13 HCY M . 26.94 -36.79 11.05
C14 HCY M . 26.10 -36.04 12.07
C15 HCY M . 26.36 -34.59 11.75
C16 HCY M . 27.80 -34.55 11.25
C17 HCY M . 28.26 -35.98 11.20
C18 HCY M . 26.42 -36.59 9.63
C19 HCY M . 22.31 -38.41 11.41
C20 HCY M . 29.31 -36.16 10.09
C21 HCY M . 30.00 -37.47 10.00
O1 HCY M . 21.12 -39.71 16.10
O2 HCY M . 24.93 -39.15 10.26
O3 HCY M . 28.92 -36.25 12.45
O4 HCY M . 29.56 -35.27 9.30
O5 HCY M . 30.86 -37.48 8.87
C1 HCY N . -3.93 22.96 -13.67
C2 HCY N . -4.56 21.64 -13.24
C3 HCY N . -4.10 20.49 -14.10
C4 HCY N . -2.85 20.59 -14.88
C5 HCY N . -2.09 21.69 -14.87
C6 HCY N . -0.77 21.63 -15.61
C7 HCY N . -0.59 22.83 -16.50
C8 HCY N . -0.95 24.14 -15.79
C9 HCY N . -2.32 24.12 -15.11
C10 HCY N . -2.48 22.95 -14.10
C12 HCY N . -2.61 26.61 -15.65
C11 HCY N . -2.79 25.51 -14.60
C13 HCY N . -1.25 26.61 -16.35
C14 HCY N . -0.97 25.21 -16.87
C15 HCY N . 0.29 25.38 -17.67
C16 HCY N . 0.20 26.79 -18.25
C17 HCY N . -1.03 27.41 -17.66
C18 HCY N . -0.18 27.05 -15.35
C19 HCY N . -1.52 23.04 -12.91
C20 HCY N . -0.86 28.92 -17.53
C21 HCY N . -2.05 29.72 -17.12
O1 HCY N . -4.75 19.47 -14.18
O2 HCY N . -2.19 25.93 -13.36
O3 HCY N . -2.10 27.18 -18.60
O4 HCY N . 0.22 29.46 -17.73
O5 HCY N . -1.69 31.10 -16.97
C1 HCY O . 41.95 -21.10 -14.35
C2 HCY O . 42.40 -20.01 -15.32
C3 HCY O . 41.35 -19.76 -16.39
C4 HCY O . 39.95 -20.12 -16.16
C5 HCY O . 39.54 -20.71 -15.03
C6 HCY O . 38.06 -20.92 -14.86
C7 HCY O . 37.74 -22.33 -14.41
C8 HCY O . 38.66 -22.80 -13.29
C9 HCY O . 40.15 -22.57 -13.56
C10 HCY O . 40.50 -21.11 -13.91
C12 HCY O . 40.68 -24.71 -12.24
C11 HCY O . 41.10 -23.26 -12.53
C13 HCY O . 39.20 -24.92 -11.98
C14 HCY O . 38.41 -24.28 -13.11
C15 HCY O . 36.99 -24.70 -12.84
C16 HCY O . 37.11 -26.08 -12.19
C17 HCY O . 38.58 -26.34 -12.02
C18 HCY O . 38.84 -24.29 -10.64
C19 HCY O . 40.24 -20.12 -12.76
C20 HCY O . 38.82 -27.24 -10.82
C21 HCY O . 40.20 -27.74 -10.58
O1 HCY O . 41.66 -19.26 -17.46
O2 HCY O . 41.25 -22.54 -11.29
O3 HCY O . 39.01 -27.07 -13.19
O4 HCY O . 37.92 -27.54 -10.04
O5 HCY O . 40.26 -28.46 -9.36
C1 HCY P . -23.22 3.72 14.28
C2 HCY P . -21.97 4.42 13.74
C3 HCY P . -20.82 4.30 14.73
C4 HCY P . -20.79 3.22 15.73
C5 HCY P . -21.78 2.33 15.85
C6 HCY P . -21.59 1.21 16.82
C7 HCY P . -22.80 1.02 17.70
C8 HCY P . -24.11 1.05 16.92
C9 HCY P . -24.23 2.26 15.98
C10 HCY P . -23.05 2.38 14.99
C12 HCY P . -26.76 2.28 16.38
C11 HCY P . -25.64 2.42 15.34
C13 HCY P . -26.62 1.09 17.33
C14 HCY P . -25.22 1.12 17.93
C15 HCY P . -25.27 0.01 18.96
C16 HCY P . -26.70 0.00 19.47
C17 HCY P . -27.45 1.01 18.63
C18 HCY P . -26.88 -0.19 16.54
C19 HCY P . -22.94 1.22 14.00
C20 HCY P . -28.91 0.60 18.51
C21 HCY P . -29.86 1.57 17.88
O1 HCY P . -19.90 5.10 14.70
O2 HCY P . -25.91 1.56 14.23
O3 HCY P . -27.40 2.25 19.38
O4 HCY P . -29.31 -0.48 18.90
O5 HCY P . -31.15 0.99 17.77
C1 HCY Q . -12.40 34.82 18.44
C2 HCY Q . -12.86 33.76 19.45
C3 HCY Q . -11.72 32.89 19.88
C4 HCY Q . -10.33 33.34 19.78
C5 HCY Q . -10.01 34.54 19.25
C6 HCY Q . -8.58 34.96 19.32
C7 HCY Q . -8.10 35.48 17.99
C8 HCY Q . -9.09 36.45 17.34
C9 HCY Q . -10.53 35.91 17.30
C10 HCY Q . -11.06 35.49 18.69
C12 HCY Q . -10.89 37.15 15.08
C11 HCY Q . -11.51 36.78 16.44
C13 HCY Q . -9.45 37.67 15.13
C14 HCY Q . -8.61 36.68 15.93
C15 HCY Q . -7.21 37.19 15.76
C16 HCY Q . -7.19 37.83 14.38
C17 HCY Q . -8.59 37.76 13.85
C18 HCY Q . -9.45 39.05 15.81
C19 HCY Q . -11.19 36.65 19.67
C20 HCY Q . -8.87 38.92 12.92
C21 HCY Q . -10.16 38.93 12.16
O1 HCY Q . -11.93 31.77 20.32
O2 HCY Q . -11.98 37.98 17.08
O3 HCY Q . -8.68 36.54 13.09
O4 HCY Q . -8.07 39.83 12.78
O5 HCY Q . -10.28 40.14 11.41
C1 HCY R . -32.91 5.25 -18.28
C2 HCY R . -31.73 5.73 -19.12
C3 HCY R . -30.73 4.63 -19.35
C4 HCY R . -31.11 3.22 -19.23
C5 HCY R . -32.35 2.85 -18.88
C6 HCY R . -32.66 1.38 -18.90
C7 HCY R . -33.38 0.93 -17.64
C8 HCY R . -34.48 1.89 -17.22
C9 HCY R . -34.05 3.37 -17.19
C10 HCY R . -33.44 3.85 -18.53
C12 HCY R . -35.66 3.77 -15.22
C11 HCY R . -35.11 4.32 -16.56
C13 HCY R . -36.06 2.30 -15.25
C14 HCY R . -34.90 1.49 -15.82
C15 HCY R . -35.35 0.06 -15.65
C16 HCY R . -36.19 0.06 -14.37
C17 HCY R . -36.30 1.51 -13.94
C18 HCY R . -37.31 2.14 -16.13
C19 HCY R . -34.43 3.84 -19.70
C20 HCY R . -37.61 1.73 -13.23
C21 HCY R . -37.82 3.06 -12.55
O1 HCY R . -29.57 4.90 -19.64
O2 HCY R . -36.20 4.68 -17.42
O3 HCY R . -35.24 1.71 -13.00
O4 HCY R . -38.50 0.89 -13.20
O5 HCY R . -39.13 3.15 -12.00
#